data_6VJR
#
_entry.id   6VJR
#
_cell.length_a   87.530
_cell.length_b   72.954
_cell.length_c   180.517
_cell.angle_alpha   90.00
_cell.angle_beta   98.38
_cell.angle_gamma   90.00
#
_symmetry.space_group_name_H-M   'P 1 21 1'
#
loop_
_entity.id
_entity.type
_entity.pdbx_description
1 polymer 'Vinylacetyl-CoA Delta-isomerase'
2 non-polymer 'IRON/SULFUR CLUSTER'
3 non-polymer 'FLAVIN-ADENINE DINUCLEOTIDE'
4 non-polymer 'SULFATE ION'
5 non-polymer 'FE (III) ION'
6 non-polymer 'UNKNOWN LIGAND'
7 non-polymer 'SODIUM ION'
8 water water
#
_entity_poly.entity_id   1
_entity_poly.type   'polypeptide(L)'
_entity_poly.pdbx_seq_one_letter_code
;TIRSGDDYIESLRGRDLKVYLFGELVKEPVDHPMIRPSINAVAETYDLALREEALASADSSITGLKVNRFLHIAESAEDL
VLQNKMQRKLGQNTGTCFQRCVGMDAMNSLHSTTFEIDEKHGTDYHKRFLEFVKMVQQENLVIGGAMTDPKGDRSKGPSE
QDDPDLFTRIVDTDEKGVYVSGAKAHQTGCINSHWIILMPTIRLTESDKDWAIVGAIPADAKGVTYIYGRQSCDTRSMEE
GDIDDGNAKFGGQEALIILDRVFIPWDKVFMHGEYEFASMLVERFTCYHRRSYVCKTGLGDVLIGAAATIADYNGVPKVS
HIKDKIIEMTHLNETIFAAGIASSHQGQKMKSGVYLNDDMLAQVCKHNVTRFPYEISRLAQDIAGGLVVTLPSEKDFRHP
EAGPLLKKYLAGRKGVDVENRMRILRLIENMTLGRNAVGYLTESMHGAGSPQAQRIQIQRQMQVGYKKNLAKNLAGITND
VEEPKESSEYFKRVFKTKDSVL
;
_entity_poly.pdbx_strand_id   A,B,C,D
#
loop_
_chem_comp.id
_chem_comp.type
_chem_comp.name
_chem_comp.formula
FAD non-polymer 'FLAVIN-ADENINE DINUCLEOTIDE' 'C27 H33 N9 O15 P2'
FE non-polymer 'FE (III) ION' 'Fe 3'
NA non-polymer 'SODIUM ION' 'Na 1'
SF4 non-polymer 'IRON/SULFUR CLUSTER' 'Fe4 S4'
SO4 non-polymer 'SULFATE ION' 'O4 S -2'
UNL non-polymer 'UNKNOWN LIGAND' ?
#
# COMPACT_ATOMS: atom_id res chain seq x y z
N THR A 1 -25.46 -26.53 35.86
CA THR A 1 -24.77 -26.22 34.59
C THR A 1 -25.60 -25.27 33.76
N ILE A 2 -24.90 -24.32 33.16
CA ILE A 2 -25.50 -23.42 32.19
C ILE A 2 -25.61 -24.16 30.86
N ARG A 3 -26.81 -24.22 30.26
CA ARG A 3 -26.99 -24.87 28.95
C ARG A 3 -27.20 -23.81 27.86
N SER A 4 -28.20 -22.96 27.99
CA SER A 4 -28.60 -22.08 26.90
C SER A 4 -28.06 -20.68 27.15
N GLY A 5 -28.15 -19.83 26.12
CA GLY A 5 -27.92 -18.40 26.27
C GLY A 5 -28.84 -17.76 27.32
N ASP A 6 -30.10 -18.20 27.39
CA ASP A 6 -31.01 -17.70 28.40
C ASP A 6 -30.54 -18.08 29.80
N ASP A 7 -30.06 -19.31 29.98
CA ASP A 7 -29.54 -19.74 31.27
C ASP A 7 -28.35 -18.84 31.66
N TYR A 8 -27.50 -18.53 30.68
CA TYR A 8 -26.33 -17.70 30.91
C TYR A 8 -26.74 -16.30 31.37
N ILE A 9 -27.73 -15.71 30.68
CA ILE A 9 -28.19 -14.39 31.08
C ILE A 9 -28.71 -14.40 32.51
N GLU A 10 -29.46 -15.44 32.90
CA GLU A 10 -29.96 -15.55 34.25
C GLU A 10 -28.82 -15.67 35.26
N SER A 11 -27.73 -16.37 34.93
CA SER A 11 -26.59 -16.55 35.82
C SER A 11 -25.87 -15.21 36.13
N LEU A 12 -26.13 -14.16 35.33
CA LEU A 12 -25.49 -12.84 35.51
C LEU A 12 -26.30 -11.91 36.42
N ARG A 13 -27.52 -12.34 36.75
CA ARG A 13 -28.45 -11.51 37.53
C ARG A 13 -28.17 -11.66 39.03
N GLY A 14 -28.30 -10.53 39.73
CA GLY A 14 -28.29 -10.56 41.17
C GLY A 14 -26.90 -10.71 41.78
N ARG A 15 -25.82 -10.38 41.03
CA ARG A 15 -24.46 -10.64 41.52
C ARG A 15 -23.84 -9.49 42.31
N ASP A 16 -24.39 -8.30 42.17
CA ASP A 16 -23.86 -7.12 42.87
C ASP A 16 -22.34 -6.91 42.74
N LEU A 17 -21.78 -7.06 41.54
CA LEU A 17 -20.45 -6.55 41.20
C LEU A 17 -20.46 -5.04 41.40
N LYS A 18 -19.32 -4.47 41.81
CA LYS A 18 -19.16 -3.04 41.92
C LYS A 18 -18.72 -2.51 40.56
N VAL A 19 -19.64 -1.87 39.83
CA VAL A 19 -19.39 -1.40 38.46
C VAL A 19 -19.73 0.08 38.36
N TYR A 20 -18.74 0.87 37.97
CA TYR A 20 -18.97 2.29 37.73
C TYR A 20 -19.09 2.55 36.23
N LEU A 21 -20.19 3.24 35.84
CA LEU A 21 -20.38 3.69 34.47
C LEU A 21 -21.04 5.05 34.51
N PHE A 22 -20.37 6.06 33.93
CA PHE A 22 -20.88 7.43 33.91
C PHE A 22 -21.14 7.94 35.33
N GLY A 23 -20.24 7.57 36.25
CA GLY A 23 -20.26 8.10 37.60
C GLY A 23 -21.37 7.52 38.48
N GLU A 24 -21.96 6.39 38.06
CA GLU A 24 -23.01 5.75 38.83
C GLU A 24 -22.67 4.29 38.99
N LEU A 25 -23.06 3.71 40.12
CA LEU A 25 -23.03 2.27 40.28
C LEU A 25 -24.11 1.62 39.45
N VAL A 26 -23.73 0.61 38.68
CA VAL A 26 -24.68 -0.13 37.88
C VAL A 26 -25.19 -1.27 38.77
N LYS A 27 -26.48 -1.25 39.09
CA LYS A 27 -27.03 -2.24 40.00
C LYS A 27 -27.23 -3.59 39.32
N GLU A 28 -27.72 -3.56 38.08
CA GLU A 28 -27.97 -4.79 37.37
C GLU A 28 -27.49 -4.62 35.92
N PRO A 29 -26.24 -5.04 35.62
CA PRO A 29 -25.72 -4.88 34.26
C PRO A 29 -26.62 -5.50 33.18
N VAL A 30 -27.30 -6.61 33.50
CA VAL A 30 -28.10 -7.33 32.52
C VAL A 30 -29.21 -6.43 31.99
N ASP A 31 -29.65 -5.50 32.83
CA ASP A 31 -30.75 -4.62 32.47
C ASP A 31 -30.29 -3.24 31.98
N HIS A 32 -28.98 -3.03 31.87
CA HIS A 32 -28.50 -1.72 31.44
C HIS A 32 -28.39 -1.75 29.93
N PRO A 33 -29.07 -0.85 29.18
CA PRO A 33 -29.06 -0.92 27.73
C PRO A 33 -27.69 -0.76 27.05
N MET A 34 -26.72 -0.17 27.73
CA MET A 34 -25.40 -0.05 27.14
C MET A 34 -24.62 -1.35 27.25
N ILE A 35 -24.97 -2.18 28.22
CA ILE A 35 -24.24 -3.39 28.55
C ILE A 35 -24.92 -4.61 27.95
N ARG A 36 -26.24 -4.59 27.83
CA ARG A 36 -26.96 -5.77 27.42
C ARG A 36 -26.48 -6.28 26.05
N PRO A 37 -26.15 -5.45 25.04
CA PRO A 37 -25.72 -6.02 23.76
C PRO A 37 -24.50 -6.92 23.89
N SER A 38 -23.54 -6.56 24.78
CA SER A 38 -22.39 -7.43 24.98
C SER A 38 -22.76 -8.77 25.61
N ILE A 39 -23.72 -8.74 26.52
CA ILE A 39 -24.27 -9.96 27.11
C ILE A 39 -24.88 -10.86 26.04
N ASN A 40 -25.67 -10.26 25.17
CA ASN A 40 -26.30 -10.98 24.09
C ASN A 40 -25.27 -11.70 23.22
N ALA A 41 -24.16 -11.04 22.95
CA ALA A 41 -23.09 -11.64 22.17
C ALA A 41 -22.57 -12.87 22.88
N VAL A 42 -22.26 -12.77 24.18
CA VAL A 42 -21.81 -13.96 24.87
C VAL A 42 -22.89 -15.04 24.89
N ALA A 43 -24.17 -14.65 25.05
CA ALA A 43 -25.23 -15.66 25.08
C ALA A 43 -25.22 -16.47 23.78
N GLU A 44 -24.92 -15.84 22.65
CA GLU A 44 -24.87 -16.51 21.36
C GLU A 44 -23.80 -17.60 21.30
N THR A 45 -22.75 -17.51 22.12
CA THR A 45 -21.74 -18.56 22.16
C THR A 45 -22.33 -19.83 22.78
N TYR A 46 -23.30 -19.70 23.69
CA TYR A 46 -24.01 -20.85 24.22
C TYR A 46 -25.00 -21.36 23.20
N ASP A 47 -25.77 -20.47 22.60
CA ASP A 47 -26.80 -20.86 21.64
C ASP A 47 -26.19 -21.60 20.44
N LEU A 48 -25.05 -21.13 19.93
CA LEU A 48 -24.42 -21.79 18.82
C LEU A 48 -24.04 -23.24 19.16
N ALA A 49 -23.57 -23.47 20.39
CA ALA A 49 -23.23 -24.83 20.80
C ALA A 49 -24.46 -25.75 20.81
N LEU A 50 -25.67 -25.22 21.03
CA LEU A 50 -26.90 -26.00 20.95
C LEU A 50 -27.30 -26.24 19.51
N ARG A 51 -27.18 -25.22 18.65
CA ARG A 51 -27.60 -25.35 17.26
C ARG A 51 -26.63 -26.15 16.40
N GLU A 52 -25.32 -25.99 16.66
CA GLU A 52 -24.26 -26.53 15.81
C GLU A 52 -23.25 -27.21 16.73
N GLU A 53 -23.66 -28.36 17.29
CA GLU A 53 -22.86 -29.03 18.32
C GLU A 53 -21.46 -29.40 17.85
N ALA A 54 -21.31 -29.91 16.62
CA ALA A 54 -19.98 -30.32 16.19
C ALA A 54 -19.04 -29.13 16.04
N LEU A 55 -19.57 -27.96 15.63
CA LEU A 55 -18.72 -26.79 15.48
C LEU A 55 -18.29 -26.20 16.83
N ALA A 56 -19.26 -26.07 17.77
CA ALA A 56 -19.09 -25.23 18.94
C ALA A 56 -18.99 -25.96 20.28
N SER A 57 -18.91 -27.29 20.22
CA SER A 57 -18.67 -28.06 21.42
C SER A 57 -17.66 -29.14 21.08
N ALA A 58 -17.03 -29.70 22.12
CA ALA A 58 -15.97 -30.66 21.94
C ALA A 58 -16.08 -31.76 23.00
N ASP A 59 -15.46 -32.91 22.73
CA ASP A 59 -15.35 -33.94 23.74
C ASP A 59 -14.04 -33.78 24.51
N SER A 60 -14.13 -33.46 25.78
CA SER A 60 -12.99 -33.22 26.64
C SER A 60 -12.44 -34.52 27.21
N SER A 61 -11.15 -34.81 26.94
CA SER A 61 -10.47 -35.91 27.59
C SER A 61 -10.18 -35.60 29.05
N ILE A 62 -10.22 -34.31 29.43
CA ILE A 62 -9.98 -33.95 30.83
C ILE A 62 -11.10 -34.44 31.76
N THR A 63 -12.36 -34.15 31.40
CA THR A 63 -13.55 -34.41 32.19
C THR A 63 -14.36 -35.58 31.63
N GLY A 64 -14.13 -35.96 30.36
CA GLY A 64 -14.98 -36.96 29.73
C GLY A 64 -16.36 -36.40 29.38
N LEU A 65 -16.49 -35.06 29.37
CA LEU A 65 -17.76 -34.40 29.10
C LEU A 65 -17.72 -33.77 27.72
N LYS A 66 -18.92 -33.59 27.12
CA LYS A 66 -19.09 -32.66 26.05
C LYS A 66 -19.07 -31.24 26.63
N VAL A 67 -18.15 -30.40 26.15
CA VAL A 67 -17.96 -29.07 26.70
C VAL A 67 -18.06 -28.01 25.60
N ASN A 68 -18.41 -26.80 25.99
CA ASN A 68 -18.33 -25.69 25.06
C ASN A 68 -16.88 -25.59 24.56
N ARG A 69 -16.72 -25.38 23.24
CA ARG A 69 -15.38 -25.32 22.66
C ARG A 69 -14.52 -24.19 23.24
N PHE A 70 -15.14 -23.13 23.78
CA PHE A 70 -14.37 -22.10 24.47
C PHE A 70 -13.70 -22.58 25.75
N LEU A 71 -14.12 -23.74 26.29
CA LEU A 71 -13.54 -24.26 27.52
C LEU A 71 -12.63 -25.47 27.26
N HIS A 72 -12.45 -25.80 25.98
CA HIS A 72 -11.73 -26.99 25.59
C HIS A 72 -10.24 -26.74 25.42
N ILE A 73 -9.44 -27.65 26.00
CA ILE A 73 -8.00 -27.64 25.88
C ILE A 73 -7.68 -28.49 24.64
N ALA A 74 -7.14 -27.81 23.63
CA ALA A 74 -7.02 -28.39 22.28
C ALA A 74 -6.11 -29.61 22.30
N GLU A 75 -6.62 -30.71 21.71
CA GLU A 75 -5.99 -32.01 21.79
C GLU A 75 -5.34 -32.41 20.47
N SER A 76 -5.41 -31.52 19.47
CA SER A 76 -5.00 -31.84 18.10
C SER A 76 -4.92 -30.55 17.32
N ALA A 77 -4.30 -30.58 16.12
CA ALA A 77 -4.32 -29.43 15.22
C ALA A 77 -5.75 -29.19 14.74
N GLU A 78 -6.52 -30.28 14.56
CA GLU A 78 -7.91 -30.16 14.14
C GLU A 78 -8.70 -29.33 15.16
N ASP A 79 -8.43 -29.52 16.46
CA ASP A 79 -9.07 -28.74 17.52
C ASP A 79 -8.77 -27.25 17.38
N LEU A 80 -7.53 -26.88 17.03
CA LEU A 80 -7.16 -25.49 16.79
C LEU A 80 -7.92 -24.91 15.61
N VAL A 81 -7.96 -25.67 14.54
CA VAL A 81 -8.71 -25.28 13.35
C VAL A 81 -10.19 -25.06 13.66
N LEU A 82 -10.79 -25.94 14.45
CA LEU A 82 -12.18 -25.79 14.83
C LEU A 82 -12.46 -24.54 15.67
N GLN A 83 -11.47 -24.13 16.48
CA GLN A 83 -11.60 -22.85 17.20
C GLN A 83 -11.80 -21.73 16.16
N ASN A 84 -10.97 -21.74 15.10
CA ASN A 84 -11.04 -20.70 14.05
C ASN A 84 -12.35 -20.76 13.27
N LYS A 85 -12.83 -21.95 12.95
CA LYS A 85 -14.11 -22.10 12.24
C LYS A 85 -15.26 -21.51 13.08
N MET A 86 -15.27 -21.84 14.38
CA MET A 86 -16.23 -21.31 15.33
C MET A 86 -16.15 -19.78 15.41
N GLN A 87 -14.94 -19.26 15.57
CA GLN A 87 -14.70 -17.82 15.63
C GLN A 87 -15.30 -17.07 14.43
N ARG A 88 -15.02 -17.57 13.22
CA ARG A 88 -15.53 -16.88 12.03
C ARG A 88 -17.05 -16.95 12.01
N LYS A 89 -17.60 -18.12 12.36
CA LYS A 89 -19.05 -18.24 12.42
C LYS A 89 -19.69 -17.26 13.41
N LEU A 90 -19.15 -17.13 14.62
CA LEU A 90 -19.69 -16.22 15.63
C LEU A 90 -19.53 -14.77 15.17
N GLY A 91 -18.42 -14.46 14.51
CA GLY A 91 -18.26 -13.14 13.92
C GLY A 91 -19.39 -12.81 12.91
N GLN A 92 -19.69 -13.76 12.03
CA GLN A 92 -20.80 -13.63 11.10
C GLN A 92 -22.14 -13.41 11.82
N ASN A 93 -22.39 -14.17 12.91
CA ASN A 93 -23.64 -14.16 13.60
C ASN A 93 -23.88 -12.94 14.47
N THR A 94 -22.80 -12.29 14.93
CA THR A 94 -22.93 -11.23 15.90
C THR A 94 -22.40 -9.90 15.37
N GLY A 95 -21.43 -9.95 14.46
CA GLY A 95 -20.81 -8.74 13.97
C GLY A 95 -20.05 -7.97 15.04
N THR A 96 -19.65 -8.64 16.11
CA THR A 96 -19.00 -7.91 17.19
C THR A 96 -18.00 -8.81 17.86
N CYS A 97 -17.40 -8.26 18.95
CA CYS A 97 -16.59 -9.07 19.81
C CYS A 97 -17.46 -9.88 20.79
N PHE A 98 -17.40 -11.21 20.71
CA PHE A 98 -18.24 -12.09 21.52
C PHE A 98 -17.44 -12.57 22.75
N GLN A 99 -16.22 -12.06 22.92
CA GLN A 99 -15.54 -11.96 24.21
C GLN A 99 -14.86 -13.23 24.73
N ARG A 100 -15.34 -14.42 24.41
CA ARG A 100 -14.95 -15.61 25.18
C ARG A 100 -13.62 -16.25 24.69
N CYS A 101 -13.06 -15.73 23.58
CA CYS A 101 -11.82 -16.24 22.98
C CYS A 101 -10.67 -16.01 23.97
N VAL A 102 -10.65 -14.86 24.69
CA VAL A 102 -9.50 -14.53 25.53
C VAL A 102 -9.26 -15.62 26.59
N GLY A 103 -10.35 -16.03 27.24
CA GLY A 103 -10.27 -17.06 28.28
C GLY A 103 -9.85 -18.41 27.72
N MET A 104 -10.34 -18.74 26.52
CA MET A 104 -9.96 -19.98 25.85
C MET A 104 -8.46 -20.02 25.57
N ASP A 105 -7.90 -18.90 25.07
CA ASP A 105 -6.48 -18.81 24.77
C ASP A 105 -5.65 -18.80 26.06
N ALA A 106 -6.14 -18.11 27.08
CA ALA A 106 -5.49 -18.11 28.39
C ALA A 106 -5.40 -19.54 28.94
N MET A 107 -6.49 -20.30 28.87
CA MET A 107 -6.52 -21.64 29.46
C MET A 107 -5.56 -22.57 28.70
N ASN A 108 -5.59 -22.47 27.37
CA ASN A 108 -4.74 -23.29 26.55
C ASN A 108 -3.26 -23.01 26.86
N SER A 109 -2.90 -21.73 26.97
N SER A 109 -2.90 -21.73 26.95
CA SER A 109 -1.53 -21.35 27.27
CA SER A 109 -1.55 -21.32 27.28
C SER A 109 -1.10 -21.76 28.68
C SER A 109 -1.12 -21.79 28.68
N LEU A 110 -2.01 -21.63 29.64
CA LEU A 110 -1.72 -22.06 31.02
C LEU A 110 -1.53 -23.56 31.12
N HIS A 111 -2.22 -24.33 30.29
CA HIS A 111 -2.12 -25.77 30.41
C HIS A 111 -0.68 -26.22 30.20
N SER A 112 -0.03 -25.71 29.14
CA SER A 112 1.35 -26.08 28.87
C SER A 112 2.33 -25.39 29.82
N THR A 113 2.09 -24.12 30.15
CA THR A 113 3.04 -23.36 30.95
C THR A 113 3.11 -23.92 32.37
N THR A 114 1.97 -24.19 33.00
CA THR A 114 1.95 -24.72 34.38
C THR A 114 2.72 -26.04 34.45
N PHE A 115 2.55 -26.89 33.44
CA PHE A 115 3.24 -28.17 33.37
C PHE A 115 4.75 -27.96 33.44
N GLU A 116 5.24 -26.95 32.71
CA GLU A 116 6.66 -26.69 32.61
C GLU A 116 7.20 -26.04 33.87
N ILE A 117 6.43 -25.16 34.54
CA ILE A 117 6.86 -24.65 35.82
C ILE A 117 7.10 -25.80 36.79
N ASP A 118 6.12 -26.73 36.87
CA ASP A 118 6.17 -27.85 37.80
C ASP A 118 7.35 -28.77 37.52
N GLU A 119 7.61 -29.00 36.23
CA GLU A 119 8.74 -29.82 35.78
C GLU A 119 10.04 -29.28 36.38
N LYS A 120 10.21 -27.95 36.42
CA LYS A 120 11.43 -27.38 36.95
C LYS A 120 11.40 -27.28 38.48
N HIS A 121 10.26 -26.85 39.05
CA HIS A 121 10.20 -26.39 40.42
C HIS A 121 9.65 -27.45 41.39
N GLY A 122 9.00 -28.49 40.86
CA GLY A 122 8.43 -29.49 41.75
C GLY A 122 7.15 -28.99 42.42
N THR A 123 6.50 -27.98 41.83
CA THR A 123 5.25 -27.39 42.29
C THR A 123 4.07 -28.18 41.72
N ASP A 124 2.83 -27.78 42.06
CA ASP A 124 1.65 -28.49 41.58
C ASP A 124 0.65 -27.52 40.97
N TYR A 125 1.16 -26.51 40.29
CA TYR A 125 0.34 -25.58 39.54
C TYR A 125 -0.51 -26.28 38.47
N HIS A 126 0.07 -27.26 37.78
CA HIS A 126 -0.64 -27.95 36.73
C HIS A 126 -1.83 -28.72 37.32
N LYS A 127 -1.62 -29.43 38.45
CA LYS A 127 -2.70 -30.16 39.14
C LYS A 127 -3.81 -29.21 39.57
N ARG A 128 -3.41 -28.07 40.16
CA ARG A 128 -4.37 -27.03 40.52
C ARG A 128 -5.13 -26.57 39.28
N PHE A 129 -4.38 -26.27 38.20
CA PHE A 129 -5.02 -25.80 37.00
C PHE A 129 -6.00 -26.81 36.41
N LEU A 130 -5.66 -28.08 36.36
CA LEU A 130 -6.58 -29.08 35.83
C LEU A 130 -7.87 -29.17 36.66
N GLU A 131 -7.76 -29.04 38.00
CA GLU A 131 -8.96 -29.05 38.82
C GLU A 131 -9.83 -27.84 38.47
N PHE A 132 -9.19 -26.71 38.15
CA PHE A 132 -9.94 -25.54 37.75
C PHE A 132 -10.66 -25.79 36.42
N VAL A 133 -9.95 -26.38 35.46
CA VAL A 133 -10.54 -26.69 34.17
C VAL A 133 -11.74 -27.62 34.35
N LYS A 134 -11.58 -28.65 35.19
CA LYS A 134 -12.68 -29.56 35.43
C LYS A 134 -13.92 -28.80 35.93
N MET A 135 -13.72 -27.93 36.93
N MET A 135 -13.70 -27.89 36.89
CA MET A 135 -14.82 -27.12 37.47
CA MET A 135 -14.80 -27.14 37.48
C MET A 135 -15.50 -26.34 36.34
C MET A 135 -15.50 -26.25 36.43
N VAL A 136 -14.74 -25.51 35.60
CA VAL A 136 -15.37 -24.61 34.67
C VAL A 136 -16.03 -25.36 33.50
N GLN A 137 -15.45 -26.49 33.11
CA GLN A 137 -16.06 -27.36 32.12
C GLN A 137 -17.39 -27.95 32.57
N GLN A 138 -17.43 -28.46 33.80
CA GLN A 138 -18.65 -29.03 34.36
C GLN A 138 -19.77 -27.99 34.43
N GLU A 139 -19.43 -26.77 34.84
CA GLU A 139 -20.41 -25.73 35.10
C GLU A 139 -20.71 -24.90 33.84
N ASN A 140 -19.87 -24.98 32.81
CA ASN A 140 -20.05 -24.31 31.52
C ASN A 140 -20.00 -22.79 31.66
N LEU A 141 -18.88 -22.28 32.21
CA LEU A 141 -18.72 -20.88 32.61
C LEU A 141 -17.97 -20.06 31.57
N VAL A 142 -18.06 -18.75 31.73
CA VAL A 142 -17.35 -17.76 30.92
C VAL A 142 -16.13 -17.29 31.72
N ILE A 143 -14.96 -17.36 31.05
CA ILE A 143 -13.67 -17.08 31.68
C ILE A 143 -13.05 -15.88 30.98
N GLY A 144 -12.73 -14.85 31.74
CA GLY A 144 -11.94 -13.72 31.28
C GLY A 144 -10.43 -14.01 31.34
N GLY A 145 -9.66 -13.33 30.47
CA GLY A 145 -8.23 -13.46 30.44
C GLY A 145 -7.64 -12.11 30.69
N ALA A 146 -7.14 -11.92 31.91
CA ALA A 146 -6.76 -10.60 32.35
C ALA A 146 -5.24 -10.48 32.46
N MET A 147 -4.63 -10.06 31.35
CA MET A 147 -3.18 -9.97 31.28
C MET A 147 -2.71 -8.52 31.40
N THR A 148 -3.23 -7.65 30.57
CA THR A 148 -2.67 -6.32 30.41
C THR A 148 -2.95 -5.41 31.60
N ASP A 149 -1.86 -4.98 32.26
CA ASP A 149 -1.90 -4.01 33.33
C ASP A 149 -1.89 -2.61 32.70
N PRO A 150 -2.18 -1.56 33.49
CA PRO A 150 -2.10 -0.19 32.97
C PRO A 150 -0.71 0.22 32.48
N LYS A 151 0.33 -0.21 33.21
CA LYS A 151 1.73 -0.17 32.83
C LYS A 151 2.48 1.14 33.10
N GLY A 152 1.83 2.27 33.38
CA GLY A 152 2.56 3.48 33.73
C GLY A 152 3.51 3.96 32.63
N ASP A 153 4.79 4.12 33.01
CA ASP A 153 5.81 4.54 32.08
C ASP A 153 6.25 3.33 31.24
N ARG A 154 5.90 3.37 29.95
CA ARG A 154 6.12 2.25 29.04
C ARG A 154 7.60 1.84 28.89
N SER A 155 8.51 2.75 29.18
CA SER A 155 9.95 2.52 29.08
C SER A 155 10.52 1.79 30.30
N LYS A 156 9.69 1.46 31.30
CA LYS A 156 10.17 0.90 32.56
C LYS A 156 9.40 -0.36 32.89
N GLY A 157 10.11 -1.32 33.48
CA GLY A 157 9.49 -2.55 33.93
C GLY A 157 8.78 -2.37 35.27
N PRO A 158 8.15 -3.45 35.80
CA PRO A 158 7.38 -3.33 37.03
C PRO A 158 8.13 -2.78 38.21
N SER A 159 9.32 -3.32 38.48
CA SER A 159 10.05 -2.91 39.66
C SER A 159 10.64 -1.51 39.54
N GLU A 160 10.57 -0.89 38.34
CA GLU A 160 11.12 0.45 38.09
C GLU A 160 10.02 1.54 38.06
N GLN A 161 8.74 1.16 38.11
CA GLN A 161 7.67 2.15 38.16
C GLN A 161 7.71 2.88 39.50
N ASP A 162 7.32 4.15 39.45
CA ASP A 162 7.21 5.01 40.62
C ASP A 162 6.14 4.47 41.58
N ASP A 163 5.05 3.94 41.02
CA ASP A 163 3.98 3.31 41.79
C ASP A 163 4.01 1.82 41.49
N PRO A 164 4.37 0.97 42.46
CA PRO A 164 4.50 -0.44 42.18
C PRO A 164 3.21 -1.14 41.75
N ASP A 165 2.03 -0.54 42.03
CA ASP A 165 0.74 -1.13 41.70
C ASP A 165 0.41 -1.01 40.21
N LEU A 166 1.24 -0.33 39.39
CA LEU A 166 0.91 -0.12 37.99
C LEU A 166 1.02 -1.39 37.15
N PHE A 167 1.65 -2.41 37.73
CA PHE A 167 1.51 -3.80 37.33
C PHE A 167 1.03 -4.56 38.55
N THR A 168 0.18 -5.56 38.31
CA THR A 168 -0.44 -6.35 39.38
C THR A 168 0.59 -7.21 40.12
N ARG A 169 0.53 -7.16 41.45
CA ARG A 169 1.52 -7.83 42.29
C ARG A 169 0.92 -8.46 43.55
N ILE A 170 1.67 -9.41 44.09
CA ILE A 170 1.39 -9.95 45.41
C ILE A 170 1.81 -8.92 46.45
N VAL A 171 0.90 -8.57 47.36
CA VAL A 171 1.21 -7.64 48.44
C VAL A 171 1.27 -8.33 49.80
N ASP A 172 0.68 -9.53 49.96
CA ASP A 172 0.80 -10.25 51.20
C ASP A 172 0.46 -11.72 50.94
N THR A 173 0.71 -12.57 51.94
N THR A 173 0.84 -12.58 51.89
CA THR A 173 0.48 -14.00 51.78
CA THR A 173 0.47 -13.98 51.83
C THR A 173 0.36 -14.65 53.15
C THR A 173 0.11 -14.41 53.24
N ASP A 174 -0.66 -15.50 53.32
CA ASP A 174 -0.90 -16.20 54.57
C ASP A 174 -0.98 -17.70 54.29
N GLU A 175 -1.40 -18.46 55.30
CA GLU A 175 -1.47 -19.90 55.17
C GLU A 175 -2.50 -20.35 54.14
N LYS A 176 -3.48 -19.50 53.77
CA LYS A 176 -4.59 -19.92 52.94
C LYS A 176 -4.43 -19.42 51.48
N GLY A 177 -3.57 -18.44 51.24
CA GLY A 177 -3.41 -17.91 49.88
C GLY A 177 -2.67 -16.59 49.84
N VAL A 178 -2.79 -15.90 48.70
CA VAL A 178 -2.12 -14.64 48.45
C VAL A 178 -3.15 -13.50 48.37
N TYR A 179 -2.63 -12.27 48.50
CA TYR A 179 -3.44 -11.07 48.35
C TYR A 179 -2.76 -10.23 47.27
N VAL A 180 -3.55 -9.80 46.27
N VAL A 180 -3.58 -9.71 46.35
CA VAL A 180 -2.98 -9.07 45.15
CA VAL A 180 -3.08 -9.09 45.13
C VAL A 180 -3.59 -7.69 45.07
C VAL A 180 -3.64 -7.68 45.01
N SER A 181 -2.80 -6.74 44.59
CA SER A 181 -3.23 -5.39 44.28
C SER A 181 -2.67 -4.98 42.92
N GLY A 182 -3.41 -4.10 42.26
CA GLY A 182 -3.02 -3.59 40.96
C GLY A 182 -4.29 -3.39 40.15
N ALA A 183 -4.16 -3.49 38.83
CA ALA A 183 -5.30 -3.32 37.95
C ALA A 183 -5.02 -4.04 36.65
N LYS A 184 -6.08 -4.32 35.92
CA LYS A 184 -5.99 -4.90 34.58
C LYS A 184 -6.89 -4.05 33.67
N ALA A 185 -6.30 -3.49 32.59
CA ALA A 185 -7.00 -2.56 31.72
C ALA A 185 -7.54 -3.25 30.48
N HIS A 186 -8.54 -2.62 29.85
CA HIS A 186 -9.08 -3.02 28.55
C HIS A 186 -9.71 -4.42 28.57
N GLN A 187 -10.29 -4.81 29.68
CA GLN A 187 -10.65 -6.20 29.87
C GLN A 187 -11.97 -6.60 29.23
N THR A 188 -11.86 -7.43 28.20
CA THR A 188 -12.97 -7.83 27.37
C THR A 188 -13.92 -8.73 28.16
N GLY A 189 -15.19 -8.30 28.23
CA GLY A 189 -16.25 -9.14 28.76
C GLY A 189 -16.11 -9.47 30.24
N CYS A 190 -15.26 -8.76 30.98
CA CYS A 190 -14.99 -9.15 32.36
C CYS A 190 -16.24 -9.14 33.26
N ILE A 191 -17.08 -8.14 33.09
CA ILE A 191 -18.31 -8.00 33.85
C ILE A 191 -19.31 -9.11 33.47
N ASN A 192 -19.17 -9.65 32.25
CA ASN A 192 -20.00 -10.71 31.71
C ASN A 192 -19.44 -12.08 32.01
N SER A 193 -18.35 -12.17 32.76
N SER A 193 -18.35 -12.17 32.78
CA SER A 193 -17.70 -13.43 33.05
CA SER A 193 -17.64 -13.40 33.05
C SER A 193 -18.19 -14.00 34.38
C SER A 193 -18.00 -13.93 34.44
N HIS A 194 -17.77 -15.23 34.65
CA HIS A 194 -17.91 -15.90 35.94
C HIS A 194 -16.59 -15.91 36.73
N TRP A 195 -15.49 -16.18 36.04
CA TRP A 195 -14.15 -16.19 36.58
C TRP A 195 -13.25 -15.36 35.69
N ILE A 196 -12.20 -14.79 36.28
CA ILE A 196 -11.19 -14.01 35.58
C ILE A 196 -9.82 -14.55 36.01
N ILE A 197 -8.97 -14.87 35.01
CA ILE A 197 -7.62 -15.33 35.28
C ILE A 197 -6.64 -14.17 35.10
N LEU A 198 -5.99 -13.79 36.20
CA LEU A 198 -4.98 -12.75 36.19
C LEU A 198 -3.66 -13.38 35.72
N MET A 199 -2.92 -12.66 34.87
CA MET A 199 -1.66 -13.18 34.33
C MET A 199 -0.70 -12.03 34.10
N PRO A 200 0.61 -12.22 34.31
CA PRO A 200 1.60 -11.17 34.02
C PRO A 200 1.64 -10.86 32.54
N THR A 201 1.98 -9.62 32.22
CA THR A 201 1.90 -9.15 30.84
C THR A 201 3.24 -8.96 30.11
N ILE A 202 4.37 -9.18 30.79
CA ILE A 202 5.68 -8.81 30.29
C ILE A 202 6.67 -9.83 30.84
N ARG A 203 7.80 -10.00 30.14
CA ARG A 203 8.95 -10.69 30.69
C ARG A 203 9.26 -10.07 32.06
N LEU A 204 9.60 -10.92 33.00
CA LEU A 204 9.94 -10.49 34.36
C LEU A 204 11.36 -10.90 34.68
N THR A 205 12.08 -10.00 35.36
CA THR A 205 13.37 -10.28 35.92
C THR A 205 13.23 -10.68 37.40
N GLU A 206 14.36 -11.08 37.97
CA GLU A 206 14.35 -11.47 39.37
C GLU A 206 13.86 -10.33 40.27
N SER A 207 14.16 -9.08 39.91
N SER A 207 14.16 -9.08 39.92
CA SER A 207 13.68 -7.93 40.68
CA SER A 207 13.67 -7.93 40.67
C SER A 207 12.15 -7.79 40.62
C SER A 207 12.13 -7.83 40.66
N ASP A 208 11.50 -8.49 39.67
CA ASP A 208 10.06 -8.40 39.47
C ASP A 208 9.32 -9.61 40.03
N LYS A 209 9.95 -10.38 40.93
CA LYS A 209 9.39 -11.62 41.48
C LYS A 209 7.97 -11.42 42.03
N ASP A 210 7.72 -10.29 42.73
CA ASP A 210 6.42 -10.04 43.34
C ASP A 210 5.28 -9.97 42.31
N TRP A 211 5.62 -9.70 41.05
CA TRP A 211 4.66 -9.56 39.97
C TRP A 211 4.46 -10.88 39.22
N ALA A 212 5.16 -11.96 39.61
CA ALA A 212 5.02 -13.25 38.98
C ALA A 212 3.86 -14.02 39.64
N ILE A 213 2.64 -13.58 39.34
CA ILE A 213 1.42 -14.13 39.91
C ILE A 213 0.42 -14.42 38.79
N VAL A 214 -0.06 -15.68 38.79
CA VAL A 214 -1.23 -16.07 38.03
C VAL A 214 -2.25 -16.61 39.01
N GLY A 215 -3.49 -16.13 38.90
CA GLY A 215 -4.55 -16.66 39.76
C GLY A 215 -5.92 -16.38 39.20
N ALA A 216 -6.85 -17.30 39.49
CA ALA A 216 -8.24 -17.17 39.07
C ALA A 216 -9.05 -16.60 40.22
N ILE A 217 -9.87 -15.61 39.89
CA ILE A 217 -10.76 -15.00 40.86
C ILE A 217 -12.18 -15.05 40.31
N PRO A 218 -13.19 -15.25 41.19
CA PRO A 218 -14.56 -15.10 40.76
C PRO A 218 -14.83 -13.63 40.42
N ALA A 219 -15.73 -13.40 39.47
CA ALA A 219 -16.00 -12.02 39.07
C ALA A 219 -16.55 -11.21 40.24
N ASP A 220 -17.18 -11.87 41.23
CA ASP A 220 -17.74 -11.18 42.41
C ASP A 220 -16.78 -11.15 43.60
N ALA A 221 -15.46 -11.40 43.41
CA ALA A 221 -14.49 -11.34 44.48
C ALA A 221 -14.52 -9.99 45.21
N LYS A 222 -14.34 -10.05 46.54
CA LYS A 222 -14.19 -8.85 47.34
C LYS A 222 -12.89 -8.12 46.98
N GLY A 223 -12.95 -6.79 46.92
CA GLY A 223 -11.78 -5.96 46.68
C GLY A 223 -11.65 -5.53 45.22
N VAL A 224 -12.59 -5.98 44.37
CA VAL A 224 -12.57 -5.67 42.95
C VAL A 224 -13.53 -4.52 42.67
N THR A 225 -13.05 -3.56 41.90
CA THR A 225 -13.89 -2.51 41.34
C THR A 225 -13.73 -2.53 39.81
N TYR A 226 -14.86 -2.43 39.10
CA TYR A 226 -14.86 -2.34 37.64
C TYR A 226 -15.24 -0.93 37.23
N ILE A 227 -14.43 -0.34 36.33
CA ILE A 227 -14.73 0.98 35.79
C ILE A 227 -14.90 0.82 34.28
N TYR A 228 -16.14 1.01 33.82
CA TYR A 228 -16.51 0.68 32.46
C TYR A 228 -15.81 1.62 31.47
N GLY A 229 -15.42 1.10 30.31
CA GLY A 229 -14.89 1.94 29.25
C GLY A 229 -16.00 2.52 28.36
N ARG A 230 -15.79 3.77 27.92
CA ARG A 230 -16.66 4.35 26.90
C ARG A 230 -16.35 3.69 25.56
N GLN A 231 -17.26 3.84 24.62
CA GLN A 231 -17.05 3.45 23.25
C GLN A 231 -17.60 4.58 22.37
N SER A 232 -17.04 4.71 21.17
CA SER A 232 -17.61 5.56 20.14
C SER A 232 -19.11 5.26 19.97
N CYS A 233 -19.98 6.27 20.13
CA CYS A 233 -21.42 6.11 19.94
C CYS A 233 -22.07 5.24 21.01
N ASP A 234 -21.40 5.06 22.17
CA ASP A 234 -21.89 4.17 23.22
C ASP A 234 -23.35 4.49 23.59
N THR A 235 -23.65 5.78 23.79
CA THR A 235 -24.91 6.17 24.38
C THR A 235 -26.08 6.06 23.41
N ARG A 236 -25.84 5.74 22.12
CA ARG A 236 -26.97 5.49 21.26
C ARG A 236 -27.78 4.31 21.78
N SER A 237 -27.09 3.38 22.42
N SER A 237 -27.11 3.37 22.44
CA SER A 237 -27.72 2.21 23.00
CA SER A 237 -27.78 2.18 22.97
C SER A 237 -28.80 2.60 24.00
C SER A 237 -28.77 2.55 24.08
N MET A 238 -28.59 3.71 24.71
CA MET A 238 -29.45 4.18 25.78
C MET A 238 -30.59 5.06 25.28
N GLU A 239 -30.56 5.42 23.99
CA GLU A 239 -31.62 6.20 23.38
C GLU A 239 -32.71 5.23 22.92
N GLU A 240 -33.95 5.69 22.98
CA GLU A 240 -35.06 4.94 22.42
C GLU A 240 -34.83 4.87 20.92
N GLY A 241 -35.21 3.75 20.38
CA GLY A 241 -35.07 3.45 18.98
C GLY A 241 -33.80 2.63 18.76
N ASP A 242 -33.85 1.75 17.76
CA ASP A 242 -32.75 0.83 17.52
C ASP A 242 -32.03 1.08 16.19
N ILE A 243 -32.56 1.91 15.29
CA ILE A 243 -31.92 2.09 14.00
C ILE A 243 -30.55 2.75 14.12
N ASP A 244 -30.42 3.81 14.93
CA ASP A 244 -29.17 4.57 14.94
C ASP A 244 -28.03 3.78 15.57
N ASP A 245 -28.33 2.72 16.33
CA ASP A 245 -27.32 1.84 16.87
C ASP A 245 -26.55 1.03 15.81
N GLY A 246 -27.19 0.78 14.64
CA GLY A 246 -26.61 0.03 13.55
C GLY A 246 -26.74 -1.47 13.74
N ASN A 247 -26.05 -1.98 14.77
CA ASN A 247 -26.23 -3.33 15.27
C ASN A 247 -26.77 -3.21 16.68
N ALA A 248 -28.10 -3.32 16.81
CA ALA A 248 -28.71 -3.03 18.09
C ALA A 248 -28.61 -4.21 19.06
N LYS A 249 -28.48 -5.41 18.53
CA LYS A 249 -28.55 -6.56 19.43
C LYS A 249 -27.22 -6.94 20.08
N PHE A 250 -26.10 -6.59 19.41
CA PHE A 250 -24.80 -7.09 19.82
C PHE A 250 -23.77 -5.97 19.89
N GLY A 251 -22.88 -6.12 20.84
CA GLY A 251 -21.74 -5.22 21.02
C GLY A 251 -20.67 -5.88 21.89
N GLY A 252 -19.62 -5.11 22.14
CA GLY A 252 -18.53 -5.56 23.00
C GLY A 252 -18.51 -4.80 24.32
N GLN A 253 -17.57 -5.18 25.18
CA GLN A 253 -17.48 -4.62 26.51
C GLN A 253 -16.02 -4.64 26.92
N GLU A 254 -15.56 -3.50 27.45
N GLU A 254 -15.49 -3.51 27.43
CA GLU A 254 -14.27 -3.40 28.10
CA GLU A 254 -14.18 -3.48 28.07
C GLU A 254 -14.44 -2.68 29.43
C GLU A 254 -14.23 -2.60 29.32
N ALA A 255 -13.60 -3.07 30.41
CA ALA A 255 -13.56 -2.33 31.67
C ALA A 255 -12.15 -2.39 32.25
N LEU A 256 -11.86 -1.44 33.14
CA LEU A 256 -10.68 -1.45 34.00
C LEU A 256 -11.04 -2.16 35.29
N ILE A 257 -10.27 -3.19 35.60
CA ILE A 257 -10.46 -3.98 36.81
C ILE A 257 -9.43 -3.51 37.85
N ILE A 258 -9.93 -2.94 38.92
N ILE A 258 -9.93 -2.97 38.96
CA ILE A 258 -9.08 -2.54 40.03
CA ILE A 258 -9.08 -2.52 40.06
C ILE A 258 -9.08 -3.65 41.07
C ILE A 258 -9.09 -3.54 41.19
N LEU A 259 -7.88 -3.99 41.59
CA LEU A 259 -7.71 -5.00 42.63
C LEU A 259 -7.10 -4.38 43.87
N ASP A 260 -7.82 -4.46 45.01
CA ASP A 260 -7.36 -3.97 46.30
C ASP A 260 -7.32 -5.15 47.27
N ARG A 261 -6.12 -5.73 47.38
CA ARG A 261 -5.85 -6.78 48.35
C ARG A 261 -6.87 -7.90 48.18
N VAL A 262 -7.03 -8.30 46.91
CA VAL A 262 -7.92 -9.38 46.58
C VAL A 262 -7.28 -10.71 46.98
N PHE A 263 -8.04 -11.56 47.64
CA PHE A 263 -7.56 -12.85 48.10
C PHE A 263 -7.73 -13.92 47.04
N ILE A 264 -6.67 -14.70 46.85
CA ILE A 264 -6.68 -15.84 45.97
C ILE A 264 -6.20 -17.04 46.77
N PRO A 265 -7.05 -18.07 46.97
CA PRO A 265 -6.63 -19.22 47.75
C PRO A 265 -5.62 -20.03 46.93
N TRP A 266 -4.79 -20.82 47.61
CA TRP A 266 -3.75 -21.57 46.93
C TRP A 266 -4.28 -22.39 45.77
N ASP A 267 -5.48 -22.95 45.89
CA ASP A 267 -5.95 -23.84 44.84
C ASP A 267 -6.24 -23.11 43.54
N LYS A 268 -6.29 -21.77 43.58
CA LYS A 268 -6.56 -20.99 42.39
C LYS A 268 -5.32 -20.21 41.96
N VAL A 269 -4.15 -20.52 42.57
CA VAL A 269 -2.89 -19.87 42.22
C VAL A 269 -2.10 -20.80 41.28
N PHE A 270 -1.78 -20.30 40.08
CA PHE A 270 -1.16 -21.10 39.04
C PHE A 270 0.29 -20.68 38.75
N MET A 271 0.79 -19.66 39.44
CA MET A 271 2.18 -19.21 39.38
C MET A 271 2.37 -18.33 40.61
N HIS A 272 3.49 -18.51 41.29
CA HIS A 272 3.76 -17.79 42.51
C HIS A 272 5.27 -17.58 42.66
N GLY A 273 5.82 -16.60 41.95
CA GLY A 273 7.21 -16.18 42.09
C GLY A 273 8.17 -16.73 41.04
N GLU A 274 7.75 -17.63 40.14
CA GLU A 274 8.62 -18.22 39.14
C GLU A 274 8.68 -17.29 37.92
N TYR A 275 9.35 -16.17 38.14
CA TYR A 275 9.37 -15.05 37.21
C TYR A 275 9.88 -15.43 35.84
N GLU A 276 10.78 -16.42 35.77
CA GLU A 276 11.37 -16.83 34.51
C GLU A 276 10.36 -17.46 33.57
N PHE A 277 9.15 -17.80 34.04
CA PHE A 277 8.14 -18.39 33.18
C PHE A 277 7.12 -17.37 32.71
N ALA A 278 7.22 -16.12 33.15
CA ALA A 278 6.30 -15.11 32.67
C ALA A 278 6.37 -14.95 31.15
N SER A 279 7.58 -14.92 30.60
N SER A 279 7.59 -14.93 30.60
CA SER A 279 7.74 -14.73 29.15
CA SER A 279 7.78 -14.75 29.18
C SER A 279 7.15 -15.92 28.40
C SER A 279 7.15 -15.92 28.41
N MET A 280 7.28 -17.14 28.94
CA MET A 280 6.67 -18.31 28.30
C MET A 280 5.14 -18.17 28.21
N LEU A 281 4.53 -17.73 29.32
CA LEU A 281 3.08 -17.61 29.37
C LEU A 281 2.65 -16.54 28.37
N VAL A 282 3.30 -15.38 28.37
CA VAL A 282 2.91 -14.32 27.44
C VAL A 282 3.06 -14.77 25.98
N GLU A 283 4.19 -15.41 25.69
CA GLU A 283 4.47 -15.93 24.35
C GLU A 283 3.37 -16.88 23.89
N ARG A 284 3.03 -17.84 24.74
CA ARG A 284 2.04 -18.81 24.33
C ARG A 284 0.62 -18.27 24.27
N PHE A 285 0.24 -17.41 25.20
CA PHE A 285 -1.06 -16.75 25.15
C PHE A 285 -1.19 -15.97 23.86
N THR A 286 -0.18 -15.14 23.60
CA THR A 286 -0.21 -14.34 22.39
C THR A 286 -0.14 -15.19 21.12
N CYS A 287 0.57 -16.30 21.15
CA CYS A 287 0.60 -17.21 20.02
C CYS A 287 -0.82 -17.64 19.65
N TYR A 288 -1.58 -18.15 20.63
CA TYR A 288 -2.96 -18.51 20.34
C TYR A 288 -3.76 -17.30 19.88
N HIS A 289 -3.69 -16.25 20.70
CA HIS A 289 -4.64 -15.16 20.54
C HIS A 289 -4.42 -14.40 19.21
N ARG A 290 -3.17 -14.31 18.75
CA ARG A 290 -2.84 -13.60 17.52
C ARG A 290 -3.49 -14.28 16.30
N ARG A 291 -3.89 -15.56 16.40
CA ARG A 291 -4.67 -16.13 15.31
C ARG A 291 -6.13 -16.43 15.65
N SER A 292 -6.58 -16.07 16.87
CA SER A 292 -7.98 -15.95 17.16
C SER A 292 -8.64 -14.83 16.38
N TYR A 293 -7.81 -13.93 15.84
CA TYR A 293 -8.29 -12.81 15.00
C TYR A 293 -8.92 -13.26 13.69
N VAL A 294 -9.00 -14.56 13.43
CA VAL A 294 -9.94 -15.08 12.45
C VAL A 294 -11.38 -14.60 12.73
N CYS A 295 -11.67 -14.28 14.00
CA CYS A 295 -12.99 -13.73 14.34
C CYS A 295 -13.30 -12.49 13.49
N LYS A 296 -12.28 -11.68 13.19
CA LYS A 296 -12.47 -10.44 12.47
C LYS A 296 -12.84 -10.68 11.01
N THR A 297 -12.59 -11.90 10.53
CA THR A 297 -13.00 -12.25 9.18
C THR A 297 -14.51 -12.45 9.08
N GLY A 298 -15.15 -12.91 10.16
CA GLY A 298 -16.59 -12.94 10.20
C GLY A 298 -17.22 -11.53 10.20
N LEU A 299 -16.60 -10.60 10.93
CA LEU A 299 -17.02 -9.22 10.89
C LEU A 299 -16.79 -8.63 9.49
N GLY A 300 -15.67 -8.99 8.86
CA GLY A 300 -15.42 -8.61 7.48
C GLY A 300 -16.51 -9.08 6.55
N ASP A 301 -16.98 -10.34 6.73
CA ASP A 301 -18.06 -10.88 5.91
C ASP A 301 -19.32 -10.02 6.03
N VAL A 302 -19.65 -9.61 7.26
CA VAL A 302 -20.79 -8.73 7.52
C VAL A 302 -20.61 -7.38 6.82
N LEU A 303 -19.45 -6.76 6.96
CA LEU A 303 -19.19 -5.44 6.38
C LEU A 303 -19.27 -5.49 4.85
N ILE A 304 -18.72 -6.56 4.27
CA ILE A 304 -18.78 -6.76 2.83
C ILE A 304 -20.25 -6.87 2.40
N GLY A 305 -21.02 -7.67 3.14
CA GLY A 305 -22.43 -7.79 2.89
C GLY A 305 -23.16 -6.45 2.99
N ALA A 306 -22.80 -5.62 3.98
CA ALA A 306 -23.42 -4.32 4.13
C ALA A 306 -23.09 -3.42 2.94
N ALA A 307 -21.82 -3.42 2.51
CA ALA A 307 -21.42 -2.60 1.37
C ALA A 307 -22.18 -3.06 0.11
N ALA A 308 -22.32 -4.37 -0.11
CA ALA A 308 -23.02 -4.89 -1.28
C ALA A 308 -24.49 -4.52 -1.23
N THR A 309 -25.05 -4.54 0.00
CA THR A 309 -26.45 -4.16 0.16
C THR A 309 -26.68 -2.69 -0.19
N ILE A 310 -25.86 -1.79 0.37
CA ILE A 310 -26.07 -0.36 0.05
C ILE A 310 -25.89 -0.09 -1.44
N ALA A 311 -24.94 -0.74 -2.11
CA ALA A 311 -24.75 -0.59 -3.55
C ALA A 311 -26.03 -0.98 -4.31
N ASP A 312 -26.65 -2.09 -3.89
CA ASP A 312 -27.91 -2.55 -4.44
C ASP A 312 -29.02 -1.51 -4.23
N TYR A 313 -29.15 -1.02 -3.00
CA TYR A 313 -30.19 -0.04 -2.68
C TYR A 313 -29.99 1.28 -3.44
N ASN A 314 -28.71 1.62 -3.69
CA ASN A 314 -28.37 2.83 -4.43
C ASN A 314 -28.60 2.70 -5.92
N GLY A 315 -28.77 1.50 -6.44
CA GLY A 315 -29.01 1.32 -7.84
C GLY A 315 -27.76 1.06 -8.70
N VAL A 316 -26.60 0.76 -8.07
CA VAL A 316 -25.37 0.53 -8.78
C VAL A 316 -24.64 -0.72 -8.29
N PRO A 317 -25.32 -1.86 -8.12
CA PRO A 317 -24.64 -3.05 -7.64
C PRO A 317 -23.62 -3.68 -8.59
N LYS A 318 -23.79 -3.45 -9.89
CA LYS A 318 -22.97 -4.17 -10.86
C LYS A 318 -21.97 -3.27 -11.59
N VAL A 319 -21.81 -2.03 -11.13
CA VAL A 319 -20.83 -1.17 -11.74
C VAL A 319 -19.43 -1.69 -11.43
N SER A 320 -18.52 -1.56 -12.41
N SER A 320 -18.55 -1.61 -12.43
CA SER A 320 -17.22 -2.22 -12.36
CA SER A 320 -17.23 -2.22 -12.34
C SER A 320 -16.40 -1.84 -11.13
C SER A 320 -16.48 -1.85 -11.05
N HIS A 321 -16.33 -0.54 -10.78
CA HIS A 321 -15.49 -0.11 -9.67
C HIS A 321 -16.00 -0.67 -8.35
N ILE A 322 -17.32 -0.76 -8.17
CA ILE A 322 -17.88 -1.27 -6.92
C ILE A 322 -17.61 -2.76 -6.84
N LYS A 323 -17.84 -3.48 -7.94
CA LYS A 323 -17.54 -4.91 -7.89
C LYS A 323 -16.07 -5.15 -7.54
N ASP A 324 -15.18 -4.32 -8.11
CA ASP A 324 -13.77 -4.49 -7.86
C ASP A 324 -13.40 -4.22 -6.41
N LYS A 325 -14.05 -3.24 -5.78
CA LYS A 325 -13.82 -2.94 -4.38
C LYS A 325 -14.32 -4.06 -3.47
N ILE A 326 -15.50 -4.62 -3.79
N ILE A 326 -15.46 -4.67 -3.81
CA ILE A 326 -16.01 -5.78 -3.09
CA ILE A 326 -15.94 -5.77 -3.01
C ILE A 326 -15.00 -6.94 -3.16
C ILE A 326 -15.01 -6.98 -3.15
N ILE A 327 -14.49 -7.21 -4.35
CA ILE A 327 -13.46 -8.23 -4.52
C ILE A 327 -12.23 -7.93 -3.65
N GLU A 328 -11.80 -6.69 -3.62
CA GLU A 328 -10.64 -6.36 -2.80
C GLU A 328 -10.90 -6.66 -1.33
N MET A 329 -12.05 -6.21 -0.85
CA MET A 329 -12.40 -6.41 0.55
C MET A 329 -12.31 -7.92 0.82
N THR A 330 -12.89 -8.70 -0.09
CA THR A 330 -12.94 -10.15 0.09
C THR A 330 -11.54 -10.76 0.14
N HIS A 331 -10.68 -10.31 -0.78
CA HIS A 331 -9.30 -10.79 -0.88
C HIS A 331 -8.52 -10.49 0.41
N LEU A 332 -8.61 -9.26 0.91
CA LEU A 332 -7.89 -8.91 2.15
C LEU A 332 -8.42 -9.71 3.35
N ASN A 333 -9.73 -9.85 3.39
CA ASN A 333 -10.40 -10.60 4.47
C ASN A 333 -9.95 -12.07 4.46
N GLU A 334 -9.89 -12.67 3.28
CA GLU A 334 -9.49 -14.07 3.19
C GLU A 334 -8.01 -14.28 3.45
N THR A 335 -7.21 -13.25 3.19
CA THR A 335 -5.78 -13.30 3.49
C THR A 335 -5.59 -13.51 5.00
N ILE A 336 -6.34 -12.76 5.82
CA ILE A 336 -6.30 -12.93 7.26
C ILE A 336 -6.74 -14.33 7.64
N PHE A 337 -7.87 -14.74 7.07
CA PHE A 337 -8.38 -16.05 7.41
C PHE A 337 -7.34 -17.14 7.13
N ALA A 338 -6.74 -17.09 5.95
CA ALA A 338 -5.76 -18.09 5.51
C ALA A 338 -4.61 -18.16 6.51
N ALA A 339 -4.08 -17.00 6.92
CA ALA A 339 -2.96 -16.98 7.86
C ALA A 339 -3.33 -17.69 9.16
N GLY A 340 -4.50 -17.37 9.72
CA GLY A 340 -4.93 -17.91 10.97
C GLY A 340 -5.11 -19.41 10.87
N ILE A 341 -5.84 -19.89 9.85
CA ILE A 341 -6.08 -21.34 9.76
C ILE A 341 -4.80 -22.12 9.41
N ALA A 342 -3.86 -21.48 8.69
CA ALA A 342 -2.57 -22.10 8.43
C ALA A 342 -1.82 -22.29 9.76
N SER A 343 -1.84 -21.28 10.63
CA SER A 343 -1.21 -21.35 11.94
C SER A 343 -1.78 -22.55 12.71
N SER A 344 -3.10 -22.65 12.73
CA SER A 344 -3.77 -23.71 13.47
C SER A 344 -3.46 -25.08 12.86
N HIS A 345 -3.55 -25.20 11.54
CA HIS A 345 -3.24 -26.45 10.85
C HIS A 345 -1.84 -26.94 11.11
N GLN A 346 -0.89 -26.00 11.32
CA GLN A 346 0.53 -26.28 11.54
C GLN A 346 0.85 -26.46 13.03
N GLY A 347 -0.16 -26.63 13.88
CA GLY A 347 0.03 -26.77 15.32
C GLY A 347 0.78 -28.04 15.74
N GLN A 348 1.43 -27.99 16.91
CA GLN A 348 2.32 -29.03 17.40
C GLN A 348 1.97 -29.35 18.87
N LYS A 349 2.16 -30.60 19.26
CA LYS A 349 1.97 -31.04 20.65
C LYS A 349 3.03 -30.50 21.61
N MET A 350 2.55 -29.92 22.72
CA MET A 350 3.39 -29.51 23.83
C MET A 350 3.60 -30.63 24.82
N LYS A 351 4.56 -30.44 25.75
CA LYS A 351 4.83 -31.48 26.74
C LYS A 351 3.58 -31.89 27.53
N SER A 352 2.69 -30.94 27.88
CA SER A 352 1.50 -31.24 28.66
C SER A 352 0.42 -32.00 27.91
N GLY A 353 0.50 -32.04 26.57
CA GLY A 353 -0.48 -32.70 25.73
C GLY A 353 -1.30 -31.73 24.88
N VAL A 354 -1.39 -30.46 25.31
CA VAL A 354 -2.11 -29.46 24.54
C VAL A 354 -1.34 -29.18 23.24
N TYR A 355 -2.08 -28.87 22.17
CA TYR A 355 -1.51 -28.41 20.91
C TYR A 355 -1.41 -26.87 20.91
N LEU A 356 -0.27 -26.39 20.43
CA LEU A 356 0.00 -24.96 20.21
C LEU A 356 0.10 -24.70 18.72
N ASN A 357 -0.59 -23.66 18.24
CA ASN A 357 -0.52 -23.28 16.85
C ASN A 357 0.88 -22.70 16.53
N ASP A 358 1.16 -22.62 15.23
CA ASP A 358 2.42 -22.11 14.71
C ASP A 358 2.57 -20.63 15.03
N ASP A 359 3.57 -20.33 15.85
CA ASP A 359 3.76 -18.96 16.33
C ASP A 359 4.05 -17.96 15.20
N MET A 360 4.94 -18.32 14.30
CA MET A 360 5.30 -17.44 13.21
C MET A 360 4.06 -17.07 12.41
N LEU A 361 3.27 -18.07 12.03
CA LEU A 361 2.10 -17.78 11.22
C LEU A 361 1.02 -17.01 11.99
N ALA A 362 0.94 -17.20 13.31
CA ALA A 362 0.08 -16.37 14.13
C ALA A 362 0.51 -14.90 14.03
N GLN A 363 1.82 -14.62 14.04
CA GLN A 363 2.27 -13.23 13.95
C GLN A 363 1.79 -12.62 12.64
N VAL A 364 1.89 -13.39 11.58
CA VAL A 364 1.48 -12.94 10.27
C VAL A 364 -0.03 -12.66 10.21
N CYS A 365 -0.84 -13.54 10.80
CA CYS A 365 -2.27 -13.33 10.88
C CYS A 365 -2.55 -11.98 11.55
N LYS A 366 -2.05 -11.81 12.76
N LYS A 366 -2.00 -11.83 12.74
CA LYS A 366 -2.33 -10.60 13.52
CA LYS A 366 -2.24 -10.66 13.56
C LYS A 366 -1.75 -9.37 12.83
C LYS A 366 -1.75 -9.40 12.84
N HIS A 367 -0.54 -9.47 12.29
CA HIS A 367 0.05 -8.28 11.65
C HIS A 367 -0.82 -7.79 10.51
N ASN A 368 -1.35 -8.72 9.70
CA ASN A 368 -2.30 -8.36 8.67
C ASN A 368 -3.57 -7.74 9.25
N VAL A 369 -4.07 -8.34 10.34
N VAL A 369 -4.06 -8.28 10.37
CA VAL A 369 -5.23 -7.80 11.06
CA VAL A 369 -5.30 -7.74 10.95
C VAL A 369 -5.04 -6.33 11.44
C VAL A 369 -5.06 -6.34 11.54
N THR A 370 -3.80 -5.91 11.75
CA THR A 370 -3.52 -4.53 12.17
C THR A 370 -3.70 -3.55 11.01
N ARG A 371 -3.73 -4.08 9.78
CA ARG A 371 -3.76 -3.27 8.55
C ARG A 371 -5.12 -3.35 7.84
N PHE A 372 -5.54 -4.57 7.53
CA PHE A 372 -6.57 -4.75 6.51
C PHE A 372 -7.96 -4.27 6.94
N PRO A 373 -8.42 -4.46 8.21
CA PRO A 373 -9.73 -3.95 8.60
C PRO A 373 -9.89 -2.47 8.27
N TYR A 374 -8.80 -1.71 8.43
CA TYR A 374 -8.83 -0.28 8.14
C TYR A 374 -9.13 -0.03 6.67
N GLU A 375 -8.61 -0.86 5.79
CA GLU A 375 -8.86 -0.71 4.36
C GLU A 375 -10.25 -1.19 3.98
N ILE A 376 -10.69 -2.32 4.58
CA ILE A 376 -12.03 -2.81 4.30
C ILE A 376 -13.05 -1.75 4.71
N SER A 377 -12.81 -1.10 5.85
N SER A 377 -12.80 -1.12 5.88
CA SER A 377 -13.70 -0.04 6.31
CA SER A 377 -13.61 -0.04 6.38
C SER A 377 -13.71 1.15 5.37
C SER A 377 -13.69 1.12 5.38
N ARG A 378 -12.53 1.55 4.90
CA ARG A 378 -12.43 2.67 3.96
C ARG A 378 -13.26 2.38 2.71
N LEU A 379 -13.12 1.19 2.16
CA LEU A 379 -13.82 0.80 0.94
C LEU A 379 -15.33 0.77 1.16
N ALA A 380 -15.75 0.22 2.31
CA ALA A 380 -17.17 0.24 2.66
C ALA A 380 -17.76 1.66 2.67
N GLN A 381 -16.99 2.61 3.20
N GLN A 381 -16.98 2.60 3.21
CA GLN A 381 -17.47 3.98 3.26
CA GLN A 381 -17.40 3.99 3.28
C GLN A 381 -17.54 4.57 1.85
C GLN A 381 -17.52 4.58 1.87
N ASP A 382 -16.57 4.24 1.00
CA ASP A 382 -16.63 4.69 -0.42
C ASP A 382 -17.94 4.21 -1.06
N ILE A 383 -18.22 2.90 -0.93
CA ILE A 383 -19.39 2.32 -1.57
C ILE A 383 -20.68 2.92 -1.01
N ALA A 384 -20.71 3.22 0.30
CA ALA A 384 -21.95 3.68 0.95
C ALA A 384 -22.39 5.07 0.49
N GLY A 385 -21.42 5.98 0.28
CA GLY A 385 -21.76 7.38 0.02
C GLY A 385 -21.82 8.23 1.30
N GLY A 386 -22.01 9.55 1.08
CA GLY A 386 -21.96 10.51 2.16
C GLY A 386 -22.98 10.30 3.28
N LEU A 387 -24.14 9.71 2.96
CA LEU A 387 -25.22 9.54 3.94
C LEU A 387 -24.77 8.65 5.10
N VAL A 388 -23.70 7.88 4.93
CA VAL A 388 -23.17 7.07 6.01
C VAL A 388 -22.80 7.93 7.22
N VAL A 389 -22.44 9.22 7.01
CA VAL A 389 -22.14 10.12 8.09
C VAL A 389 -23.09 11.31 8.21
N THR A 390 -24.00 11.53 7.27
CA THR A 390 -24.87 12.68 7.38
C THR A 390 -26.33 12.32 7.61
N LEU A 391 -26.63 11.04 7.80
CA LEU A 391 -28.02 10.63 7.93
C LEU A 391 -28.69 11.23 9.17
N PRO A 392 -29.91 11.79 9.05
CA PRO A 392 -30.66 12.24 10.23
C PRO A 392 -31.04 11.08 11.17
N SER A 393 -31.35 11.45 12.41
CA SER A 393 -31.70 10.49 13.45
C SER A 393 -33.01 9.77 13.16
N GLU A 394 -33.16 8.60 13.79
CA GLU A 394 -34.44 7.89 13.76
C GLU A 394 -35.59 8.72 14.31
N LYS A 395 -35.33 9.52 15.35
CA LYS A 395 -36.37 10.41 15.88
C LYS A 395 -36.89 11.38 14.81
N ASP A 396 -36.00 11.85 13.92
CA ASP A 396 -36.44 12.64 12.77
C ASP A 396 -37.22 11.79 11.76
N PHE A 397 -36.75 10.57 11.46
CA PHE A 397 -37.45 9.67 10.56
C PHE A 397 -38.89 9.35 11.02
N ARG A 398 -39.12 9.32 12.33
CA ARG A 398 -40.41 8.96 12.91
C ARG A 398 -41.27 10.19 13.16
N HIS A 399 -40.71 11.39 12.90
CA HIS A 399 -41.38 12.64 13.22
C HIS A 399 -42.50 12.89 12.19
N PRO A 400 -43.66 13.46 12.58
CA PRO A 400 -44.74 13.68 11.61
C PRO A 400 -44.43 14.62 10.44
N GLU A 401 -43.57 15.63 10.64
CA GLU A 401 -43.18 16.61 9.63
C GLU A 401 -41.91 16.14 8.91
N ALA A 402 -40.86 15.82 9.67
CA ALA A 402 -39.59 15.47 9.07
C ALA A 402 -39.63 14.10 8.42
N GLY A 403 -40.37 13.17 9.03
CA GLY A 403 -40.36 11.79 8.60
C GLY A 403 -40.83 11.60 7.15
N PRO A 404 -41.98 12.13 6.74
CA PRO A 404 -42.39 12.02 5.34
C PRO A 404 -41.42 12.65 4.34
N LEU A 405 -40.71 13.70 4.78
CA LEU A 405 -39.70 14.34 3.98
C LEU A 405 -38.52 13.39 3.75
N LEU A 406 -38.12 12.68 4.81
CA LEU A 406 -37.02 11.73 4.72
C LEU A 406 -37.42 10.51 3.87
N LYS A 407 -38.65 10.00 4.04
CA LYS A 407 -39.11 8.88 3.25
C LYS A 407 -39.14 9.23 1.76
N LYS A 408 -39.46 10.47 1.44
CA LYS A 408 -39.47 10.94 0.06
C LYS A 408 -38.02 11.10 -0.46
N TYR A 409 -37.21 11.86 0.27
CA TYR A 409 -35.95 12.35 -0.27
C TYR A 409 -34.80 11.35 -0.14
N LEU A 410 -34.87 10.39 0.78
CA LEU A 410 -33.77 9.43 0.95
C LEU A 410 -34.04 8.11 0.24
N ALA A 411 -34.94 8.17 -0.74
CA ALA A 411 -35.14 7.06 -1.66
C ALA A 411 -33.82 6.64 -2.31
N GLY A 412 -33.67 5.34 -2.50
CA GLY A 412 -32.68 4.79 -3.40
C GLY A 412 -33.38 4.43 -4.71
N ARG A 413 -33.00 3.30 -5.28
CA ARG A 413 -33.74 2.79 -6.41
C ARG A 413 -35.19 2.44 -6.05
N LYS A 414 -36.05 2.46 -7.05
CA LYS A 414 -37.47 2.29 -6.82
C LYS A 414 -37.70 0.93 -6.17
N GLY A 415 -38.58 0.92 -5.17
CA GLY A 415 -38.98 -0.32 -4.56
C GLY A 415 -38.24 -0.60 -3.24
N VAL A 416 -37.11 0.06 -3.04
CA VAL A 416 -36.35 -0.08 -1.81
C VAL A 416 -37.00 0.73 -0.70
N ASP A 417 -37.25 0.05 0.41
CA ASP A 417 -37.78 0.70 1.60
C ASP A 417 -36.72 1.61 2.21
N VAL A 418 -37.06 2.89 2.37
CA VAL A 418 -36.11 3.86 2.90
C VAL A 418 -35.61 3.44 4.28
N GLU A 419 -36.48 2.84 5.11
CA GLU A 419 -36.04 2.42 6.41
C GLU A 419 -34.90 1.38 6.28
N ASN A 420 -34.99 0.48 5.30
CA ASN A 420 -33.94 -0.50 5.10
C ASN A 420 -32.62 0.16 4.67
N ARG A 421 -32.70 1.19 3.78
CA ARG A 421 -31.49 1.91 3.39
C ARG A 421 -30.86 2.61 4.59
N MET A 422 -31.68 3.23 5.43
CA MET A 422 -31.19 3.83 6.67
C MET A 422 -30.51 2.78 7.56
N ARG A 423 -31.16 1.64 7.76
CA ARG A 423 -30.61 0.64 8.65
C ARG A 423 -29.24 0.15 8.18
N ILE A 424 -29.09 -0.08 6.87
CA ILE A 424 -27.83 -0.63 6.39
C ILE A 424 -26.73 0.44 6.50
N LEU A 425 -27.04 1.71 6.24
CA LEU A 425 -26.08 2.79 6.43
C LEU A 425 -25.62 2.89 7.89
N ARG A 426 -26.57 2.77 8.82
CA ARG A 426 -26.23 2.77 10.26
C ARG A 426 -25.31 1.60 10.61
N LEU A 427 -25.55 0.41 10.02
CA LEU A 427 -24.68 -0.73 10.25
C LEU A 427 -23.24 -0.41 9.84
N ILE A 428 -23.08 0.16 8.65
CA ILE A 428 -21.75 0.55 8.17
C ILE A 428 -21.11 1.58 9.10
N GLU A 429 -21.87 2.60 9.50
CA GLU A 429 -21.36 3.59 10.45
C GLU A 429 -20.90 2.92 11.76
N ASN A 430 -21.72 2.00 12.26
CA ASN A 430 -21.44 1.32 13.50
C ASN A 430 -20.14 0.53 13.46
N MET A 431 -19.85 -0.10 12.33
CA MET A 431 -18.67 -0.94 12.20
C MET A 431 -17.41 -0.15 11.81
N THR A 432 -17.53 1.07 11.27
CA THR A 432 -16.37 1.83 10.79
C THR A 432 -16.04 3.06 11.64
N LEU A 433 -17.03 3.62 12.34
CA LEU A 433 -16.85 4.77 13.23
C LEU A 433 -17.37 4.52 14.65
N GLY A 434 -18.41 3.72 14.79
CA GLY A 434 -19.17 3.62 16.01
C GLY A 434 -18.73 2.49 16.92
N ARG A 435 -19.74 1.91 17.61
CA ARG A 435 -19.40 1.10 18.78
C ARG A 435 -18.64 -0.15 18.36
N ASN A 436 -19.02 -0.74 17.20
CA ASN A 436 -18.38 -1.97 16.79
C ASN A 436 -17.04 -1.73 16.08
N ALA A 437 -16.73 -0.47 15.72
CA ALA A 437 -15.42 -0.15 15.22
C ALA A 437 -14.33 -0.23 16.29
N VAL A 438 -14.71 -0.03 17.57
CA VAL A 438 -13.79 -0.26 18.66
C VAL A 438 -13.13 -1.62 18.53
N GLY A 439 -13.96 -2.63 18.29
CA GLY A 439 -13.42 -3.97 18.10
C GLY A 439 -12.87 -4.21 16.71
N TYR A 440 -13.57 -3.75 15.66
CA TYR A 440 -13.14 -4.15 14.34
C TYR A 440 -11.81 -3.46 13.95
N LEU A 441 -11.65 -2.22 14.38
CA LEU A 441 -10.47 -1.44 14.06
C LEU A 441 -9.49 -1.45 15.21
N THR A 442 -9.80 -0.77 16.31
CA THR A 442 -8.77 -0.55 17.31
C THR A 442 -8.35 -1.83 18.05
N GLU A 443 -9.27 -2.78 18.31
CA GLU A 443 -8.84 -4.02 18.92
C GLU A 443 -8.07 -4.87 17.92
N SER A 444 -8.38 -4.78 16.62
CA SER A 444 -7.53 -5.39 15.60
C SER A 444 -6.10 -4.86 15.70
N MET A 445 -5.97 -3.56 15.93
CA MET A 445 -4.67 -2.93 16.10
C MET A 445 -3.92 -3.42 17.33
N HIS A 446 -4.58 -3.45 18.50
CA HIS A 446 -3.86 -3.62 19.78
C HIS A 446 -4.05 -4.96 20.48
N GLY A 447 -5.09 -5.66 20.14
CA GLY A 447 -5.37 -6.93 20.81
C GLY A 447 -4.23 -7.95 20.68
N ALA A 448 -3.84 -8.57 21.80
CA ALA A 448 -2.65 -9.43 21.92
C ALA A 448 -1.36 -8.72 21.50
N GLY A 449 -1.35 -7.42 21.65
CA GLY A 449 -0.15 -6.63 21.45
C GLY A 449 -0.25 -5.74 20.21
N SER A 450 0.38 -4.58 20.34
CA SER A 450 0.45 -3.60 19.27
C SER A 450 1.30 -4.15 18.12
N PRO A 451 1.30 -3.51 16.93
CA PRO A 451 2.02 -4.02 15.77
C PRO A 451 3.49 -4.34 16.06
N GLN A 452 4.16 -3.47 16.82
CA GLN A 452 5.60 -3.64 17.01
C GLN A 452 5.90 -4.96 17.71
N ALA A 453 4.96 -5.41 18.56
CA ALA A 453 5.17 -6.65 19.30
C ALA A 453 5.24 -7.84 18.34
N GLN A 454 4.42 -7.83 17.28
CA GLN A 454 4.50 -8.87 16.27
C GLN A 454 5.81 -8.83 15.51
N ARG A 455 6.28 -7.61 15.16
CA ARG A 455 7.51 -7.46 14.44
C ARG A 455 8.69 -8.03 15.21
N ILE A 456 8.73 -7.78 16.52
CA ILE A 456 9.80 -8.31 17.33
C ILE A 456 9.73 -9.85 17.36
N GLN A 457 8.52 -10.43 17.40
CA GLN A 457 8.40 -11.87 17.46
C GLN A 457 8.73 -12.52 16.09
N ILE A 458 8.39 -11.84 14.98
CA ILE A 458 8.83 -12.31 13.67
C ILE A 458 10.35 -12.30 13.64
N GLN A 459 10.97 -11.20 14.07
CA GLN A 459 12.43 -11.08 14.11
C GLN A 459 13.08 -12.25 14.82
N ARG A 460 12.51 -12.66 15.97
CA ARG A 460 13.05 -13.72 16.76
C ARG A 460 13.06 -15.07 16.02
N GLN A 461 12.12 -15.26 15.09
CA GLN A 461 11.93 -16.55 14.46
C GLN A 461 12.29 -16.62 12.98
N MET A 462 12.74 -15.52 12.37
CA MET A 462 12.84 -15.39 10.93
C MET A 462 14.12 -15.99 10.31
N GLN A 463 14.99 -16.59 11.13
CA GLN A 463 16.13 -17.41 10.67
C GLN A 463 16.96 -16.69 9.59
N VAL A 464 17.36 -15.45 9.90
CA VAL A 464 18.20 -14.66 9.02
C VAL A 464 19.52 -15.37 8.67
N GLY A 465 20.18 -15.99 9.67
CA GLY A 465 21.43 -16.66 9.39
C GLY A 465 21.27 -17.82 8.41
N TYR A 466 20.21 -18.63 8.60
CA TYR A 466 19.89 -19.69 7.67
C TYR A 466 19.72 -19.14 6.26
N LYS A 467 18.96 -18.05 6.16
CA LYS A 467 18.68 -17.45 4.86
C LYS A 467 19.93 -16.85 4.20
N LYS A 468 20.79 -16.22 5.00
CA LYS A 468 22.07 -15.73 4.49
C LYS A 468 22.86 -16.87 3.84
N ASN A 469 22.83 -18.05 4.47
CA ASN A 469 23.56 -19.18 3.94
C ASN A 469 22.95 -19.68 2.64
N LEU A 470 21.62 -19.64 2.51
CA LEU A 470 20.98 -19.98 1.24
C LEU A 470 21.52 -19.09 0.13
N ALA A 471 21.58 -17.79 0.42
CA ALA A 471 21.99 -16.82 -0.59
C ALA A 471 23.47 -16.98 -0.95
N LYS A 472 24.32 -17.15 0.07
CA LYS A 472 25.74 -17.39 -0.14
C LYS A 472 25.97 -18.60 -1.03
N ASN A 473 25.25 -19.70 -0.77
CA ASN A 473 25.35 -20.89 -1.59
C ASN A 473 25.10 -20.54 -3.08
N LEU A 474 24.02 -19.82 -3.36
CA LEU A 474 23.64 -19.56 -4.74
C LEU A 474 24.60 -18.57 -5.40
N ALA A 475 25.20 -17.67 -4.61
CA ALA A 475 26.11 -16.64 -5.14
C ALA A 475 27.53 -17.17 -5.36
N GLY A 476 27.78 -18.40 -4.87
CA GLY A 476 29.10 -19.01 -4.92
C GLY A 476 30.08 -18.44 -3.89
N ILE A 477 29.53 -18.01 -2.76
CA ILE A 477 30.31 -17.57 -1.62
C ILE A 477 30.50 -18.76 -0.68
N THR A 478 31.76 -19.10 -0.42
CA THR A 478 32.06 -20.28 0.36
C THR A 478 32.99 -20.03 1.54
N ASN A 479 33.70 -18.90 1.62
CA ASN A 479 34.78 -18.79 2.58
C ASN A 479 34.43 -18.03 3.87
N ASP A 480 33.20 -17.57 4.07
CA ASP A 480 32.84 -16.85 5.28
C ASP A 480 31.48 -17.30 5.82
N VAL A 481 31.10 -18.52 5.47
CA VAL A 481 29.83 -19.07 5.92
C VAL A 481 29.91 -19.37 7.41
N GLU A 482 28.94 -18.85 8.17
CA GLU A 482 28.85 -19.05 9.62
C GLU A 482 27.62 -19.91 9.97
N GLU A 483 27.77 -20.79 10.98
CA GLU A 483 26.64 -21.53 11.52
C GLU A 483 25.65 -20.53 12.14
N PRO A 484 24.35 -20.60 11.83
CA PRO A 484 23.38 -19.71 12.46
C PRO A 484 23.30 -19.92 13.96
N LYS A 485 23.14 -18.80 14.68
CA LYS A 485 22.91 -18.84 16.11
C LYS A 485 21.61 -18.09 16.37
N GLU A 486 20.51 -18.83 16.35
CA GLU A 486 19.17 -18.26 16.32
C GLU A 486 18.18 -19.41 16.54
N SER A 487 16.95 -19.05 16.89
CA SER A 487 15.88 -20.02 16.92
C SER A 487 15.69 -20.60 15.53
N SER A 488 15.61 -21.93 15.47
N SER A 488 15.66 -21.94 15.41
CA SER A 488 15.57 -22.61 14.21
CA SER A 488 15.51 -22.58 14.11
C SER A 488 14.29 -23.45 14.13
C SER A 488 14.20 -23.35 14.02
N GLU A 489 13.26 -23.07 14.91
CA GLU A 489 12.08 -23.90 15.05
C GLU A 489 11.14 -23.75 13.86
N TYR A 490 11.09 -22.58 13.22
CA TYR A 490 10.03 -22.37 12.22
C TYR A 490 10.24 -23.28 11.02
N PHE A 491 11.47 -23.29 10.47
CA PHE A 491 11.74 -24.16 9.32
C PHE A 491 11.65 -25.64 9.66
N LYS A 492 11.87 -25.99 10.93
CA LYS A 492 11.59 -27.36 11.34
C LYS A 492 10.11 -27.70 11.18
N ARG A 493 9.20 -26.77 11.51
CA ARG A 493 7.79 -27.00 11.31
C ARG A 493 7.44 -26.99 9.82
N VAL A 494 7.99 -26.02 9.10
CA VAL A 494 7.65 -25.86 7.70
C VAL A 494 7.99 -27.12 6.89
N PHE A 495 9.16 -27.70 7.16
CA PHE A 495 9.63 -28.84 6.37
C PHE A 495 9.38 -30.20 7.05
N LYS A 496 8.66 -30.23 8.15
CA LYS A 496 8.30 -31.47 8.84
C LYS A 496 7.54 -32.37 7.86
N THR A 497 7.98 -33.63 7.74
CA THR A 497 7.41 -34.49 6.71
C THR A 497 6.36 -35.44 7.24
N LYS A 498 6.38 -35.69 8.55
CA LYS A 498 5.38 -36.56 9.13
C LYS A 498 5.25 -36.31 10.63
N ASP A 499 4.15 -36.83 11.16
CA ASP A 499 3.71 -36.57 12.52
C ASP A 499 4.26 -37.65 13.45
N SER A 500 5.41 -37.39 14.07
CA SER A 500 6.16 -38.47 14.69
C SER A 500 6.72 -38.02 16.05
N VAL A 501 7.05 -39.00 16.92
CA VAL A 501 7.76 -38.66 18.13
C VAL A 501 9.26 -38.90 17.98
N LEU A 502 9.66 -39.75 17.03
CA LEU A 502 11.06 -40.09 16.78
C LEU A 502 11.48 -39.58 15.39
N THR B 1 32.52 27.53 -28.80
CA THR B 1 31.26 27.19 -28.11
C THR B 1 30.59 26.01 -28.81
N ILE B 2 30.14 25.07 -27.98
CA ILE B 2 29.31 23.98 -28.46
C ILE B 2 27.90 24.53 -28.65
N ARG B 3 27.29 24.32 -29.83
CA ARG B 3 25.92 24.75 -30.07
C ARG B 3 24.97 23.55 -30.09
N SER B 4 25.18 22.64 -31.02
CA SER B 4 24.25 21.57 -31.32
C SER B 4 24.68 20.28 -30.62
N GLY B 5 23.79 19.29 -30.62
CA GLY B 5 24.14 17.99 -30.11
C GLY B 5 25.26 17.35 -30.95
N ASP B 6 25.27 17.63 -32.27
CA ASP B 6 26.37 17.18 -33.13
C ASP B 6 27.71 17.74 -32.68
N ASP B 7 27.75 19.05 -32.39
CA ASP B 7 28.94 19.73 -31.91
C ASP B 7 29.41 19.05 -30.63
N TYR B 8 28.46 18.70 -29.76
CA TYR B 8 28.74 18.05 -28.49
C TYR B 8 29.40 16.70 -28.74
N ILE B 9 28.78 15.90 -29.61
CA ILE B 9 29.38 14.60 -29.93
C ILE B 9 30.81 14.77 -30.43
N GLU B 10 31.07 15.71 -31.37
CA GLU B 10 32.42 15.92 -31.84
C GLU B 10 33.38 16.33 -30.71
N SER B 11 32.90 17.10 -29.73
CA SER B 11 33.74 17.55 -28.62
C SER B 11 34.25 16.38 -27.79
N LEU B 12 33.58 15.24 -27.88
CA LEU B 12 33.96 14.07 -27.09
C LEU B 12 34.98 13.18 -27.78
N ARG B 13 35.24 13.43 -29.06
CA ARG B 13 36.13 12.56 -29.83
C ARG B 13 37.58 12.89 -29.56
N GLY B 14 38.41 11.84 -29.57
CA GLY B 14 39.85 12.06 -29.54
C GLY B 14 40.44 12.49 -28.19
N ARG B 15 39.77 12.21 -27.05
CA ARG B 15 40.21 12.74 -25.76
C ARG B 15 41.13 11.79 -24.97
N ASP B 16 41.09 10.52 -25.32
CA ASP B 16 41.93 9.50 -24.69
C ASP B 16 41.81 9.40 -23.15
N LEU B 17 40.60 9.56 -22.63
CA LEU B 17 40.28 9.13 -21.26
C LEU B 17 40.66 7.67 -21.10
N LYS B 18 41.15 7.30 -19.91
CA LYS B 18 41.44 5.91 -19.57
C LYS B 18 40.16 5.29 -19.00
N VAL B 19 39.50 4.44 -19.80
CA VAL B 19 38.19 3.89 -19.47
C VAL B 19 38.27 2.37 -19.61
N TYR B 20 38.10 1.66 -18.51
CA TYR B 20 38.02 0.19 -18.55
C TYR B 20 36.57 -0.28 -18.65
N LEU B 21 36.32 -1.11 -19.67
CA LEU B 21 35.03 -1.76 -19.85
C LEU B 21 35.30 -3.16 -20.36
N PHE B 22 34.89 -4.16 -19.56
CA PHE B 22 35.06 -5.56 -19.90
C PHE B 22 36.55 -5.90 -20.11
N GLY B 23 37.37 -5.29 -19.27
CA GLY B 23 38.79 -5.67 -19.20
C GLY B 23 39.62 -5.12 -20.35
N GLU B 24 39.13 -4.07 -20.99
CA GLU B 24 39.87 -3.43 -22.07
C GLU B 24 39.74 -1.92 -21.92
N LEU B 25 40.80 -1.21 -22.31
CA LEU B 25 40.67 0.24 -22.45
C LEU B 25 39.81 0.55 -23.67
N VAL B 26 38.86 1.44 -23.49
CA VAL B 26 38.04 1.89 -24.60
C VAL B 26 38.76 2.97 -25.38
N LYS B 27 39.00 2.70 -26.66
CA LYS B 27 39.74 3.60 -27.52
C LYS B 27 38.97 4.89 -27.81
N GLU B 28 37.69 4.73 -28.16
CA GLU B 28 36.88 5.90 -28.51
C GLU B 28 35.46 5.65 -28.01
N PRO B 29 35.11 6.18 -26.82
CA PRO B 29 33.77 5.96 -26.27
C PRO B 29 32.64 6.36 -27.21
N VAL B 30 32.82 7.39 -28.02
CA VAL B 30 31.78 7.88 -28.93
C VAL B 30 31.36 6.82 -29.92
N ASP B 31 32.28 5.89 -30.23
CA ASP B 31 31.99 4.85 -31.21
C ASP B 31 31.73 3.48 -30.58
N HIS B 32 31.66 3.40 -29.25
CA HIS B 32 31.38 2.13 -28.58
C HIS B 32 29.86 1.99 -28.46
N PRO B 33 29.28 0.92 -29.01
CA PRO B 33 27.82 0.79 -29.02
C PRO B 33 27.15 0.73 -27.63
N MET B 34 27.89 0.35 -26.58
CA MET B 34 27.32 0.35 -25.25
C MET B 34 27.22 1.75 -24.66
N ILE B 35 28.09 2.65 -25.15
CA ILE B 35 28.28 3.98 -24.57
C ILE B 35 27.54 5.03 -25.36
N ARG B 36 27.41 4.83 -26.66
CA ARG B 36 26.85 5.85 -27.53
C ARG B 36 25.42 6.21 -27.12
N PRO B 37 24.52 5.31 -26.68
CA PRO B 37 23.18 5.77 -26.34
C PRO B 37 23.19 6.84 -25.24
N SER B 38 24.09 6.71 -24.24
CA SER B 38 24.18 7.72 -23.19
C SER B 38 24.63 9.08 -23.76
N ILE B 39 25.54 9.02 -24.72
CA ILE B 39 26.00 10.22 -25.41
C ILE B 39 24.82 10.86 -26.15
N ASN B 40 24.04 10.06 -26.84
CA ASN B 40 22.88 10.56 -27.56
C ASN B 40 21.91 11.27 -26.65
N ALA B 41 21.74 10.77 -25.43
CA ALA B 41 20.83 11.39 -24.47
C ALA B 41 21.35 12.79 -24.12
N VAL B 42 22.66 12.91 -23.85
CA VAL B 42 23.21 14.22 -23.52
C VAL B 42 23.11 15.16 -24.73
N ALA B 43 23.30 14.61 -25.93
CA ALA B 43 23.21 15.45 -27.14
C ALA B 43 21.83 16.08 -27.24
N GLU B 44 20.79 15.35 -26.82
CA GLU B 44 19.42 15.87 -26.88
C GLU B 44 19.22 17.07 -25.94
N THR B 45 20.04 17.19 -24.89
CA THR B 45 19.92 18.37 -24.03
C THR B 45 20.37 19.62 -24.77
N TYR B 46 21.29 19.47 -25.72
CA TYR B 46 21.70 20.58 -26.58
C TYR B 46 20.63 20.82 -27.66
N ASP B 47 20.13 19.75 -28.27
CA ASP B 47 19.17 19.90 -29.36
C ASP B 47 17.87 20.53 -28.87
N LEU B 48 17.40 20.17 -27.67
CA LEU B 48 16.20 20.77 -27.12
C LEU B 48 16.34 22.29 -26.97
N ALA B 49 17.52 22.75 -26.54
CA ALA B 49 17.77 24.16 -26.36
C ALA B 49 17.67 24.92 -27.68
N LEU B 50 17.96 24.25 -28.79
CA LEU B 50 17.80 24.87 -30.10
C LEU B 50 16.35 24.89 -30.58
N ARG B 51 15.61 23.82 -30.28
CA ARG B 51 14.25 23.65 -30.74
C ARG B 51 13.30 24.47 -29.88
N GLU B 52 13.55 24.48 -28.56
CA GLU B 52 12.63 25.06 -27.58
C GLU B 52 13.40 26.00 -26.66
N GLU B 53 13.82 27.14 -27.22
CA GLU B 53 14.71 28.10 -26.57
C GLU B 53 14.19 28.52 -25.19
N ALA B 54 12.92 28.88 -25.09
CA ALA B 54 12.41 29.40 -23.81
C ALA B 54 12.43 28.33 -22.72
N LEU B 55 12.20 27.06 -23.10
N LEU B 55 12.27 27.06 -23.10
CA LEU B 55 12.18 26.00 -22.11
CA LEU B 55 12.15 25.99 -22.13
C LEU B 55 13.59 25.65 -21.63
C LEU B 55 13.50 25.43 -21.70
N ALA B 56 14.53 25.51 -22.57
CA ALA B 56 15.82 24.87 -22.27
C ALA B 56 17.01 25.80 -22.27
N SER B 57 16.77 27.10 -22.40
CA SER B 57 17.85 28.06 -22.30
C SER B 57 17.40 29.22 -21.43
N ALA B 58 18.36 29.95 -20.87
CA ALA B 58 18.11 30.99 -19.88
C ALA B 58 19.02 32.17 -20.13
N ASP B 59 18.55 33.37 -19.74
CA ASP B 59 19.39 34.56 -19.73
C ASP B 59 20.15 34.64 -18.42
N SER B 60 21.47 34.44 -18.48
CA SER B 60 22.34 34.49 -17.33
C SER B 60 22.69 35.92 -16.97
N SER B 61 22.39 36.34 -15.74
CA SER B 61 22.88 37.60 -15.19
C SER B 61 24.36 37.52 -14.82
N ILE B 62 24.94 36.32 -14.76
CA ILE B 62 26.36 36.18 -14.43
C ILE B 62 27.25 36.57 -15.62
N THR B 63 26.90 36.08 -16.82
CA THR B 63 27.68 36.35 -18.03
C THR B 63 26.98 37.31 -19.00
N GLY B 64 25.67 37.55 -18.86
CA GLY B 64 24.92 38.33 -19.82
C GLY B 64 24.66 37.56 -21.11
N LEU B 65 24.86 36.24 -21.09
CA LEU B 65 24.66 35.36 -22.25
C LEU B 65 23.38 34.56 -22.10
N LYS B 66 22.84 34.13 -23.24
CA LYS B 66 21.85 33.08 -23.25
C LYS B 66 22.61 31.77 -23.08
N VAL B 67 22.26 30.98 -22.05
CA VAL B 67 22.98 29.78 -21.70
C VAL B 67 22.02 28.60 -21.66
N ASN B 68 22.58 27.41 -21.87
CA ASN B 68 21.83 26.18 -21.64
C ASN B 68 21.30 26.22 -20.20
N ARG B 69 20.02 25.89 -19.98
CA ARG B 69 19.46 25.91 -18.64
C ARG B 69 20.18 24.99 -17.62
N PHE B 70 20.84 23.94 -18.07
CA PHE B 70 21.64 23.10 -17.17
C PHE B 70 22.84 23.83 -16.57
N LEU B 71 23.24 24.98 -17.14
CA LEU B 71 24.37 25.75 -16.67
C LEU B 71 23.94 27.02 -15.92
N HIS B 72 22.62 27.22 -15.81
CA HIS B 72 22.05 28.42 -15.24
C HIS B 72 21.91 28.33 -13.71
N ILE B 73 22.43 29.37 -13.03
CA ILE B 73 22.24 29.57 -11.60
C ILE B 73 20.88 30.26 -11.42
N ALA B 74 19.95 29.53 -10.79
CA ALA B 74 18.56 29.94 -10.70
C ALA B 74 18.40 31.28 -10.01
N GLU B 75 17.67 32.21 -10.64
CA GLU B 75 17.57 33.57 -10.15
C GLU B 75 16.20 33.88 -9.56
N SER B 76 15.30 32.89 -9.53
CA SER B 76 13.91 33.07 -9.17
C SER B 76 13.29 31.69 -8.94
N ALA B 77 12.13 31.63 -8.29
CA ALA B 77 11.39 30.38 -8.16
C ALA B 77 10.94 29.91 -9.56
N GLU B 78 10.64 30.86 -10.44
CA GLU B 78 10.27 30.51 -11.82
C GLU B 78 11.40 29.73 -12.48
N ASP B 79 12.66 30.14 -12.27
CA ASP B 79 13.80 29.43 -12.84
C ASP B 79 13.86 27.99 -12.30
N LEU B 80 13.55 27.75 -11.02
CA LEU B 80 13.50 26.39 -10.48
C LEU B 80 12.39 25.57 -11.16
N VAL B 81 11.21 26.15 -11.31
CA VAL B 81 10.11 25.48 -12.00
C VAL B 81 10.47 25.12 -13.43
N LEU B 82 11.18 26.02 -14.14
CA LEU B 82 11.60 25.77 -15.51
C LEU B 82 12.57 24.62 -15.60
N GLN B 83 13.42 24.44 -14.57
CA GLN B 83 14.27 23.27 -14.53
C GLN B 83 13.39 22.00 -14.58
N ASN B 84 12.33 21.98 -13.78
CA ASN B 84 11.45 20.79 -13.69
C ASN B 84 10.67 20.60 -14.98
N LYS B 85 10.25 21.70 -15.62
CA LYS B 85 9.53 21.56 -16.89
C LYS B 85 10.45 20.95 -17.96
N MET B 86 11.67 21.47 -18.02
CA MET B 86 12.68 20.95 -18.93
C MET B 86 12.98 19.47 -18.65
N GLN B 87 13.14 19.11 -17.37
CA GLN B 87 13.41 17.73 -16.96
C GLN B 87 12.34 16.77 -17.46
N ARG B 88 11.07 17.15 -17.27
CA ARG B 88 10.01 16.24 -17.67
C ARG B 88 9.99 16.12 -19.20
N LYS B 89 10.20 17.23 -19.92
CA LYS B 89 10.24 17.12 -21.37
C LYS B 89 11.37 16.19 -21.86
N LEU B 90 12.59 16.38 -21.32
CA LEU B 90 13.71 15.52 -21.66
C LEU B 90 13.41 14.07 -21.34
N GLY B 91 12.79 13.81 -20.20
CA GLY B 91 12.41 12.43 -19.90
C GLY B 91 11.44 11.85 -20.94
N GLN B 92 10.46 12.64 -21.36
CA GLN B 92 9.57 12.24 -22.45
C GLN B 92 10.32 11.94 -23.76
N ASN B 93 11.33 12.75 -24.07
CA ASN B 93 12.02 12.71 -25.35
C ASN B 93 13.06 11.60 -25.43
N THR B 94 13.59 11.16 -24.28
CA THR B 94 14.69 10.20 -24.26
C THR B 94 14.32 8.88 -23.58
N GLY B 95 13.41 8.95 -22.62
CA GLY B 95 13.04 7.78 -21.82
C GLY B 95 14.20 7.25 -20.96
N THR B 96 15.17 8.10 -20.65
CA THR B 96 16.30 7.63 -19.91
C THR B 96 16.86 8.75 -19.06
N CYS B 97 17.99 8.43 -18.41
CA CYS B 97 18.76 9.43 -17.69
CA CYS B 97 18.80 9.40 -17.69
C CYS B 97 19.63 10.21 -18.68
N PHE B 98 19.35 11.50 -18.81
CA PHE B 98 20.06 12.37 -19.74
C PHE B 98 21.17 13.14 -19.02
N GLN B 99 21.43 12.82 -17.74
CA GLN B 99 22.72 12.94 -17.10
C GLN B 99 23.06 14.33 -16.58
N ARG B 100 22.55 15.40 -17.21
CA ARG B 100 23.12 16.74 -16.99
C ARG B 100 22.56 17.49 -15.75
N CYS B 101 21.55 16.92 -15.12
CA CYS B 101 20.92 17.52 -13.95
C CYS B 101 21.91 17.59 -12.79
N VAL B 102 22.77 16.55 -12.63
CA VAL B 102 23.58 16.47 -11.44
C VAL B 102 24.51 17.68 -11.35
N GLY B 103 25.12 18.04 -12.49
CA GLY B 103 26.00 19.22 -12.55
C GLY B 103 25.26 20.52 -12.27
N MET B 104 24.03 20.61 -12.76
CA MET B 104 23.21 21.75 -12.54
C MET B 104 22.95 21.98 -11.05
N ASP B 105 22.55 20.91 -10.37
CA ASP B 105 22.23 20.94 -8.95
C ASP B 105 23.49 21.21 -8.11
N ALA B 106 24.62 20.60 -8.51
CA ALA B 106 25.91 20.85 -7.87
C ALA B 106 26.27 22.33 -7.98
N MET B 107 26.13 22.90 -9.17
CA MET B 107 26.53 24.30 -9.36
C MET B 107 25.62 25.28 -8.59
N ASN B 108 24.32 25.01 -8.59
CA ASN B 108 23.38 25.82 -7.83
C ASN B 108 23.72 25.77 -6.33
N SER B 109 23.98 24.57 -5.81
CA SER B 109 24.32 24.41 -4.40
C SER B 109 25.66 25.04 -4.06
N LEU B 110 26.64 24.92 -4.94
CA LEU B 110 27.94 25.53 -4.69
C LEU B 110 27.85 27.06 -4.70
N HIS B 111 26.96 27.64 -5.50
CA HIS B 111 26.87 29.08 -5.56
C HIS B 111 26.61 29.68 -4.18
N SER B 112 25.61 29.14 -3.45
CA SER B 112 25.25 29.66 -2.15
C SER B 112 26.26 29.21 -1.10
N THR B 113 26.77 27.98 -1.20
CA THR B 113 27.65 27.44 -0.18
C THR B 113 29.01 28.19 -0.16
N THR B 114 29.62 28.42 -1.34
CA THR B 114 30.90 29.11 -1.42
C THR B 114 30.77 30.51 -0.81
N PHE B 115 29.66 31.18 -1.11
CA PHE B 115 29.41 32.51 -0.57
C PHE B 115 29.50 32.50 0.96
N GLU B 116 28.86 31.50 1.58
CA GLU B 116 28.81 31.40 3.03
C GLU B 116 30.16 31.00 3.63
N ILE B 117 30.92 30.14 2.95
CA ILE B 117 32.26 29.83 3.43
C ILE B 117 33.07 31.11 3.53
N ASP B 118 33.05 31.90 2.47
CA ASP B 118 33.82 33.13 2.40
C ASP B 118 33.34 34.15 3.43
N GLU B 119 32.02 34.25 3.64
CA GLU B 119 31.49 35.16 4.64
C GLU B 119 32.13 34.90 6.01
N LYS B 120 32.34 33.62 6.35
CA LYS B 120 32.94 33.27 7.65
C LYS B 120 34.47 33.34 7.62
N HIS B 121 35.11 32.85 6.56
CA HIS B 121 36.53 32.59 6.60
C HIS B 121 37.36 33.64 5.88
N GLY B 122 36.74 34.49 5.07
CA GLY B 122 37.46 35.51 4.34
C GLY B 122 38.24 35.00 3.12
N THR B 123 37.86 33.80 2.65
CA THR B 123 38.41 33.16 1.47
C THR B 123 37.75 33.74 0.21
N ASP B 124 38.13 33.25 -0.98
CA ASP B 124 37.55 33.71 -2.25
C ASP B 124 37.07 32.51 -3.07
N TYR B 125 36.48 31.51 -2.40
CA TYR B 125 35.92 30.38 -3.11
C TYR B 125 34.78 30.81 -4.03
N HIS B 126 33.98 31.77 -3.59
CA HIS B 126 32.83 32.23 -4.37
C HIS B 126 33.32 32.91 -5.66
N LYS B 127 34.36 33.76 -5.56
CA LYS B 127 34.92 34.43 -6.73
C LYS B 127 35.49 33.41 -7.71
N ARG B 128 36.24 32.44 -7.16
CA ARG B 128 36.75 31.34 -7.98
C ARG B 128 35.59 30.62 -8.67
N PHE B 129 34.55 30.28 -7.89
CA PHE B 129 33.42 29.56 -8.44
C PHE B 129 32.73 30.34 -9.56
N LEU B 130 32.53 31.64 -9.36
CA LEU B 130 31.91 32.44 -10.38
C LEU B 130 32.72 32.48 -11.67
N GLU B 131 34.07 32.53 -11.58
CA GLU B 131 34.90 32.49 -12.79
C GLU B 131 34.72 31.16 -13.54
N PHE B 132 34.55 30.10 -12.76
CA PHE B 132 34.28 28.78 -13.32
C PHE B 132 32.94 28.75 -14.07
N VAL B 133 31.88 29.28 -13.44
CA VAL B 133 30.57 29.34 -14.04
C VAL B 133 30.66 30.14 -15.34
N LYS B 134 31.37 31.28 -15.31
CA LYS B 134 31.52 32.08 -16.52
C LYS B 134 32.09 31.26 -17.67
N MET B 135 33.17 30.51 -17.37
N MET B 135 33.15 30.50 -17.37
CA MET B 135 33.84 29.68 -18.35
CA MET B 135 33.85 29.69 -18.35
C MET B 135 32.90 28.62 -18.93
C MET B 135 32.91 28.62 -18.94
N VAL B 136 32.24 27.84 -18.08
CA VAL B 136 31.42 26.74 -18.57
C VAL B 136 30.18 27.26 -19.31
N GLN B 137 29.63 28.41 -18.89
CA GLN B 137 28.53 29.04 -19.59
C GLN B 137 28.95 29.51 -20.99
N GLN B 138 30.12 30.15 -21.11
CA GLN B 138 30.59 30.66 -22.39
C GLN B 138 30.80 29.49 -23.37
N GLU B 139 31.37 28.39 -22.86
CA GLU B 139 31.76 27.27 -23.70
C GLU B 139 30.64 26.25 -23.87
N ASN B 140 29.59 26.31 -23.03
CA ASN B 140 28.40 25.48 -23.11
C ASN B 140 28.73 24.00 -22.90
N LEU B 141 29.34 23.71 -21.75
CA LEU B 141 29.91 22.42 -21.42
C LEU B 141 28.98 21.58 -20.55
N VAL B 142 29.30 20.29 -20.44
CA VAL B 142 28.64 19.30 -19.62
C VAL B 142 29.47 19.10 -18.35
N ILE B 143 28.80 19.22 -17.20
CA ILE B 143 29.41 19.18 -15.89
C ILE B 143 28.90 18.00 -15.10
N GLY B 144 29.82 17.14 -14.62
CA GLY B 144 29.49 16.07 -13.72
C GLY B 144 29.47 16.54 -12.27
N GLY B 145 28.63 15.87 -11.46
CA GLY B 145 28.55 16.14 -10.04
C GLY B 145 28.98 14.91 -9.26
N ALA B 146 30.20 14.95 -8.72
CA ALA B 146 30.86 13.79 -8.17
C ALA B 146 30.97 13.90 -6.65
N MET B 147 29.90 13.46 -5.99
CA MET B 147 29.80 13.54 -4.55
C MET B 147 30.08 12.19 -3.89
N THR B 148 29.41 11.12 -4.31
CA THR B 148 29.43 9.87 -3.56
C THR B 148 30.73 9.11 -3.72
N ASP B 149 31.42 8.95 -2.59
CA ASP B 149 32.58 8.08 -2.50
C ASP B 149 32.13 6.63 -2.36
N PRO B 150 33.05 5.67 -2.48
CA PRO B 150 32.70 4.27 -2.22
C PRO B 150 32.27 3.97 -0.77
N LYS B 151 32.92 4.62 0.21
CA LYS B 151 32.50 4.72 1.60
C LYS B 151 32.93 3.57 2.51
N GLY B 152 33.37 2.42 1.99
CA GLY B 152 33.89 1.42 2.90
C GLY B 152 32.85 0.90 3.90
N ASP B 153 33.23 0.96 5.18
CA ASP B 153 32.33 0.56 6.25
C ASP B 153 31.32 1.68 6.49
N ARG B 154 30.05 1.44 6.15
CA ARG B 154 29.02 2.46 6.24
C ARG B 154 28.80 3.00 7.67
N SER B 155 29.19 2.26 8.70
CA SER B 155 29.04 2.69 10.08
C SER B 155 30.15 3.61 10.58
N LYS B 156 31.14 3.90 9.73
CA LYS B 156 32.31 4.69 10.11
C LYS B 156 32.47 5.90 9.18
N GLY B 157 32.95 7.00 9.74
CA GLY B 157 33.24 8.20 8.97
C GLY B 157 34.63 8.14 8.34
N PRO B 158 35.01 9.15 7.54
CA PRO B 158 36.24 9.09 6.75
C PRO B 158 37.50 8.76 7.55
N SER B 159 37.69 9.45 8.67
CA SER B 159 38.92 9.30 9.45
C SER B 159 38.95 7.99 10.22
N GLU B 160 37.84 7.28 10.21
CA GLU B 160 37.72 6.01 10.93
C GLU B 160 37.89 4.83 9.98
N GLN B 161 37.92 5.05 8.65
CA GLN B 161 38.04 3.91 7.74
C GLN B 161 39.43 3.28 7.86
N ASP B 162 39.50 1.97 7.58
CA ASP B 162 40.73 1.20 7.55
C ASP B 162 41.70 1.68 6.46
N ASP B 163 41.14 2.16 5.35
CA ASP B 163 41.86 2.73 4.23
C ASP B 163 41.37 4.17 4.04
N PRO B 164 42.24 5.18 4.28
CA PRO B 164 41.78 6.57 4.25
C PRO B 164 41.27 7.02 2.89
N ASP B 165 41.62 6.30 1.83
CA ASP B 165 41.22 6.67 0.47
C ASP B 165 39.75 6.32 0.16
N LEU B 166 39.03 5.60 1.06
CA LEU B 166 37.65 5.20 0.79
C LEU B 166 36.69 6.39 0.73
N PHE B 167 37.12 7.54 1.24
CA PHE B 167 36.54 8.83 0.89
C PHE B 167 37.66 9.69 0.30
N THR B 168 37.31 10.51 -0.70
CA THR B 168 38.29 11.34 -1.39
C THR B 168 38.91 12.42 -0.50
N ARG B 169 40.23 12.55 -0.58
CA ARG B 169 40.95 13.44 0.33
C ARG B 169 42.13 14.15 -0.34
N ILE B 170 42.55 15.25 0.26
CA ILE B 170 43.80 15.91 -0.08
C ILE B 170 44.95 15.10 0.49
N VAL B 171 45.89 14.72 -0.38
CA VAL B 171 47.10 14.01 0.05
C VAL B 171 48.36 14.88 0.01
N ASP B 172 48.32 16.00 -0.70
CA ASP B 172 49.46 16.89 -0.74
C ASP B 172 49.00 18.25 -1.24
N THR B 173 49.86 19.26 -1.03
N THR B 173 49.83 19.27 -0.96
CA THR B 173 49.61 20.63 -1.46
CA THR B 173 49.64 20.61 -1.50
C THR B 173 50.95 21.32 -1.76
C THR B 173 50.99 21.18 -1.91
N ASP B 174 50.93 22.20 -2.77
CA ASP B 174 52.11 22.98 -3.14
C ASP B 174 51.65 24.40 -3.47
N GLU B 175 52.54 25.21 -4.02
CA GLU B 175 52.27 26.62 -4.26
C GLU B 175 51.15 26.83 -5.29
N LYS B 176 50.90 25.83 -6.14
CA LYS B 176 49.99 25.99 -7.25
C LYS B 176 48.64 25.31 -7.02
N GLY B 177 48.54 24.35 -6.10
CA GLY B 177 47.25 23.71 -5.84
C GLY B 177 47.37 22.51 -4.91
N VAL B 178 46.33 21.67 -4.98
CA VAL B 178 46.21 20.47 -4.15
C VAL B 178 46.30 19.23 -5.03
N TYR B 179 46.58 18.10 -4.38
CA TYR B 179 46.58 16.80 -5.01
C TYR B 179 45.63 15.92 -4.24
N VAL B 180 44.71 15.26 -4.96
CA VAL B 180 43.68 14.46 -4.31
C VAL B 180 43.76 13.02 -4.75
N SER B 181 43.42 12.14 -3.82
CA SER B 181 43.28 10.71 -4.06
C SER B 181 41.99 10.18 -3.43
N GLY B 182 41.47 9.11 -4.02
CA GLY B 182 40.21 8.51 -3.62
C GLY B 182 39.46 8.05 -4.85
N ALA B 183 38.15 7.96 -4.71
CA ALA B 183 37.31 7.53 -5.80
C ALA B 183 35.91 8.11 -5.61
N LYS B 184 35.17 8.17 -6.70
CA LYS B 184 33.76 8.58 -6.69
C LYS B 184 33.00 7.51 -7.47
N ALA B 185 31.97 6.94 -6.82
CA ALA B 185 31.27 5.80 -7.37
C ALA B 185 29.94 6.24 -8.00
N HIS B 186 29.42 5.42 -8.92
CA HIS B 186 28.07 5.62 -9.47
C HIS B 186 27.93 6.91 -10.26
N GLN B 187 28.98 7.33 -10.95
CA GLN B 187 29.04 8.69 -11.48
C GLN B 187 28.33 8.82 -12.82
N THR B 188 27.20 9.52 -12.81
CA THR B 188 26.32 9.66 -13.96
C THR B 188 27.01 10.49 -15.04
N GLY B 189 27.11 9.92 -16.24
CA GLY B 189 27.59 10.67 -17.40
C GLY B 189 29.02 11.19 -17.30
N CYS B 190 29.83 10.70 -16.37
CA CYS B 190 31.14 11.31 -16.14
C CYS B 190 32.05 11.27 -17.37
N ILE B 191 32.04 10.15 -18.10
CA ILE B 191 32.85 10.00 -19.30
C ILE B 191 32.32 10.89 -20.44
N ASN B 192 31.04 11.27 -20.35
CA ASN B 192 30.35 12.13 -21.29
C ASN B 192 30.47 13.62 -20.92
N SER B 193 31.20 13.93 -19.85
N SER B 193 31.21 13.92 -19.86
CA SER B 193 31.30 15.30 -19.36
CA SER B 193 31.32 15.29 -19.38
C SER B 193 32.64 15.94 -19.78
C SER B 193 32.58 15.95 -19.94
N HIS B 194 32.67 17.26 -19.69
CA HIS B 194 33.89 18.04 -19.92
C HIS B 194 34.64 18.32 -18.62
N TRP B 195 33.88 18.63 -17.56
CA TRP B 195 34.39 18.92 -16.22
C TRP B 195 33.59 18.11 -15.23
N ILE B 196 34.26 17.75 -14.12
CA ILE B 196 33.66 17.03 -13.03
C ILE B 196 33.98 17.78 -11.74
N ILE B 197 32.93 18.08 -10.97
CA ILE B 197 33.11 18.73 -9.67
C ILE B 197 33.07 17.67 -8.56
N LEU B 198 34.22 17.52 -7.89
CA LEU B 198 34.36 16.66 -6.74
C LEU B 198 33.80 17.39 -5.51
N MET B 199 32.98 16.70 -4.69
CA MET B 199 32.39 17.29 -3.51
C MET B 199 32.29 16.25 -2.40
N PRO B 200 32.47 16.62 -1.12
CA PRO B 200 32.32 15.65 -0.04
C PRO B 200 30.91 15.13 0.08
N THR B 201 30.76 13.93 0.64
CA THR B 201 29.44 13.27 0.61
C THR B 201 28.73 13.19 1.97
N ILE B 202 29.37 13.65 3.04
CA ILE B 202 28.94 13.40 4.41
C ILE B 202 29.36 14.59 5.27
N ARG B 203 28.57 14.83 6.34
CA ARG B 203 28.99 15.72 7.41
C ARG B 203 30.41 15.36 7.82
N LEU B 204 31.23 16.38 8.04
CA LEU B 204 32.63 16.14 8.39
C LEU B 204 32.92 16.77 9.75
N THR B 205 33.68 16.07 10.59
CA THR B 205 34.17 16.59 11.85
C THR B 205 35.59 17.15 11.65
N GLU B 206 36.17 17.75 12.70
CA GLU B 206 37.52 18.30 12.59
C GLU B 206 38.54 17.22 12.21
N SER B 207 38.35 15.98 12.68
N SER B 207 38.34 15.98 12.68
CA SER B 207 39.27 14.90 12.36
CA SER B 207 39.24 14.88 12.37
C SER B 207 39.23 14.55 10.87
C SER B 207 39.21 14.55 10.88
N ASP B 208 38.16 15.01 10.18
CA ASP B 208 37.96 14.74 8.77
C ASP B 208 38.36 15.92 7.86
N LYS B 209 39.15 16.88 8.38
CA LYS B 209 39.48 18.10 7.65
C LYS B 209 40.14 17.80 6.29
N ASP B 210 40.94 16.72 6.18
CA ASP B 210 41.62 16.43 4.91
C ASP B 210 40.65 16.03 3.81
N TRP B 211 39.42 15.66 4.19
CA TRP B 211 38.38 15.24 3.27
C TRP B 211 37.48 16.42 2.89
N ALA B 212 37.72 17.59 3.45
CA ALA B 212 36.93 18.79 3.12
C ALA B 212 37.48 19.48 1.88
N ILE B 213 37.25 18.86 0.73
CA ILE B 213 37.77 19.31 -0.54
C ILE B 213 36.66 19.30 -1.59
N VAL B 214 36.49 20.47 -2.23
CA VAL B 214 35.68 20.63 -3.41
C VAL B 214 36.60 21.15 -4.52
N GLY B 215 36.53 20.52 -5.70
CA GLY B 215 37.29 21.05 -6.81
C GLY B 215 36.85 20.50 -8.14
N ALA B 216 37.02 21.34 -9.15
CA ALA B 216 36.69 20.99 -10.51
C ALA B 216 37.91 20.46 -11.26
N ILE B 217 37.72 19.33 -11.95
CA ILE B 217 38.76 18.73 -12.76
C ILE B 217 38.22 18.49 -14.16
N PRO B 218 39.05 18.66 -15.19
CA PRO B 218 38.66 18.29 -16.54
C PRO B 218 38.54 16.78 -16.64
N ALA B 219 37.65 16.30 -17.49
CA ALA B 219 37.41 14.86 -17.57
C ALA B 219 38.68 14.13 -17.98
N ASP B 220 39.60 14.82 -18.68
CA ASP B 220 40.84 14.24 -19.18
C ASP B 220 42.04 14.50 -18.25
N ALA B 221 41.78 14.87 -16.99
CA ALA B 221 42.86 15.11 -16.03
C ALA B 221 43.77 13.89 -15.85
N LYS B 222 45.06 14.17 -15.68
CA LYS B 222 46.04 13.11 -15.40
C LYS B 222 45.79 12.53 -14.02
N GLY B 223 45.90 11.19 -13.91
CA GLY B 223 45.77 10.48 -12.62
C GLY B 223 44.36 9.92 -12.42
N VAL B 224 43.46 10.17 -13.37
CA VAL B 224 42.10 9.65 -13.35
C VAL B 224 42.00 8.37 -14.17
N THR B 225 41.35 7.34 -13.59
CA THR B 225 40.95 6.13 -14.30
C THR B 225 39.45 5.91 -14.09
N TYR B 226 38.74 5.61 -15.18
CA TYR B 226 37.31 5.31 -15.13
C TYR B 226 37.13 3.81 -15.29
N ILE B 227 36.26 3.22 -14.44
CA ILE B 227 35.86 1.85 -14.58
C ILE B 227 34.34 1.80 -14.76
N TYR B 228 33.94 1.39 -15.96
CA TYR B 228 32.56 1.46 -16.37
C TYR B 228 31.69 0.51 -15.58
N GLY B 229 30.47 0.94 -15.27
CA GLY B 229 29.54 0.04 -14.61
C GLY B 229 28.73 -0.77 -15.61
N ARG B 230 28.45 -2.03 -15.25
CA ARG B 230 27.52 -2.82 -16.04
C ARG B 230 26.09 -2.33 -15.81
N GLN B 231 25.20 -2.72 -16.70
CA GLN B 231 23.77 -2.51 -16.55
C GLN B 231 23.04 -3.77 -16.98
N SER B 232 21.88 -4.01 -16.37
CA SER B 232 21.00 -5.07 -16.83
C SER B 232 20.81 -4.98 -18.34
N CYS B 233 21.12 -6.05 -19.09
CA CYS B 233 20.91 -6.10 -20.54
C CYS B 233 21.86 -5.18 -21.30
N ASP B 234 22.97 -4.75 -20.66
CA ASP B 234 23.96 -3.86 -21.26
C ASP B 234 24.38 -4.29 -22.66
N THR B 235 24.76 -5.55 -22.79
CA THR B 235 25.38 -6.05 -24.01
C THR B 235 24.41 -6.20 -25.17
N ARG B 236 23.10 -6.01 -24.95
CA ARG B 236 22.19 -6.02 -26.09
C ARG B 236 22.57 -4.90 -27.06
N SER B 237 23.11 -3.81 -26.54
N SER B 237 23.13 -3.81 -26.54
CA SER B 237 23.55 -2.68 -27.34
CA SER B 237 23.53 -2.68 -27.35
C SER B 237 24.64 -3.09 -28.34
C SER B 237 24.68 -3.04 -28.29
N MET B 238 25.44 -4.09 -27.95
CA MET B 238 26.57 -4.55 -28.73
C MET B 238 26.20 -5.61 -29.75
N GLU B 239 24.98 -6.15 -29.67
CA GLU B 239 24.45 -7.08 -30.65
C GLU B 239 23.94 -6.32 -31.87
N GLU B 240 24.04 -6.95 -33.03
CA GLU B 240 23.42 -6.48 -34.23
C GLU B 240 21.91 -6.49 -33.99
N GLY B 241 21.24 -5.50 -34.53
CA GLY B 241 19.79 -5.40 -34.42
C GLY B 241 19.41 -4.48 -33.27
N ASP B 242 18.34 -3.71 -33.45
CA ASP B 242 17.97 -2.69 -32.49
C ASP B 242 16.70 -3.01 -31.70
N ILE B 243 15.93 -4.02 -32.12
CA ILE B 243 14.64 -4.30 -31.51
C ILE B 243 14.84 -4.71 -30.04
N ASP B 244 15.78 -5.61 -29.77
CA ASP B 244 15.86 -6.22 -28.44
C ASP B 244 16.37 -5.23 -27.39
N ASP B 245 16.98 -4.11 -27.84
CA ASP B 245 17.42 -3.08 -26.93
C ASP B 245 16.24 -2.33 -26.28
N GLY B 246 15.05 -2.33 -26.94
CA GLY B 246 13.87 -1.63 -26.45
C GLY B 246 13.89 -0.15 -26.79
N ASN B 247 14.82 0.55 -26.18
CA ASN B 247 15.13 1.93 -26.49
C ASN B 247 16.55 1.92 -27.02
N ALA B 248 16.68 1.86 -28.35
CA ALA B 248 18.01 1.67 -28.93
C ALA B 248 18.82 2.97 -28.96
N LYS B 249 18.14 4.12 -29.02
N LYS B 249 18.14 4.12 -29.02
CA LYS B 249 18.85 5.37 -29.26
CA LYS B 249 18.85 5.37 -29.26
C LYS B 249 19.43 5.96 -27.97
C LYS B 249 19.43 5.96 -27.97
N PHE B 250 18.80 5.68 -26.82
CA PHE B 250 19.13 6.38 -25.59
C PHE B 250 19.30 5.44 -24.40
N GLY B 251 20.24 5.82 -23.54
CA GLY B 251 20.49 5.13 -22.29
C GLY B 251 21.27 6.01 -21.33
N GLY B 252 21.59 5.43 -20.18
CA GLY B 252 22.39 6.12 -19.17
C GLY B 252 23.79 5.54 -19.05
N GLN B 253 24.58 6.14 -18.17
CA GLN B 253 26.00 5.82 -18.01
C GLN B 253 26.39 6.08 -16.55
N GLU B 254 27.01 5.07 -15.95
N GLU B 254 27.00 5.07 -15.91
CA GLU B 254 27.66 5.20 -14.66
CA GLU B 254 27.64 5.28 -14.60
C GLU B 254 29.07 4.64 -14.76
C GLU B 254 29.00 4.55 -14.56
N ALA B 255 29.99 5.22 -13.97
CA ALA B 255 31.33 4.67 -13.83
C ALA B 255 31.90 5.05 -12.45
N LEU B 256 32.88 4.24 -12.04
CA LEU B 256 33.71 4.51 -10.90
C LEU B 256 34.91 5.34 -11.37
N ILE B 257 35.09 6.50 -10.73
CA ILE B 257 36.19 7.42 -11.01
C ILE B 257 37.26 7.21 -9.94
N ILE B 258 38.42 6.72 -10.34
CA ILE B 258 39.58 6.56 -9.48
C ILE B 258 40.48 7.78 -9.63
N LEU B 259 40.89 8.33 -8.47
CA LEU B 259 41.74 9.50 -8.43
C LEU B 259 43.06 9.12 -7.77
N ASP B 260 44.17 9.30 -8.50
CA ASP B 260 45.51 9.01 -7.97
C ASP B 260 46.36 10.27 -8.05
N ARG B 261 46.43 11.04 -6.96
CA ARG B 261 47.24 12.25 -6.87
C ARG B 261 46.89 13.21 -8.00
N VAL B 262 45.58 13.44 -8.17
CA VAL B 262 45.11 14.31 -9.21
C VAL B 262 45.32 15.76 -8.77
N PHE B 263 45.89 16.57 -9.66
CA PHE B 263 46.19 17.96 -9.35
C PHE B 263 44.98 18.85 -9.63
N ILE B 264 44.69 19.72 -8.67
CA ILE B 264 43.68 20.73 -8.81
C ILE B 264 44.30 22.08 -8.50
N PRO B 265 44.41 23.01 -9.49
CA PRO B 265 44.98 24.30 -9.19
C PRO B 265 44.07 25.14 -8.31
N TRP B 266 44.62 26.11 -7.59
CA TRP B 266 43.83 26.91 -6.66
C TRP B 266 42.58 27.49 -7.29
N ASP B 267 42.65 27.97 -8.52
CA ASP B 267 41.50 28.62 -9.13
C ASP B 267 40.32 27.64 -9.32
N LYS B 268 40.53 26.33 -9.17
CA LYS B 268 39.44 25.37 -9.35
C LYS B 268 39.12 24.66 -8.04
N VAL B 269 39.64 25.19 -6.92
CA VAL B 269 39.34 24.74 -5.58
C VAL B 269 38.27 25.64 -4.94
N PHE B 270 37.15 25.01 -4.55
CA PHE B 270 36.04 25.79 -4.01
C PHE B 270 35.76 25.48 -2.53
N MET B 271 36.59 24.62 -1.92
CA MET B 271 36.56 24.33 -0.49
C MET B 271 37.88 23.65 -0.18
N HIS B 272 38.52 24.06 0.91
CA HIS B 272 39.85 23.62 1.27
C HIS B 272 39.94 23.64 2.80
N GLY B 273 39.40 22.61 3.44
CA GLY B 273 39.58 22.36 4.86
C GLY B 273 38.45 22.90 5.76
N GLU B 274 37.48 23.62 5.18
CA GLU B 274 36.38 24.17 5.99
C GLU B 274 35.30 23.09 6.18
N TYR B 275 35.63 22.12 7.02
CA TYR B 275 34.87 20.90 7.20
C TYR B 275 33.44 21.14 7.66
N GLU B 276 33.20 22.25 8.37
CA GLU B 276 31.90 22.52 8.95
C GLU B 276 30.89 22.90 7.87
N PHE B 277 31.36 23.19 6.65
CA PHE B 277 30.46 23.49 5.55
C PHE B 277 30.13 22.29 4.68
N ALA B 278 30.71 21.11 4.96
CA ALA B 278 30.38 19.95 4.14
C ALA B 278 28.90 19.61 4.24
N SER B 279 28.34 19.66 5.46
N SER B 279 28.35 19.65 5.46
CA SER B 279 26.95 19.30 5.67
CA SER B 279 26.95 19.34 5.69
C SER B 279 26.01 20.29 4.96
C SER B 279 26.07 20.28 4.87
N MET B 280 26.41 21.58 4.87
CA MET B 280 25.64 22.59 4.14
C MET B 280 25.59 22.26 2.64
N LEU B 281 26.76 21.94 2.08
CA LEU B 281 26.84 21.58 0.67
C LEU B 281 26.00 20.36 0.36
N VAL B 282 26.15 19.31 1.17
CA VAL B 282 25.37 18.10 0.95
C VAL B 282 23.86 18.36 1.04
N GLU B 283 23.47 19.11 2.07
CA GLU B 283 22.06 19.43 2.26
C GLU B 283 21.49 20.15 1.04
N ARG B 284 22.21 21.16 0.56
CA ARG B 284 21.69 21.97 -0.53
C ARG B 284 21.73 21.27 -1.87
N PHE B 285 22.78 20.49 -2.11
CA PHE B 285 22.85 19.69 -3.31
C PHE B 285 21.67 18.70 -3.33
N THR B 286 21.48 17.98 -2.24
CA THR B 286 20.36 17.03 -2.17
C THR B 286 19.00 17.71 -2.19
N CYS B 287 18.89 18.90 -1.63
CA CYS B 287 17.67 19.67 -1.72
C CYS B 287 17.26 19.82 -3.19
N TYR B 288 18.16 20.38 -4.02
CA TYR B 288 17.82 20.53 -5.44
C TYR B 288 17.55 19.16 -6.08
N HIS B 289 18.48 18.22 -5.87
CA HIS B 289 18.49 17.03 -6.68
C HIS B 289 17.30 16.11 -6.35
N ARG B 290 16.84 16.15 -5.10
CA ARG B 290 15.69 15.36 -4.70
C ARG B 290 14.40 15.78 -5.43
N ARG B 291 14.28 17.02 -5.93
CA ARG B 291 13.16 17.30 -6.80
C ARG B 291 13.48 17.44 -8.28
N SER B 292 14.73 17.22 -8.69
CA SER B 292 15.06 16.99 -10.08
C SER B 292 14.45 15.68 -10.57
N TYR B 293 14.06 14.79 -9.63
CA TYR B 293 13.34 13.54 -9.92
C TYR B 293 11.99 13.71 -10.60
N VAL B 294 11.56 14.93 -10.84
CA VAL B 294 10.55 15.22 -11.88
C VAL B 294 10.93 14.56 -13.20
N CYS B 295 12.24 14.43 -13.48
CA CYS B 295 12.65 13.76 -14.71
C CYS B 295 11.97 12.40 -14.85
N LYS B 296 11.80 11.71 -13.72
CA LYS B 296 11.25 10.37 -13.79
C LYS B 296 9.77 10.37 -14.18
N THR B 297 9.11 11.50 -14.09
CA THR B 297 7.72 11.58 -14.53
C THR B 297 7.62 11.61 -16.05
N GLY B 298 8.65 12.13 -16.73
CA GLY B 298 8.70 11.96 -18.19
C GLY B 298 8.91 10.51 -18.63
N LEU B 299 9.75 9.80 -17.90
CA LEU B 299 9.86 8.35 -18.10
C LEU B 299 8.55 7.63 -17.79
N GLY B 300 7.86 8.07 -16.74
CA GLY B 300 6.55 7.51 -16.42
C GLY B 300 5.58 7.71 -17.59
N ASP B 301 5.61 8.92 -18.22
CA ASP B 301 4.75 9.20 -19.37
C ASP B 301 5.00 8.19 -20.51
N VAL B 302 6.27 7.87 -20.76
CA VAL B 302 6.64 6.93 -21.82
C VAL B 302 6.12 5.54 -21.48
N LEU B 303 6.32 5.14 -20.21
CA LEU B 303 5.92 3.79 -19.79
C LEU B 303 4.40 3.60 -19.83
N ILE B 304 3.67 4.64 -19.42
CA ILE B 304 2.23 4.66 -19.54
C ILE B 304 1.83 4.52 -21.00
N GLY B 305 2.47 5.30 -21.86
CA GLY B 305 2.19 5.21 -23.28
C GLY B 305 2.48 3.83 -23.86
N ALA B 306 3.53 3.17 -23.38
CA ALA B 306 3.89 1.84 -23.84
C ALA B 306 2.82 0.84 -23.39
N ALA B 307 2.37 0.96 -22.14
CA ALA B 307 1.33 0.09 -21.62
C ALA B 307 0.02 0.26 -22.42
N ALA B 308 -0.34 1.50 -22.73
CA ALA B 308 -1.55 1.76 -23.50
C ALA B 308 -1.43 1.20 -24.91
N THR B 309 -0.21 1.31 -25.49
CA THR B 309 0.03 0.81 -26.84
C THR B 309 -0.13 -0.74 -26.86
N ILE B 310 0.49 -1.46 -25.93
CA ILE B 310 0.38 -2.92 -25.94
C ILE B 310 -1.07 -3.34 -25.71
N ALA B 311 -1.81 -2.65 -24.84
CA ALA B 311 -3.21 -3.00 -24.65
C ALA B 311 -3.97 -2.88 -25.98
N ASP B 312 -3.72 -1.79 -26.72
CA ASP B 312 -4.30 -1.57 -28.05
C ASP B 312 -3.97 -2.74 -28.98
N TYR B 313 -2.68 -3.07 -29.08
CA TYR B 313 -2.21 -4.13 -29.95
C TYR B 313 -2.79 -5.50 -29.60
N ASN B 314 -3.04 -5.71 -28.32
CA ASN B 314 -3.58 -6.95 -27.80
C ASN B 314 -5.09 -7.02 -28.05
N GLY B 315 -5.74 -5.91 -28.37
CA GLY B 315 -7.18 -5.98 -28.62
C GLY B 315 -8.07 -5.66 -27.42
N VAL B 316 -7.49 -5.16 -26.32
CA VAL B 316 -8.25 -4.88 -25.13
C VAL B 316 -7.94 -3.48 -24.56
N PRO B 317 -7.92 -2.41 -25.37
CA PRO B 317 -7.57 -1.12 -24.82
C PRO B 317 -8.60 -0.51 -23.88
N LYS B 318 -9.86 -0.88 -24.04
CA LYS B 318 -10.90 -0.18 -23.31
C LYS B 318 -11.52 -1.04 -22.19
N VAL B 319 -10.94 -2.19 -21.88
CA VAL B 319 -11.44 -3.00 -20.80
C VAL B 319 -11.24 -2.24 -19.48
N SER B 320 -12.22 -2.37 -18.58
N SER B 320 -12.20 -2.40 -18.56
CA SER B 320 -12.23 -1.51 -17.40
CA SER B 320 -12.28 -1.54 -17.39
C SER B 320 -10.96 -1.65 -16.57
C SER B 320 -11.04 -1.66 -16.49
N HIS B 321 -10.50 -2.87 -16.31
CA HIS B 321 -9.36 -3.01 -15.41
C HIS B 321 -8.09 -2.38 -15.98
N ILE B 322 -7.92 -2.46 -17.29
CA ILE B 322 -6.75 -1.86 -17.93
C ILE B 322 -6.85 -0.34 -17.84
N LYS B 323 -8.04 0.19 -18.15
CA LYS B 323 -8.22 1.62 -18.02
C LYS B 323 -7.90 2.11 -16.61
N ASP B 324 -8.35 1.35 -15.61
CA ASP B 324 -8.16 1.71 -14.24
C ASP B 324 -6.68 1.68 -13.86
N LYS B 325 -5.94 0.69 -14.36
CA LYS B 325 -4.51 0.62 -14.08
C LYS B 325 -3.76 1.79 -14.73
N ILE B 326 -4.16 2.19 -15.93
N ILE B 326 -4.13 2.12 -15.98
CA ILE B 326 -3.48 3.31 -16.58
CA ILE B 326 -3.56 3.31 -16.64
C ILE B 326 -3.81 4.62 -15.88
C ILE B 326 -3.78 4.56 -15.77
N ILE B 327 -5.03 4.75 -15.31
CA ILE B 327 -5.34 5.84 -14.40
C ILE B 327 -4.45 5.82 -13.17
N GLU B 328 -4.27 4.64 -12.55
CA GLU B 328 -3.43 4.56 -11.37
C GLU B 328 -1.99 4.99 -11.66
N MET B 329 -1.44 4.48 -12.76
CA MET B 329 -0.09 4.86 -13.16
C MET B 329 -0.02 6.40 -13.28
N THR B 330 -1.03 6.99 -13.91
CA THR B 330 -1.01 8.43 -14.20
C THR B 330 -1.05 9.20 -12.87
N HIS B 331 -1.90 8.74 -11.95
CA HIS B 331 -2.09 9.38 -10.65
C HIS B 331 -0.78 9.35 -9.84
N LEU B 332 -0.15 8.16 -9.75
CA LEU B 332 1.12 8.05 -9.03
C LEU B 332 2.21 8.94 -9.66
N ASN B 333 2.27 8.93 -11.00
CA ASN B 333 3.25 9.75 -11.71
C ASN B 333 3.05 11.25 -11.45
N GLU B 334 1.79 11.69 -11.50
CA GLU B 334 1.46 13.09 -11.26
C GLU B 334 1.70 13.50 -9.81
N THR B 335 1.58 12.56 -8.87
CA THR B 335 1.81 12.86 -7.48
C THR B 335 3.30 13.27 -7.34
N ILE B 336 4.21 12.51 -7.98
CA ILE B 336 5.62 12.87 -7.98
C ILE B 336 5.84 14.27 -8.60
N PHE B 337 5.26 14.47 -9.78
CA PHE B 337 5.41 15.75 -10.46
C PHE B 337 4.98 16.91 -9.56
N ALA B 338 3.80 16.80 -8.95
CA ALA B 338 3.25 17.86 -8.11
C ALA B 338 4.18 18.20 -6.95
N ALA B 339 4.75 17.19 -6.29
CA ALA B 339 5.64 17.44 -5.17
C ALA B 339 6.86 18.23 -5.64
N GLY B 340 7.42 17.82 -6.78
CA GLY B 340 8.61 18.46 -7.31
C GLY B 340 8.36 19.91 -7.65
N ILE B 341 7.33 20.15 -8.45
CA ILE B 341 7.03 21.52 -8.85
C ILE B 341 6.55 22.37 -7.68
N ALA B 342 5.89 21.80 -6.67
CA ALA B 342 5.56 22.55 -5.46
C ALA B 342 6.84 23.00 -4.75
N SER B 343 7.83 22.08 -4.63
CA SER B 343 9.12 22.44 -4.04
C SER B 343 9.73 23.65 -4.74
N SER B 344 9.77 23.59 -6.06
CA SER B 344 10.35 24.65 -6.89
C SER B 344 9.59 25.95 -6.70
N HIS B 345 8.25 25.88 -6.82
CA HIS B 345 7.39 27.05 -6.70
C HIS B 345 7.62 27.75 -5.36
N GLN B 346 7.91 26.96 -4.31
CA GLN B 346 8.10 27.48 -2.97
C GLN B 346 9.54 27.89 -2.70
N GLY B 347 10.39 28.05 -3.73
CA GLY B 347 11.79 28.40 -3.52
C GLY B 347 11.99 29.79 -2.92
N GLN B 348 13.15 29.97 -2.28
CA GLN B 348 13.50 31.18 -1.58
C GLN B 348 14.93 31.58 -1.92
N LYS B 349 15.18 32.89 -1.85
CA LYS B 349 16.47 33.48 -2.18
C LYS B 349 17.48 33.23 -1.07
N MET B 350 18.67 32.77 -1.46
CA MET B 350 19.80 32.62 -0.57
C MET B 350 20.62 33.89 -0.51
N LYS B 351 21.54 33.98 0.45
CA LYS B 351 22.42 35.12 0.59
C LYS B 351 23.17 35.45 -0.71
N SER B 352 23.60 34.43 -1.47
CA SER B 352 24.41 34.68 -2.67
C SER B 352 23.56 35.17 -3.83
N GLY B 353 22.22 35.04 -3.71
CA GLY B 353 21.28 35.48 -4.74
C GLY B 353 20.60 34.33 -5.48
N VAL B 354 21.17 33.12 -5.38
CA VAL B 354 20.57 31.97 -6.01
C VAL B 354 19.31 31.60 -5.20
N TYR B 355 18.31 31.08 -5.93
CA TYR B 355 17.10 30.50 -5.33
C TYR B 355 17.31 29.03 -5.00
N LEU B 356 16.85 28.66 -3.80
CA LEU B 356 16.83 27.28 -3.35
C LEU B 356 15.38 26.83 -3.17
N ASN B 357 15.04 25.68 -3.75
CA ASN B 357 13.71 25.10 -3.63
C ASN B 357 13.46 24.67 -2.18
N ASP B 358 12.19 24.40 -1.89
CA ASP B 358 11.75 24.02 -0.55
C ASP B 358 12.25 22.63 -0.18
N ASP B 359 13.08 22.55 0.87
CA ASP B 359 13.75 21.31 1.21
C ASP B 359 12.73 20.22 1.62
N MET B 360 11.75 20.56 2.44
CA MET B 360 10.77 19.58 2.93
C MET B 360 10.04 18.95 1.74
N LEU B 361 9.54 19.79 0.83
CA LEU B 361 8.80 19.27 -0.31
C LEU B 361 9.70 18.47 -1.26
N ALA B 362 11.00 18.80 -1.34
CA ALA B 362 11.93 17.97 -2.10
C ALA B 362 11.97 16.57 -1.51
N GLN B 363 12.05 16.48 -0.17
CA GLN B 363 12.10 15.18 0.48
C GLN B 363 10.88 14.34 0.10
N VAL B 364 9.72 14.97 0.06
CA VAL B 364 8.50 14.29 -0.27
C VAL B 364 8.48 13.79 -1.72
N CYS B 365 8.95 14.64 -2.65
CA CYS B 365 9.11 14.27 -4.04
C CYS B 365 9.95 12.99 -4.14
N LYS B 366 11.17 13.08 -3.63
CA LYS B 366 12.13 11.97 -3.69
C LYS B 366 11.56 10.73 -2.99
N HIS B 367 10.97 10.92 -1.82
CA HIS B 367 10.51 9.74 -1.08
C HIS B 367 9.44 8.99 -1.87
N ASN B 368 8.54 9.72 -2.52
CA ASN B 368 7.57 9.11 -3.40
C ASN B 368 8.24 8.43 -4.61
N VAL B 369 9.28 9.07 -5.19
N VAL B 369 9.32 9.02 -5.13
CA VAL B 369 10.07 8.48 -6.25
CA VAL B 369 9.98 8.42 -6.28
C VAL B 369 10.66 7.11 -5.87
C VAL B 369 10.74 7.14 -5.88
N THR B 370 10.99 6.91 -4.58
CA THR B 370 11.57 5.62 -4.15
C THR B 370 10.54 4.49 -4.19
N ARG B 371 9.24 4.86 -4.29
CA ARG B 371 8.13 3.92 -4.21
C ARG B 371 7.40 3.74 -5.54
N PHE B 372 6.97 4.83 -6.15
CA PHE B 372 5.96 4.73 -7.19
C PHE B 372 6.46 4.16 -8.52
N PRO B 373 7.71 4.43 -9.00
CA PRO B 373 8.20 3.81 -10.24
C PRO B 373 8.06 2.28 -10.20
N TYR B 374 8.26 1.70 -9.01
CA TYR B 374 8.17 0.26 -8.87
C TYR B 374 6.74 -0.24 -9.12
N GLU B 375 5.74 0.52 -8.66
CA GLU B 375 4.35 0.17 -8.90
C GLU B 375 3.95 0.44 -10.36
N ILE B 376 4.42 1.58 -10.93
CA ILE B 376 4.12 1.85 -12.33
C ILE B 376 4.68 0.71 -13.21
N SER B 377 5.90 0.25 -12.91
N SER B 377 5.90 0.27 -12.90
CA SER B 377 6.51 -0.84 -13.65
CA SER B 377 6.54 -0.83 -13.59
C SER B 377 5.70 -2.14 -13.48
C SER B 377 5.72 -2.12 -13.48
N ARG B 378 5.28 -2.43 -12.26
CA ARG B 378 4.49 -3.65 -12.03
C ARG B 378 3.21 -3.62 -12.87
N LEU B 379 2.49 -2.48 -12.86
CA LEU B 379 1.25 -2.35 -13.61
C LEU B 379 1.51 -2.48 -15.12
N ALA B 380 2.58 -1.87 -15.62
CA ALA B 380 2.94 -2.04 -17.03
C ALA B 380 3.13 -3.51 -17.43
N GLN B 381 3.79 -4.29 -16.54
CA GLN B 381 4.03 -5.70 -16.81
C GLN B 381 2.71 -6.49 -16.82
N ASP B 382 1.76 -6.08 -15.96
CA ASP B 382 0.44 -6.70 -15.92
C ASP B 382 -0.25 -6.48 -17.26
N ILE B 383 -0.26 -5.23 -17.73
CA ILE B 383 -0.95 -4.91 -18.96
C ILE B 383 -0.30 -5.59 -20.19
N ALA B 384 1.02 -5.68 -20.21
CA ALA B 384 1.75 -6.24 -21.34
C ALA B 384 1.47 -7.72 -21.57
N GLY B 385 1.38 -8.49 -20.49
CA GLY B 385 1.28 -9.93 -20.59
C GLY B 385 2.66 -10.62 -20.57
N GLY B 386 2.63 -11.95 -20.67
CA GLY B 386 3.81 -12.75 -20.46
C GLY B 386 4.90 -12.59 -21.50
N LEU B 387 4.52 -12.18 -22.72
CA LEU B 387 5.47 -12.03 -23.79
C LEU B 387 6.51 -10.96 -23.48
N VAL B 388 6.25 -10.10 -22.51
CA VAL B 388 7.21 -9.07 -22.16
C VAL B 388 8.51 -9.73 -21.70
N VAL B 389 8.46 -10.97 -21.16
CA VAL B 389 9.65 -11.66 -20.73
C VAL B 389 9.95 -12.95 -21.50
N THR B 390 9.09 -13.43 -22.40
CA THR B 390 9.33 -14.67 -23.10
C THR B 390 9.48 -14.46 -24.61
N LEU B 391 9.57 -13.21 -25.06
CA LEU B 391 9.66 -12.90 -26.47
C LEU B 391 10.97 -13.46 -27.06
N PRO B 392 10.92 -14.18 -28.19
CA PRO B 392 12.18 -14.55 -28.87
C PRO B 392 12.97 -13.35 -29.40
N SER B 393 14.26 -13.58 -29.67
CA SER B 393 15.19 -12.56 -30.14
C SER B 393 14.81 -12.08 -31.54
N GLU B 394 15.31 -10.88 -31.84
CA GLU B 394 15.23 -10.36 -33.20
C GLU B 394 15.88 -11.29 -34.23
N LYS B 395 16.99 -11.95 -33.86
CA LYS B 395 17.63 -12.88 -34.77
C LYS B 395 16.68 -14.02 -35.13
N ASP B 396 15.83 -14.47 -34.20
CA ASP B 396 14.81 -15.45 -34.51
C ASP B 396 13.74 -14.84 -35.43
N PHE B 397 13.32 -13.62 -35.13
CA PHE B 397 12.32 -12.94 -35.97
C PHE B 397 12.81 -12.77 -37.42
N ARG B 398 14.13 -12.62 -37.63
CA ARG B 398 14.66 -12.37 -38.96
C ARG B 398 15.10 -13.67 -39.64
N HIS B 399 14.95 -14.80 -38.93
CA HIS B 399 15.36 -16.09 -39.47
C HIS B 399 14.39 -16.49 -40.57
N PRO B 400 14.84 -17.14 -41.67
CA PRO B 400 13.95 -17.47 -42.78
C PRO B 400 12.85 -18.48 -42.48
N GLU B 401 13.05 -19.28 -41.43
CA GLU B 401 12.07 -20.27 -41.01
C GLU B 401 11.32 -19.84 -39.74
N ALA B 402 12.08 -19.49 -38.70
CA ALA B 402 11.47 -19.07 -37.44
C ALA B 402 10.70 -17.75 -37.57
N GLY B 403 11.18 -16.86 -38.46
CA GLY B 403 10.63 -15.53 -38.60
C GLY B 403 9.17 -15.58 -39.03
N PRO B 404 8.85 -16.28 -40.14
CA PRO B 404 7.46 -16.40 -40.55
C PRO B 404 6.54 -17.02 -39.51
N LEU B 405 7.09 -17.96 -38.70
CA LEU B 405 6.29 -18.56 -37.65
C LEU B 405 5.96 -17.52 -36.59
N LEU B 406 6.91 -16.64 -36.25
CA LEU B 406 6.69 -15.59 -35.27
C LEU B 406 5.73 -14.53 -35.82
N LYS B 407 5.85 -14.20 -37.10
N LYS B 407 5.84 -14.21 -37.11
CA LYS B 407 4.93 -13.25 -37.71
CA LYS B 407 4.94 -13.26 -37.73
C LYS B 407 3.51 -13.78 -37.65
C LYS B 407 3.51 -13.78 -37.70
N LYS B 408 3.35 -15.09 -37.83
CA LYS B 408 2.03 -15.70 -37.73
C LYS B 408 1.51 -15.74 -36.29
N TYR B 409 2.31 -16.34 -35.39
CA TYR B 409 1.82 -16.70 -34.09
C TYR B 409 1.81 -15.57 -33.08
N LEU B 410 2.60 -14.50 -33.29
CA LEU B 410 2.62 -13.42 -32.32
C LEU B 410 1.74 -12.25 -32.76
N ALA B 411 0.82 -12.54 -33.67
CA ALA B 411 -0.22 -11.59 -34.04
C ALA B 411 -0.96 -11.09 -32.80
N GLY B 412 -1.37 -9.83 -32.87
CA GLY B 412 -2.34 -9.27 -31.94
C GLY B 412 -3.66 -9.11 -32.67
N ARG B 413 -4.33 -7.99 -32.44
CA ARG B 413 -5.54 -7.72 -33.20
C ARG B 413 -5.21 -7.54 -34.67
N LYS B 414 -6.21 -7.74 -35.52
CA LYS B 414 -6.03 -7.61 -36.96
C LYS B 414 -5.49 -6.22 -37.29
N GLY B 415 -4.47 -6.18 -38.17
CA GLY B 415 -3.97 -4.92 -38.68
C GLY B 415 -2.71 -4.45 -37.95
N VAL B 416 -2.41 -5.07 -36.82
CA VAL B 416 -1.23 -4.71 -36.07
C VAL B 416 -0.03 -5.42 -36.67
N ASP B 417 1.02 -4.67 -36.98
CA ASP B 417 2.25 -5.26 -37.44
C ASP B 417 2.96 -5.93 -36.27
N VAL B 418 3.33 -7.21 -36.45
CA VAL B 418 3.94 -7.96 -35.37
C VAL B 418 5.26 -7.34 -34.95
N GLU B 419 5.97 -6.69 -35.88
CA GLU B 419 7.22 -6.07 -35.50
C GLU B 419 6.96 -4.93 -34.49
N ASN B 420 5.86 -4.20 -34.70
CA ASN B 420 5.52 -3.14 -33.76
C ASN B 420 5.14 -3.67 -32.38
N ARG B 421 4.42 -4.80 -32.33
CA ARG B 421 4.10 -5.43 -31.05
C ARG B 421 5.39 -5.87 -30.34
N MET B 422 6.31 -6.49 -31.09
CA MET B 422 7.61 -6.86 -30.54
C MET B 422 8.35 -5.65 -29.98
N ARG B 423 8.37 -4.57 -30.75
CA ARG B 423 9.12 -3.39 -30.33
C ARG B 423 8.58 -2.80 -29.02
N ILE B 424 7.25 -2.69 -28.91
CA ILE B 424 6.68 -2.07 -27.72
C ILE B 424 6.91 -2.96 -26.49
N LEU B 425 6.85 -4.27 -26.69
CA LEU B 425 7.15 -5.20 -25.59
C LEU B 425 8.59 -5.03 -25.11
N ARG B 426 9.54 -4.90 -26.06
CA ARG B 426 10.94 -4.69 -25.70
C ARG B 426 11.15 -3.38 -24.96
N LEU B 427 10.40 -2.35 -25.35
CA LEU B 427 10.50 -1.07 -24.64
C LEU B 427 10.09 -1.25 -23.17
N ILE B 428 8.97 -1.95 -22.94
CA ILE B 428 8.50 -2.22 -21.60
C ILE B 428 9.53 -3.05 -20.81
N GLU B 429 10.11 -4.10 -21.42
CA GLU B 429 11.17 -4.86 -20.79
C GLU B 429 12.37 -3.98 -20.44
N ASN B 430 12.75 -3.08 -21.36
CA ASN B 430 13.92 -2.23 -21.17
C ASN B 430 13.75 -1.33 -19.95
N MET B 431 12.51 -0.84 -19.74
CA MET B 431 12.24 0.12 -18.69
C MET B 431 11.95 -0.50 -17.31
N THR B 432 11.62 -1.78 -17.28
CA THR B 432 11.18 -2.43 -16.04
C THR B 432 12.18 -3.46 -15.56
N LEU B 433 12.94 -4.09 -16.48
CA LEU B 433 13.98 -5.08 -16.14
C LEU B 433 15.35 -4.78 -16.70
N GLY B 434 15.45 -4.05 -17.82
CA GLY B 434 16.68 -3.92 -18.58
C GLY B 434 17.41 -2.60 -18.33
N ARG B 435 18.06 -2.12 -19.38
CA ARG B 435 19.07 -1.08 -19.18
C ARG B 435 18.46 0.19 -18.60
N ASN B 436 17.25 0.56 -19.04
CA ASN B 436 16.67 1.80 -18.54
C ASN B 436 15.99 1.65 -17.18
N ALA B 437 15.77 0.41 -16.71
CA ALA B 437 15.30 0.17 -15.35
C ALA B 437 16.34 0.55 -14.30
N VAL B 438 17.63 0.52 -14.69
CA VAL B 438 18.67 0.97 -13.80
C VAL B 438 18.35 2.37 -13.34
N GLY B 439 17.97 3.23 -14.28
CA GLY B 439 17.66 4.58 -13.92
C GLY B 439 16.25 4.71 -13.34
N TYR B 440 15.28 4.08 -13.99
CA TYR B 440 13.88 4.31 -13.65
C TYR B 440 13.58 3.78 -12.23
N LEU B 441 14.14 2.61 -11.91
CA LEU B 441 13.91 1.97 -10.63
C LEU B 441 15.03 2.26 -9.65
N THR B 442 16.21 1.72 -9.88
CA THR B 442 17.24 1.74 -8.85
C THR B 442 17.80 3.13 -8.58
N GLU B 443 17.94 3.96 -9.61
CA GLU B 443 18.36 5.32 -9.37
C GLU B 443 17.25 6.14 -8.69
N SER B 444 15.98 5.87 -9.01
CA SER B 444 14.88 6.43 -8.23
C SER B 444 15.05 6.11 -6.74
N MET B 445 15.42 4.86 -6.44
CA MET B 445 15.67 4.42 -5.08
C MET B 445 16.81 5.17 -4.39
N HIS B 446 17.98 5.26 -5.03
CA HIS B 446 19.20 5.69 -4.32
C HIS B 446 19.72 7.08 -4.73
N GLY B 447 19.32 7.59 -5.87
CA GLY B 447 19.86 8.88 -6.32
C GLY B 447 19.58 10.00 -5.31
N ALA B 448 20.59 10.81 -5.00
CA ALA B 448 20.57 11.80 -3.95
C ALA B 448 20.24 11.24 -2.60
N GLY B 449 20.53 9.94 -2.40
CA GLY B 449 20.41 9.32 -1.11
C GLY B 449 19.31 8.26 -1.08
N SER B 450 19.58 7.24 -0.28
CA SER B 450 18.66 6.17 -0.07
C SER B 450 17.42 6.67 0.70
N PRO B 451 16.32 5.87 0.77
CA PRO B 451 15.12 6.33 1.44
C PRO B 451 15.30 6.87 2.86
N GLN B 452 16.16 6.17 3.64
CA GLN B 452 16.35 6.57 5.02
C GLN B 452 16.87 8.01 5.13
N ALA B 453 17.68 8.42 4.17
CA ALA B 453 18.20 9.79 4.17
C ALA B 453 17.08 10.84 4.11
N GLN B 454 16.05 10.56 3.30
CA GLN B 454 14.92 11.47 3.23
C GLN B 454 14.15 11.50 4.53
N ARG B 455 13.99 10.31 5.17
CA ARG B 455 13.26 10.23 6.40
C ARG B 455 13.93 11.07 7.49
N ILE B 456 15.25 11.00 7.59
CA ILE B 456 15.97 11.78 8.58
C ILE B 456 15.83 13.29 8.31
N GLN B 457 15.81 13.68 7.03
CA GLN B 457 15.68 15.10 6.72
C GLN B 457 14.24 15.59 6.98
N ILE B 458 13.23 14.75 6.72
CA ILE B 458 11.86 15.08 7.08
C ILE B 458 11.79 15.26 8.59
N GLN B 459 12.35 14.31 9.35
CA GLN B 459 12.36 14.39 10.80
C GLN B 459 12.92 15.70 11.32
N ARG B 460 14.00 16.16 10.68
CA ARG B 460 14.64 17.41 11.09
C ARG B 460 13.73 18.64 10.89
N GLN B 461 12.80 18.60 9.94
CA GLN B 461 12.00 19.75 9.59
C GLN B 461 10.51 19.66 9.93
N MET B 462 10.07 18.57 10.56
CA MET B 462 8.66 18.27 10.67
C MET B 462 7.98 18.94 11.88
N GLN B 463 8.73 19.72 12.68
CA GLN B 463 8.17 20.60 13.70
C GLN B 463 7.14 19.89 14.60
N VAL B 464 7.61 18.79 15.17
CA VAL B 464 6.82 18.00 16.08
C VAL B 464 6.36 18.82 17.30
N GLY B 465 7.24 19.64 17.88
CA GLY B 465 6.84 20.43 19.03
C GLY B 465 5.73 21.42 18.73
N TYR B 466 5.85 22.10 17.58
CA TYR B 466 4.80 22.98 17.12
C TYR B 466 3.47 22.24 17.00
N LYS B 467 3.49 21.04 16.39
CA LYS B 467 2.28 20.24 16.20
C LYS B 467 1.70 19.74 17.53
N LYS B 468 2.57 19.36 18.47
CA LYS B 468 2.12 18.95 19.79
C LYS B 468 1.33 20.09 20.44
N ASN B 469 1.81 21.33 20.25
CA ASN B 469 1.13 22.45 20.84
C ASN B 469 -0.23 22.73 20.16
N LEU B 470 -0.35 22.50 18.84
CA LEU B 470 -1.65 22.59 18.18
C LEU B 470 -2.64 21.63 18.83
N ALA B 471 -2.20 20.39 19.06
CA ALA B 471 -3.06 19.35 19.59
C ALA B 471 -3.43 19.66 21.05
N LYS B 472 -2.46 20.10 21.85
CA LYS B 472 -2.69 20.53 23.23
C LYS B 472 -3.76 21.62 23.30
N ASN B 473 -3.64 22.62 22.43
CA ASN B 473 -4.61 23.70 22.39
C ASN B 473 -6.02 23.14 22.22
N LEU B 474 -6.23 22.28 21.21
CA LEU B 474 -7.57 21.78 20.93
C LEU B 474 -8.08 20.80 22.00
N ALA B 475 -7.19 20.08 22.66
CA ALA B 475 -7.57 19.14 23.70
C ALA B 475 -7.89 19.81 25.03
N GLY B 476 -7.57 21.12 25.13
CA GLY B 476 -7.75 21.87 26.37
C GLY B 476 -6.65 21.64 27.39
N ILE B 477 -5.46 21.27 26.90
CA ILE B 477 -4.28 21.08 27.74
C ILE B 477 -3.51 22.40 27.79
N THR B 478 -3.35 22.93 28.99
CA THR B 478 -2.75 24.24 29.15
C THR B 478 -1.51 24.24 30.05
N ASN B 479 -1.32 23.24 30.90
CA ASN B 479 -0.37 23.41 31.99
C ASN B 479 0.98 22.74 31.74
N ASP B 480 1.25 22.20 30.55
CA ASP B 480 2.55 21.59 30.29
C ASP B 480 3.07 21.93 28.90
N VAL B 481 2.67 23.09 28.41
CA VAL B 481 2.99 23.48 27.04
C VAL B 481 4.44 23.96 27.04
N GLU B 482 5.26 23.39 26.14
CA GLU B 482 6.67 23.72 26.04
C GLU B 482 6.94 24.47 24.74
N GLU B 483 7.87 25.43 24.81
CA GLU B 483 8.36 26.10 23.62
C GLU B 483 9.10 25.07 22.76
N PRO B 484 8.77 24.94 21.46
CA PRO B 484 9.51 24.06 20.56
C PRO B 484 10.98 24.44 20.42
N LYS B 485 11.84 23.41 20.43
CA LYS B 485 13.28 23.56 20.20
C LYS B 485 13.67 22.71 18.98
N GLU B 486 13.51 23.30 17.80
CA GLU B 486 13.58 22.59 16.53
C GLU B 486 13.65 23.62 15.42
N SER B 487 14.04 23.16 14.23
CA SER B 487 13.98 24.00 13.06
C SER B 487 12.54 24.34 12.78
N SER B 488 12.28 25.63 12.57
N SER B 488 12.25 25.63 12.61
CA SER B 488 10.93 26.12 12.41
CA SER B 488 10.89 26.10 12.38
C SER B 488 10.73 26.73 11.01
C SER B 488 10.72 26.70 10.98
N GLU B 489 11.63 26.42 10.07
CA GLU B 489 11.65 27.11 8.79
C GLU B 489 10.51 26.67 7.89
N TYR B 490 10.08 25.41 7.96
CA TYR B 490 9.13 24.93 6.96
C TYR B 490 7.82 25.72 7.05
N PHE B 491 7.26 25.81 8.25
CA PHE B 491 5.97 26.50 8.38
C PHE B 491 6.13 28.00 8.15
N LYS B 492 7.33 28.57 8.34
CA LYS B 492 7.58 29.93 7.88
C LYS B 492 7.37 30.06 6.38
N ARG B 493 7.83 29.09 5.58
CA ARG B 493 7.64 29.12 4.14
C ARG B 493 6.16 28.85 3.79
N VAL B 494 5.56 27.86 4.46
CA VAL B 494 4.18 27.47 4.16
C VAL B 494 3.25 28.67 4.34
N PHE B 495 3.42 29.43 5.43
CA PHE B 495 2.50 30.49 5.78
C PHE B 495 2.98 31.87 5.34
N LYS B 496 4.06 31.96 4.56
CA LYS B 496 4.56 33.26 4.08
C LYS B 496 3.50 33.90 3.19
N THR B 497 3.17 35.16 3.47
CA THR B 497 2.04 35.83 2.84
C THR B 497 2.43 36.72 1.68
N LYS B 498 3.70 37.12 1.64
CA LYS B 498 4.18 37.92 0.52
C LYS B 498 5.67 37.72 0.28
N ASP B 499 6.10 38.16 -0.90
CA ASP B 499 7.49 38.04 -1.32
C ASP B 499 8.22 39.32 -0.92
N SER B 500 8.86 39.31 0.25
CA SER B 500 9.28 40.54 0.90
C SER B 500 10.70 40.40 1.45
N VAL B 501 11.39 41.54 1.52
CA VAL B 501 12.53 41.75 2.39
C VAL B 501 13.72 40.99 1.78
N THR C 1 -21.90 45.62 8.35
CA THR C 1 -20.84 44.63 8.07
C THR C 1 -20.52 43.83 9.33
N ILE C 2 -20.31 42.54 9.13
CA ILE C 2 -19.78 41.69 10.17
C ILE C 2 -18.25 41.83 10.18
N ARG C 3 -17.66 42.06 11.35
CA ARG C 3 -16.20 42.13 11.43
C ARG C 3 -15.57 40.97 12.19
N SER C 4 -15.98 40.76 13.43
CA SER C 4 -15.39 39.77 14.30
C SER C 4 -16.20 38.47 14.29
N GLY C 5 -15.59 37.44 14.85
CA GLY C 5 -16.30 36.20 15.15
C GLY C 5 -17.54 36.43 16.02
N ASP C 6 -17.42 37.32 17.01
CA ASP C 6 -18.52 37.62 17.90
C ASP C 6 -19.67 38.28 17.12
N ASP C 7 -19.33 39.21 16.22
CA ASP C 7 -20.32 39.80 15.33
C ASP C 7 -21.07 38.72 14.52
N TYR C 8 -20.30 37.77 13.99
CA TYR C 8 -20.88 36.71 13.21
C TYR C 8 -21.83 35.87 14.07
N ILE C 9 -21.43 35.49 15.28
CA ILE C 9 -22.30 34.69 16.12
C ILE C 9 -23.61 35.45 16.41
N GLU C 10 -23.51 36.76 16.70
CA GLU C 10 -24.70 37.57 16.96
C GLU C 10 -25.62 37.58 15.72
N SER C 11 -25.03 37.56 14.51
CA SER C 11 -25.79 37.63 13.27
C SER C 11 -26.66 36.37 13.10
N LEU C 12 -26.29 35.31 13.78
CA LEU C 12 -27.01 34.05 13.67
C LEU C 12 -28.19 33.95 14.63
N ARG C 13 -28.30 34.87 15.59
CA ARG C 13 -29.29 34.78 16.63
C ARG C 13 -30.63 35.29 16.13
N GLY C 14 -31.70 34.65 16.55
CA GLY C 14 -33.03 35.15 16.34
C GLY C 14 -33.56 34.97 14.92
N ARG C 15 -33.04 34.04 14.11
CA ARG C 15 -33.47 33.92 12.71
C ARG C 15 -34.67 32.97 12.49
N ASP C 16 -34.95 32.10 13.45
CA ASP C 16 -36.08 31.15 13.35
C ASP C 16 -36.13 30.33 12.04
N LEU C 17 -34.97 29.83 11.63
CA LEU C 17 -34.88 28.76 10.65
C LEU C 17 -35.60 27.55 11.21
N LYS C 18 -36.26 26.79 10.33
N LYS C 18 -36.23 26.77 10.34
CA LYS C 18 -36.90 25.53 10.69
CA LYS C 18 -36.89 25.55 10.76
C LYS C 18 -35.85 24.44 10.62
C LYS C 18 -35.91 24.41 10.63
N VAL C 19 -35.44 23.92 11.79
CA VAL C 19 -34.35 22.98 11.89
C VAL C 19 -34.83 21.82 12.76
N TYR C 20 -34.93 20.65 12.18
CA TYR C 20 -35.24 19.45 12.95
C TYR C 20 -33.97 18.74 13.38
N LEU C 21 -33.88 18.47 14.71
CA LEU C 21 -32.81 17.69 15.28
C LEU C 21 -33.39 16.83 16.42
N PHE C 22 -33.31 15.52 16.25
CA PHE C 22 -33.84 14.57 17.20
C PHE C 22 -35.35 14.74 17.43
N GLY C 23 -36.07 15.07 16.36
CA GLY C 23 -37.52 15.10 16.38
C GLY C 23 -38.08 16.33 17.08
N GLU C 24 -37.30 17.42 17.11
CA GLU C 24 -37.74 18.66 17.69
C GLU C 24 -37.23 19.81 16.83
N LEU C 25 -38.00 20.89 16.73
CA LEU C 25 -37.48 22.11 16.10
C LEU C 25 -36.49 22.73 17.05
N VAL C 26 -35.35 23.14 16.54
CA VAL C 26 -34.36 23.82 17.36
C VAL C 26 -34.70 25.30 17.48
N LYS C 27 -34.88 25.75 18.72
CA LYS C 27 -35.30 27.12 18.96
C LYS C 27 -34.22 28.11 18.53
N GLU C 28 -32.99 27.87 19.01
CA GLU C 28 -31.89 28.80 18.81
C GLU C 28 -30.62 27.99 18.59
N PRO C 29 -30.26 27.73 17.31
CA PRO C 29 -29.08 26.93 17.02
C PRO C 29 -27.82 27.43 17.73
N VAL C 30 -27.67 28.75 17.91
CA VAL C 30 -26.49 29.31 18.53
C VAL C 30 -26.30 28.79 19.95
N ASP C 31 -27.40 28.42 20.60
CA ASP C 31 -27.34 28.01 21.99
C ASP C 31 -27.46 26.50 22.14
N HIS C 32 -27.49 25.76 21.03
CA HIS C 32 -27.64 24.32 21.11
C HIS C 32 -26.25 23.71 21.19
N PRO C 33 -25.93 22.95 22.24
CA PRO C 33 -24.56 22.48 22.43
C PRO C 33 -24.02 21.56 21.33
N MET C 34 -24.90 20.93 20.55
CA MET C 34 -24.43 20.09 19.45
C MET C 34 -24.03 20.93 18.24
N ILE C 35 -24.62 22.12 18.12
CA ILE C 35 -24.46 22.98 16.95
C ILE C 35 -23.39 24.02 17.21
N ARG C 36 -23.26 24.51 18.45
CA ARG C 36 -22.37 25.61 18.73
C ARG C 36 -20.91 25.35 18.32
N PRO C 37 -20.32 24.15 18.45
CA PRO C 37 -18.95 23.94 17.98
C PRO C 37 -18.73 24.30 16.51
N SER C 38 -19.71 23.96 15.65
CA SER C 38 -19.63 24.29 14.24
C SER C 38 -19.65 25.80 14.01
N ILE C 39 -20.49 26.49 14.81
CA ILE C 39 -20.52 27.93 14.75
C ILE C 39 -19.19 28.55 15.17
N ASN C 40 -18.59 28.02 16.22
CA ASN C 40 -17.30 28.49 16.68
C ASN C 40 -16.23 28.35 15.58
N ALA C 41 -16.28 27.26 14.81
CA ALA C 41 -15.34 27.06 13.73
C ALA C 41 -15.47 28.16 12.67
N VAL C 42 -16.71 28.49 12.30
CA VAL C 42 -16.92 29.55 11.32
C VAL C 42 -16.50 30.90 11.90
N ALA C 43 -16.74 31.12 13.19
CA ALA C 43 -16.32 32.38 13.83
C ALA C 43 -14.82 32.57 13.74
N GLU C 44 -14.07 31.45 13.75
CA GLU C 44 -12.60 31.52 13.66
C GLU C 44 -12.14 32.06 12.30
N THR C 45 -12.95 31.87 11.25
CA THR C 45 -12.60 32.37 9.93
C THR C 45 -12.63 33.89 9.92
N TYR C 46 -13.54 34.49 10.73
CA TYR C 46 -13.54 35.92 10.91
C TYR C 46 -12.39 36.38 11.80
N ASP C 47 -12.17 35.66 12.90
CA ASP C 47 -11.13 36.08 13.84
C ASP C 47 -9.75 35.98 13.21
N LEU C 48 -9.51 34.98 12.37
CA LEU C 48 -8.22 34.89 11.70
C LEU C 48 -7.94 36.11 10.82
N ALA C 49 -8.96 36.61 10.12
CA ALA C 49 -8.79 37.78 9.25
C ALA C 49 -8.42 39.03 10.03
N LEU C 50 -8.77 39.08 11.31
CA LEU C 50 -8.40 40.21 12.15
C LEU C 50 -6.98 40.06 12.69
N ARG C 51 -6.60 38.84 13.05
CA ARG C 51 -5.27 38.56 13.61
C ARG C 51 -4.19 38.50 12.54
N GLU C 52 -4.53 37.95 11.35
CA GLU C 52 -3.57 37.70 10.29
C GLU C 52 -4.14 38.21 8.96
N GLU C 53 -4.18 39.55 8.83
CA GLU C 53 -4.87 40.18 7.71
C GLU C 53 -4.28 39.78 6.34
N ALA C 54 -2.96 39.67 6.22
CA ALA C 54 -2.39 39.37 4.90
C ALA C 54 -2.77 37.94 4.45
N LEU C 55 -2.91 37.04 5.43
CA LEU C 55 -3.23 35.65 5.13
C LEU C 55 -4.70 35.50 4.77
N ALA C 56 -5.60 36.17 5.51
CA ALA C 56 -7.01 35.79 5.42
C ALA C 56 -7.89 36.90 4.84
N SER C 57 -7.28 37.99 4.37
N SER C 57 -7.30 37.98 4.33
CA SER C 57 -8.00 39.05 3.68
CA SER C 57 -8.09 38.97 3.61
C SER C 57 -7.37 39.25 2.30
C SER C 57 -7.33 39.40 2.36
N ALA C 58 -8.09 39.90 1.38
CA ALA C 58 -7.62 40.20 0.04
C ALA C 58 -8.17 41.55 -0.41
N ASP C 59 -7.43 42.25 -1.29
CA ASP C 59 -7.96 43.44 -1.96
C ASP C 59 -8.80 43.06 -3.17
N SER C 60 -10.12 43.33 -3.10
CA SER C 60 -11.05 43.01 -4.17
C SER C 60 -11.06 44.11 -5.22
N SER C 61 -10.77 43.73 -6.47
N SER C 61 -10.74 43.75 -6.46
CA SER C 61 -10.90 44.65 -7.60
CA SER C 61 -10.91 44.68 -7.56
C SER C 61 -12.36 44.79 -8.04
C SER C 61 -12.39 44.96 -7.79
N ILE C 62 -13.24 44.00 -7.44
CA ILE C 62 -14.66 44.12 -7.71
C ILE C 62 -15.33 45.23 -6.87
N THR C 63 -14.99 45.34 -5.57
CA THR C 63 -15.56 46.38 -4.70
C THR C 63 -14.56 47.50 -4.37
N GLY C 64 -13.27 47.27 -4.60
CA GLY C 64 -12.24 48.19 -4.17
C GLY C 64 -12.07 48.16 -2.65
N LEU C 65 -12.49 47.05 -2.02
CA LEU C 65 -12.41 46.92 -0.58
C LEU C 65 -11.49 45.77 -0.21
N LYS C 66 -11.01 45.81 1.04
CA LYS C 66 -10.43 44.63 1.65
C LYS C 66 -11.57 43.69 2.03
N VAL C 67 -11.44 42.44 1.59
CA VAL C 67 -12.49 41.49 1.85
C VAL C 67 -11.94 40.24 2.52
N ASN C 68 -12.81 39.49 3.20
CA ASN C 68 -12.37 38.21 3.73
C ASN C 68 -12.01 37.34 2.53
N ARG C 69 -10.90 36.58 2.63
CA ARG C 69 -10.44 35.80 1.51
C ARG C 69 -11.47 34.75 1.04
N PHE C 70 -12.33 34.28 1.94
CA PHE C 70 -13.39 33.35 1.52
C PHE C 70 -14.41 33.97 0.56
N LEU C 71 -14.40 35.30 0.41
CA LEU C 71 -15.35 35.98 -0.47
C LEU C 71 -14.66 36.54 -1.71
N HIS C 72 -13.36 36.27 -1.84
CA HIS C 72 -12.53 36.89 -2.87
C HIS C 72 -12.51 36.02 -4.12
N ILE C 73 -12.78 36.67 -5.26
CA ILE C 73 -12.65 36.04 -6.57
C ILE C 73 -11.17 36.13 -6.95
N ALA C 74 -10.50 34.98 -7.09
CA ALA C 74 -9.04 34.92 -7.28
C ALA C 74 -8.61 35.67 -8.55
N GLU C 75 -7.59 36.53 -8.42
CA GLU C 75 -7.17 37.41 -9.52
C GLU C 75 -5.81 36.98 -10.10
N SER C 76 -5.24 35.93 -9.54
CA SER C 76 -3.91 35.44 -9.85
C SER C 76 -3.73 34.03 -9.33
N ALA C 77 -2.64 33.37 -9.77
CA ALA C 77 -2.29 32.09 -9.18
C ALA C 77 -1.91 32.27 -7.71
N GLU C 78 -1.27 33.39 -7.37
CA GLU C 78 -0.91 33.69 -6.00
C GLU C 78 -2.16 33.70 -5.10
N ASP C 79 -3.28 34.25 -5.60
CA ASP C 79 -4.52 34.27 -4.84
C ASP C 79 -5.03 32.86 -4.56
N LEU C 80 -4.86 31.93 -5.52
CA LEU C 80 -5.22 30.54 -5.31
C LEU C 80 -4.34 29.87 -4.26
N VAL C 81 -3.04 30.18 -4.31
CA VAL C 81 -2.13 29.64 -3.31
C VAL C 81 -2.49 30.14 -1.91
N LEU C 82 -2.79 31.44 -1.80
CA LEU C 82 -3.17 32.03 -0.53
C LEU C 82 -4.42 31.36 0.05
N GLN C 83 -5.36 30.95 -0.81
CA GLN C 83 -6.47 30.15 -0.32
C GLN C 83 -5.97 28.94 0.45
N ASN C 84 -5.05 28.21 -0.16
CA ASN C 84 -4.51 26.99 0.41
C ASN C 84 -3.76 27.25 1.72
N LYS C 85 -2.99 28.34 1.77
CA LYS C 85 -2.25 28.66 2.97
C LYS C 85 -3.22 28.95 4.13
N MET C 86 -4.28 29.70 3.83
CA MET C 86 -5.29 30.04 4.81
C MET C 86 -6.04 28.77 5.26
N GLN C 87 -6.35 27.86 4.35
CA GLN C 87 -7.02 26.59 4.65
C GLN C 87 -6.19 25.77 5.63
N ARG C 88 -4.88 25.66 5.36
CA ARG C 88 -4.11 24.82 6.26
C ARG C 88 -4.05 25.46 7.66
N LYS C 89 -3.86 26.78 7.71
CA LYS C 89 -3.82 27.49 8.98
C LYS C 89 -5.11 27.25 9.80
N LEU C 90 -6.27 27.38 9.13
CA LEU C 90 -7.55 27.20 9.79
C LEU C 90 -7.73 25.76 10.25
N GLY C 91 -7.22 24.79 9.47
CA GLY C 91 -7.24 23.42 9.94
C GLY C 91 -6.41 23.22 11.18
N GLN C 92 -5.23 23.80 11.22
CA GLN C 92 -4.42 23.74 12.43
C GLN C 92 -5.14 24.35 13.66
N ASN C 93 -5.82 25.47 13.44
CA ASN C 93 -6.41 26.25 14.52
C ASN C 93 -7.71 25.63 15.07
N THR C 94 -8.44 24.87 14.25
CA THR C 94 -9.74 24.34 14.63
C THR C 94 -9.80 22.83 14.71
N GLY C 95 -8.97 22.15 13.92
CA GLY C 95 -8.99 20.69 13.88
C GLY C 95 -10.28 20.16 13.31
N THR C 96 -11.01 20.95 12.55
CA THR C 96 -12.27 20.48 12.03
C THR C 96 -12.58 21.14 10.69
N CYS C 97 -13.80 20.86 10.23
CA CYS C 97 -14.30 21.54 9.05
CA CYS C 97 -14.33 21.53 9.06
C CYS C 97 -14.88 22.89 9.46
N PHE C 98 -14.28 23.97 8.92
CA PHE C 98 -14.64 25.34 9.24
C PHE C 98 -15.56 25.90 8.12
N GLN C 99 -15.95 25.09 7.14
CA GLN C 99 -17.24 25.20 6.43
C GLN C 99 -17.26 26.17 5.26
N ARG C 100 -16.43 27.23 5.29
CA ARG C 100 -16.62 28.38 4.41
C ARG C 100 -15.97 28.23 3.00
N CYS C 101 -15.16 27.18 2.83
CA CYS C 101 -14.49 26.89 1.56
C CYS C 101 -15.51 26.62 0.46
N VAL C 102 -16.61 25.90 0.77
CA VAL C 102 -17.52 25.50 -0.29
C VAL C 102 -18.03 26.73 -1.04
N GLY C 103 -18.43 27.75 -0.28
CA GLY C 103 -18.99 28.94 -0.92
C GLY C 103 -17.97 29.72 -1.73
N MET C 104 -16.74 29.73 -1.24
CA MET C 104 -15.63 30.36 -1.94
C MET C 104 -15.43 29.72 -3.32
N ASP C 105 -15.43 28.38 -3.33
CA ASP C 105 -15.19 27.60 -4.53
C ASP C 105 -16.38 27.70 -5.48
N ALA C 106 -17.59 27.74 -4.92
CA ALA C 106 -18.79 27.99 -5.72
C ALA C 106 -18.74 29.34 -6.41
N MET C 107 -18.41 30.39 -5.65
CA MET C 107 -18.37 31.72 -6.23
C MET C 107 -17.30 31.85 -7.32
N ASN C 108 -16.11 31.32 -7.05
CA ASN C 108 -15.06 31.40 -8.05
C ASN C 108 -15.51 30.68 -9.34
N SER C 109 -16.13 29.50 -9.19
CA SER C 109 -16.56 28.74 -10.34
C SER C 109 -17.73 29.41 -11.06
N LEU C 110 -18.65 30.05 -10.32
CA LEU C 110 -19.73 30.78 -10.97
C LEU C 110 -19.24 32.01 -11.73
N HIS C 111 -18.18 32.67 -11.26
CA HIS C 111 -17.72 33.89 -11.90
C HIS C 111 -17.39 33.60 -13.37
N SER C 112 -16.59 32.55 -13.61
CA SER C 112 -16.22 32.20 -14.99
C SER C 112 -17.39 31.58 -15.76
N THR C 113 -18.20 30.75 -15.09
CA THR C 113 -19.23 30.02 -15.80
C THR C 113 -20.33 30.99 -16.29
N THR C 114 -20.77 31.89 -15.41
CA THR C 114 -21.80 32.84 -15.78
C THR C 114 -21.37 33.65 -17.01
N PHE C 115 -20.10 34.06 -17.04
CA PHE C 115 -19.58 34.86 -18.14
C PHE C 115 -19.75 34.11 -19.46
N GLU C 116 -19.50 32.77 -19.42
CA GLU C 116 -19.55 31.95 -20.62
C GLU C 116 -20.99 31.67 -21.03
N ILE C 117 -21.91 31.54 -20.09
CA ILE C 117 -23.32 31.38 -20.44
C ILE C 117 -23.76 32.59 -21.25
N ASP C 118 -23.41 33.77 -20.71
CA ASP C 118 -23.83 35.02 -21.32
C ASP C 118 -23.20 35.20 -22.70
N GLU C 119 -21.93 34.83 -22.85
CA GLU C 119 -21.23 34.95 -24.12
C GLU C 119 -22.01 34.21 -25.21
N LYS C 120 -22.61 33.07 -24.85
CA LYS C 120 -23.36 32.28 -25.81
C LYS C 120 -24.80 32.76 -25.97
N HIS C 121 -25.47 33.07 -24.86
CA HIS C 121 -26.92 33.20 -24.86
C HIS C 121 -27.39 34.65 -24.83
N GLY C 122 -26.48 35.58 -24.55
CA GLY C 122 -26.84 36.99 -24.51
C GLY C 122 -27.59 37.38 -23.24
N THR C 123 -27.46 36.53 -22.21
CA THR C 123 -28.14 36.70 -20.95
C THR C 123 -27.30 37.60 -20.05
N ASP C 124 -27.81 37.81 -18.82
CA ASP C 124 -27.28 38.77 -17.87
C ASP C 124 -26.85 38.09 -16.57
N TYR C 125 -26.54 36.79 -16.60
CA TYR C 125 -26.22 36.08 -15.38
C TYR C 125 -24.93 36.57 -14.72
N HIS C 126 -23.95 36.98 -15.53
CA HIS C 126 -22.66 37.40 -15.00
C HIS C 126 -22.86 38.73 -14.28
N LYS C 127 -23.62 39.64 -14.90
CA LYS C 127 -23.92 40.93 -14.29
C LYS C 127 -24.69 40.77 -12.97
N ARG C 128 -25.67 39.85 -12.93
CA ARG C 128 -26.39 39.53 -11.70
C ARG C 128 -25.44 38.98 -10.64
N PHE C 129 -24.59 38.05 -11.07
CA PHE C 129 -23.65 37.42 -10.17
C PHE C 129 -22.71 38.45 -9.53
N LEU C 130 -22.20 39.38 -10.33
CA LEU C 130 -21.28 40.39 -9.80
C LEU C 130 -21.96 41.30 -8.78
N GLU C 131 -23.23 41.66 -8.99
CA GLU C 131 -23.95 42.44 -7.99
C GLU C 131 -24.06 41.64 -6.69
N PHE C 132 -24.27 40.31 -6.80
CA PHE C 132 -24.33 39.47 -5.62
C PHE C 132 -22.99 39.46 -4.90
N VAL C 133 -21.90 39.27 -5.65
CA VAL C 133 -20.58 39.26 -5.06
C VAL C 133 -20.34 40.59 -4.33
N LYS C 134 -20.70 41.71 -4.98
CA LYS C 134 -20.48 43.00 -4.35
C LYS C 134 -21.16 43.07 -2.97
N MET C 135 -22.41 42.60 -2.92
CA MET C 135 -23.19 42.63 -1.70
CA MET C 135 -23.20 42.63 -1.70
C MET C 135 -22.54 41.76 -0.62
N VAL C 136 -22.17 40.53 -0.94
CA VAL C 136 -21.70 39.67 0.13
C VAL C 136 -20.27 40.05 0.56
N GLN C 137 -19.49 40.66 -0.34
CA GLN C 137 -18.19 41.20 0.04
C GLN C 137 -18.35 42.36 1.02
N GLN C 138 -19.25 43.29 0.72
CA GLN C 138 -19.47 44.46 1.56
C GLN C 138 -19.98 44.07 2.95
N GLU C 139 -20.89 43.09 3.01
CA GLU C 139 -21.52 42.68 4.25
C GLU C 139 -20.72 41.62 5.01
N ASN C 140 -19.78 40.94 4.33
CA ASN C 140 -18.84 40.02 4.94
C ASN C 140 -19.58 38.77 5.45
N LEU C 141 -20.33 38.14 4.55
CA LEU C 141 -21.21 37.04 4.90
C LEU C 141 -20.63 35.67 4.61
N VAL C 142 -21.31 34.66 5.15
CA VAL C 142 -21.02 33.24 4.97
C VAL C 142 -21.95 32.65 3.92
N ILE C 143 -21.36 31.96 2.94
CA ILE C 143 -22.07 31.48 1.76
C ILE C 143 -21.96 29.96 1.69
N GLY C 144 -23.10 29.26 1.66
CA GLY C 144 -23.11 27.83 1.45
C GLY C 144 -23.14 27.51 -0.03
N GLY C 145 -22.50 26.37 -0.35
CA GLY C 145 -22.49 25.86 -1.70
C GLY C 145 -23.29 24.58 -1.78
N ALA C 146 -24.51 24.65 -2.36
CA ALA C 146 -25.44 23.54 -2.28
C ALA C 146 -25.66 22.91 -3.65
N MET C 147 -24.76 21.99 -3.94
CA MET C 147 -24.74 21.28 -5.20
C MET C 147 -25.45 19.92 -5.11
N THR C 148 -25.08 19.08 -4.14
CA THR C 148 -25.44 17.68 -4.18
C THR C 148 -26.88 17.43 -3.75
N ASP C 149 -27.67 16.91 -4.68
CA ASP C 149 -29.05 16.50 -4.44
C ASP C 149 -29.01 15.11 -3.79
N PRO C 150 -30.15 14.64 -3.27
CA PRO C 150 -30.19 13.26 -2.75
C PRO C 150 -29.96 12.19 -3.82
N LYS C 151 -30.48 12.41 -5.06
CA LYS C 151 -30.14 11.66 -6.26
C LYS C 151 -30.93 10.37 -6.51
N GLY C 152 -31.64 9.80 -5.53
CA GLY C 152 -32.48 8.64 -5.83
C GLY C 152 -31.69 7.44 -6.35
N ASP C 153 -32.12 6.92 -7.49
CA ASP C 153 -31.43 5.84 -8.17
C ASP C 153 -30.18 6.39 -8.85
N ARG C 154 -29.00 6.00 -8.37
CA ARG C 154 -27.74 6.53 -8.88
C ARG C 154 -27.47 6.23 -10.37
N SER C 155 -28.13 5.22 -10.92
CA SER C 155 -27.97 4.80 -12.30
C SER C 155 -28.83 5.62 -13.27
N LYS C 156 -29.67 6.54 -12.77
CA LYS C 156 -30.58 7.31 -13.60
C LYS C 156 -30.36 8.82 -13.42
N GLY C 157 -30.58 9.57 -14.49
CA GLY C 157 -30.49 11.01 -14.45
C GLY C 157 -31.78 11.65 -13.94
N PRO C 158 -31.82 12.99 -13.79
CA PRO C 158 -32.96 13.71 -13.19
C PRO C 158 -34.32 13.37 -13.81
N SER C 159 -34.40 13.42 -15.14
CA SER C 159 -35.67 13.21 -15.84
C SER C 159 -36.09 11.75 -15.82
N GLU C 160 -35.18 10.85 -15.38
CA GLU C 160 -35.46 9.43 -15.35
C GLU C 160 -35.87 8.98 -13.95
N GLN C 161 -35.81 9.84 -12.94
CA GLN C 161 -36.16 9.40 -11.58
C GLN C 161 -37.66 9.19 -11.45
N ASP C 162 -38.04 8.29 -10.53
CA ASP C 162 -39.43 7.97 -10.26
C ASP C 162 -40.16 9.15 -9.61
N ASP C 163 -39.40 9.98 -8.88
CA ASP C 163 -39.85 11.20 -8.25
C ASP C 163 -39.01 12.36 -8.76
N PRO C 164 -39.56 13.28 -9.57
CA PRO C 164 -38.74 14.30 -10.19
C PRO C 164 -38.03 15.22 -9.19
N ASP C 165 -38.51 15.24 -7.94
CA ASP C 165 -37.95 16.09 -6.91
C ASP C 165 -36.61 15.61 -6.34
N LEU C 166 -36.14 14.42 -6.73
CA LEU C 166 -34.92 13.85 -6.18
C LEU C 166 -33.66 14.60 -6.64
N PHE C 167 -33.80 15.40 -7.69
CA PHE C 167 -32.88 16.49 -8.00
C PHE C 167 -33.70 17.78 -8.02
N THR C 168 -33.05 18.87 -7.59
CA THR C 168 -33.74 20.14 -7.44
C THR C 168 -34.11 20.71 -8.80
N ARG C 169 -35.31 21.25 -8.91
CA ARG C 169 -35.83 21.71 -10.19
C ARG C 169 -36.73 22.93 -10.04
N ILE C 170 -36.84 23.66 -11.12
CA ILE C 170 -37.85 24.70 -11.26
C ILE C 170 -39.22 24.04 -11.43
N VAL C 171 -40.19 24.46 -10.61
CA VAL C 171 -41.55 23.95 -10.66
C VAL C 171 -42.51 25.04 -11.13
N ASP C 172 -42.13 26.32 -11.08
CA ASP C 172 -42.98 27.35 -11.67
C ASP C 172 -42.16 28.61 -11.85
N THR C 173 -42.72 29.54 -12.64
CA THR C 173 -42.10 30.82 -12.96
C THR C 173 -43.16 31.92 -12.89
N ASP C 174 -42.72 33.13 -12.47
CA ASP C 174 -43.52 34.33 -12.33
C ASP C 174 -42.86 35.41 -13.16
N GLU C 175 -43.49 36.59 -13.24
CA GLU C 175 -42.83 37.79 -13.70
C GLU C 175 -41.65 38.18 -12.78
N LYS C 176 -41.63 37.73 -11.52
CA LYS C 176 -40.64 38.21 -10.57
C LYS C 176 -39.51 37.20 -10.35
N GLY C 177 -39.73 35.91 -10.66
CA GLY C 177 -38.67 34.94 -10.46
C GLY C 177 -39.18 33.52 -10.66
N VAL C 178 -38.39 32.58 -10.13
CA VAL C 178 -38.69 31.16 -10.23
C VAL C 178 -39.04 30.60 -8.85
N TYR C 179 -39.68 29.42 -8.88
CA TYR C 179 -39.95 28.62 -7.71
C TYR C 179 -39.32 27.26 -7.88
N VAL C 180 -38.56 26.84 -6.86
CA VAL C 180 -37.82 25.58 -6.91
C VAL C 180 -38.29 24.64 -5.80
N SER C 181 -38.26 23.36 -6.13
CA SER C 181 -38.50 22.29 -5.17
C SER C 181 -37.44 21.21 -5.37
N GLY C 182 -37.19 20.50 -4.29
CA GLY C 182 -36.17 19.48 -4.26
C GLY C 182 -35.52 19.46 -2.90
N ALA C 183 -34.29 18.98 -2.92
CA ALA C 183 -33.49 18.97 -1.70
C ALA C 183 -32.00 18.98 -2.07
N LYS C 184 -31.19 19.34 -1.09
CA LYS C 184 -29.74 19.29 -1.17
C LYS C 184 -29.27 18.60 0.10
N ALA C 185 -28.43 17.55 -0.07
CA ALA C 185 -28.06 16.68 1.02
C ALA C 185 -26.61 16.99 1.45
N HIS C 186 -26.28 16.62 2.70
CA HIS C 186 -24.90 16.70 3.20
C HIS C 186 -24.36 18.13 3.20
N GLN C 187 -25.21 19.11 3.51
CA GLN C 187 -24.83 20.50 3.26
C GLN C 187 -24.03 21.08 4.42
N THR C 188 -22.74 21.39 4.13
CA THR C 188 -21.78 21.86 5.10
C THR C 188 -22.14 23.27 5.56
N GLY C 189 -22.33 23.43 6.87
CA GLY C 189 -22.47 24.75 7.47
C GLY C 189 -23.71 25.54 7.02
N CYS C 190 -24.72 24.90 6.42
CA CYS C 190 -25.84 25.61 5.81
C CYS C 190 -26.62 26.44 6.84
N ILE C 191 -26.86 25.87 8.01
CA ILE C 191 -27.63 26.58 9.06
C ILE C 191 -26.79 27.74 9.62
N ASN C 192 -25.47 27.63 9.48
CA ASN C 192 -24.50 28.64 9.92
C ASN C 192 -24.22 29.70 8.85
N SER C 193 -24.91 29.61 7.70
N SER C 193 -24.91 29.62 7.71
CA SER C 193 -24.70 30.51 6.56
CA SER C 193 -24.68 30.56 6.63
C SER C 193 -25.77 31.59 6.50
C SER C 193 -25.69 31.70 6.66
N HIS C 194 -25.45 32.69 5.79
CA HIS C 194 -26.36 33.77 5.50
C HIS C 194 -27.10 33.56 4.17
N TRP C 195 -26.37 33.05 3.16
CA TRP C 195 -26.87 32.75 1.82
C TRP C 195 -26.38 31.39 1.43
N ILE C 196 -27.23 30.72 0.63
CA ILE C 196 -26.94 29.42 0.07
C ILE C 196 -27.11 29.52 -1.46
N ILE C 197 -26.10 29.07 -2.20
CA ILE C 197 -26.19 28.99 -3.64
C ILE C 197 -26.51 27.56 -4.05
N LEU C 198 -27.71 27.40 -4.63
CA LEU C 198 -28.14 26.13 -5.22
C LEU C 198 -27.51 25.99 -6.60
N MET C 199 -26.92 24.82 -6.89
CA MET C 199 -26.30 24.53 -8.16
C MET C 199 -26.58 23.10 -8.60
N PRO C 200 -26.71 22.82 -9.92
CA PRO C 200 -26.90 21.44 -10.39
C PRO C 200 -25.67 20.59 -10.11
N THR C 201 -25.87 19.28 -9.95
CA THR C 201 -24.80 18.41 -9.48
C THR C 201 -24.28 17.47 -10.56
N ILE C 202 -24.85 17.52 -11.77
CA ILE C 202 -24.45 16.57 -12.80
C ILE C 202 -24.65 17.22 -14.15
N ARG C 203 -23.94 16.66 -15.13
CA ARG C 203 -24.24 16.91 -16.53
C ARG C 203 -25.74 16.78 -16.78
N LEU C 204 -26.30 17.75 -17.52
CA LEU C 204 -27.71 17.73 -17.86
C LEU C 204 -27.89 17.63 -19.37
N THR C 205 -28.90 16.85 -19.80
CA THR C 205 -29.32 16.78 -21.18
C THR C 205 -30.52 17.70 -21.41
N GLU C 206 -30.99 17.78 -22.65
CA GLU C 206 -32.10 18.66 -22.95
C GLU C 206 -33.36 18.24 -22.18
N SER C 207 -33.54 16.94 -21.92
CA SER C 207 -34.69 16.45 -21.17
C SER C 207 -34.67 16.93 -19.71
N ASP C 208 -33.47 17.33 -19.23
CA ASP C 208 -33.24 17.76 -17.86
C ASP C 208 -33.26 19.28 -17.72
N LYS C 209 -33.83 20.02 -18.70
CA LYS C 209 -33.79 21.49 -18.70
C LYS C 209 -34.33 22.12 -17.41
N ASP C 210 -35.40 21.53 -16.84
CA ASP C 210 -36.04 22.08 -15.65
C ASP C 210 -35.09 22.06 -14.45
N TRP C 211 -34.03 21.24 -14.52
CA TRP C 211 -33.08 21.06 -13.45
C TRP C 211 -31.86 21.94 -13.62
N ALA C 212 -31.85 22.73 -14.71
CA ALA C 212 -30.76 23.67 -14.97
C ALA C 212 -31.03 25.01 -14.29
N ILE C 213 -30.82 25.01 -12.97
CA ILE C 213 -31.15 26.15 -12.12
C ILE C 213 -30.01 26.38 -11.13
N VAL C 214 -29.49 27.61 -11.16
CA VAL C 214 -28.58 28.14 -10.16
C VAL C 214 -29.25 29.37 -9.56
N GLY C 215 -29.29 29.41 -8.23
CA GLY C 215 -29.82 30.59 -7.57
C GLY C 215 -29.39 30.68 -6.12
N ALA C 216 -29.27 31.92 -5.65
CA ALA C 216 -28.94 32.20 -4.27
C ALA C 216 -30.20 32.50 -3.46
N ILE C 217 -30.30 31.82 -2.30
CA ILE C 217 -31.40 32.01 -1.38
C ILE C 217 -30.84 32.40 -0.02
N PRO C 218 -31.54 33.26 0.73
CA PRO C 218 -31.15 33.49 2.11
C PRO C 218 -31.43 32.24 2.92
N ALA C 219 -30.60 32.03 3.93
CA ALA C 219 -30.79 30.85 4.77
C ALA C 219 -32.18 30.83 5.43
N ASP C 220 -32.82 32.00 5.61
CA ASP C 220 -34.13 32.06 6.25
C ASP C 220 -35.27 32.15 5.24
N ALA C 221 -35.03 31.72 3.98
CA ALA C 221 -36.06 31.74 2.95
C ALA C 221 -37.29 30.92 3.35
N LYS C 222 -38.47 31.41 2.99
CA LYS C 222 -39.70 30.64 3.16
C LYS C 222 -39.70 29.39 2.28
N GLY C 223 -40.18 28.27 2.83
CA GLY C 223 -40.33 27.02 2.12
C GLY C 223 -39.16 26.07 2.36
N VAL C 224 -38.14 26.53 3.08
CA VAL C 224 -37.01 25.69 3.43
C VAL C 224 -37.21 25.02 4.80
N THR C 225 -36.86 23.75 4.88
CA THR C 225 -36.76 22.99 6.13
C THR C 225 -35.39 22.34 6.15
N TYR C 226 -34.71 22.40 7.29
CA TYR C 226 -33.43 21.75 7.49
C TYR C 226 -33.66 20.53 8.38
N ILE C 227 -33.02 19.43 8.05
CA ILE C 227 -33.01 18.26 8.89
C ILE C 227 -31.56 17.90 9.17
N TYR C 228 -31.17 18.06 10.43
CA TYR C 228 -29.78 17.96 10.83
C TYR C 228 -29.29 16.52 10.73
N GLY C 229 -28.01 16.42 10.39
CA GLY C 229 -27.40 15.12 10.27
C GLY C 229 -26.75 14.71 11.58
N ARG C 230 -26.90 13.44 11.95
CA ARG C 230 -26.15 12.91 13.07
C ARG C 230 -24.66 12.86 12.75
N GLN C 231 -23.85 12.77 13.79
CA GLN C 231 -22.44 12.46 13.66
C GLN C 231 -22.07 11.41 14.70
N SER C 232 -21.03 10.63 14.40
CA SER C 232 -20.45 9.75 15.40
C SER C 232 -20.12 10.54 16.66
N CYS C 233 -20.60 10.09 17.81
CA CYS C 233 -20.33 10.72 19.10
C CYS C 233 -20.98 12.10 19.24
N ASP C 234 -21.98 12.40 18.39
CA ASP C 234 -22.62 13.72 18.40
C ASP C 234 -23.07 14.19 19.78
N THR C 235 -23.74 13.30 20.50
CA THR C 235 -24.41 13.69 21.72
C THR C 235 -23.44 13.86 22.90
N ARG C 236 -22.15 13.54 22.71
CA ARG C 236 -21.19 13.88 23.76
C ARG C 236 -21.16 15.39 24.02
N SER C 237 -21.43 16.17 22.96
CA SER C 237 -21.49 17.62 23.08
C SER C 237 -22.59 18.08 24.03
N MET C 238 -23.63 17.26 24.15
CA MET C 238 -24.80 17.60 24.96
C MET C 238 -24.66 17.15 26.42
N GLU C 239 -23.64 16.36 26.71
CA GLU C 239 -23.31 15.92 28.05
C GLU C 239 -22.51 16.99 28.78
N GLU C 240 -22.72 17.05 30.10
CA GLU C 240 -21.93 17.86 31.00
C GLU C 240 -20.50 17.36 30.88
N GLY C 241 -19.55 18.28 30.88
CA GLY C 241 -18.14 17.90 30.82
C GLY C 241 -17.61 18.02 29.39
N ASP C 242 -16.37 18.50 29.24
CA ASP C 242 -15.80 18.74 27.93
C ASP C 242 -14.71 17.75 27.53
N ILE C 243 -14.24 16.89 28.45
CA ILE C 243 -13.11 16.03 28.14
C ILE C 243 -13.49 15.02 27.06
N ASP C 244 -14.64 14.36 27.24
CA ASP C 244 -15.01 13.24 26.37
C ASP C 244 -15.30 13.68 24.94
N ASP C 245 -15.54 14.97 24.72
CA ASP C 245 -15.73 15.52 23.39
C ASP C 245 -14.44 15.48 22.54
N GLY C 246 -13.27 15.51 23.19
CA GLY C 246 -11.98 15.52 22.53
C GLY C 246 -11.58 16.89 22.05
N ASN C 247 -12.34 17.40 21.12
CA ASN C 247 -12.25 18.78 20.68
C ASN C 247 -13.58 19.45 21.02
N ALA C 248 -13.63 20.04 22.22
CA ALA C 248 -14.90 20.55 22.71
C ALA C 248 -15.34 21.84 22.01
N LYS C 249 -14.36 22.63 21.53
CA LYS C 249 -14.70 23.96 21.04
C LYS C 249 -15.20 23.96 19.58
N PHE C 250 -14.70 23.04 18.77
CA PHE C 250 -14.94 23.07 17.34
C PHE C 250 -15.45 21.75 16.80
N GLY C 251 -16.30 21.88 15.78
CA GLY C 251 -16.82 20.75 15.04
C GLY C 251 -17.44 21.20 13.72
N GLY C 252 -17.97 20.25 12.96
CA GLY C 252 -18.59 20.55 11.68
C GLY C 252 -20.11 20.36 11.75
N GLN C 253 -20.78 20.60 10.66
CA GLN C 253 -22.23 20.62 10.58
C GLN C 253 -22.62 20.21 9.17
N GLU C 254 -23.51 19.21 9.11
N GLU C 254 -23.53 19.23 9.08
CA GLU C 254 -24.23 18.88 7.89
CA GLU C 254 -24.19 18.92 7.81
C GLU C 254 -25.73 18.87 8.15
C GLU C 254 -25.68 18.65 8.02
N ALA C 255 -26.50 19.19 7.11
CA ALA C 255 -27.95 19.03 7.14
C ALA C 255 -28.49 18.78 5.74
N LEU C 256 -29.68 18.17 5.70
CA LEU C 256 -30.48 18.05 4.51
C LEU C 256 -31.38 19.28 4.38
N ILE C 257 -31.29 19.96 3.23
CA ILE C 257 -32.09 21.13 2.95
C ILE C 257 -33.24 20.72 2.06
N ILE C 258 -34.46 20.87 2.57
CA ILE C 258 -35.67 20.56 1.83
C ILE C 258 -36.23 21.88 1.28
N LEU C 259 -36.52 21.89 -0.03
CA LEU C 259 -37.04 23.07 -0.69
C LEU C 259 -38.46 22.81 -1.18
N ASP C 260 -39.43 23.58 -0.70
CA ASP C 260 -40.82 23.43 -1.12
C ASP C 260 -41.33 24.73 -1.74
N ARG C 261 -41.26 24.81 -3.06
CA ARG C 261 -41.69 25.97 -3.84
C ARG C 261 -41.01 27.24 -3.34
N VAL C 262 -39.69 27.19 -3.19
CA VAL C 262 -38.93 28.31 -2.68
C VAL C 262 -38.76 29.32 -3.82
N PHE C 263 -39.02 30.61 -3.54
CA PHE C 263 -38.92 31.66 -4.52
C PHE C 263 -37.50 32.17 -4.64
N ILE C 264 -37.09 32.39 -5.89
CA ILE C 264 -35.83 33.02 -6.21
C ILE C 264 -36.11 34.13 -7.21
N PRO C 265 -35.89 35.40 -6.81
CA PRO C 265 -36.07 36.49 -7.74
C PRO C 265 -35.03 36.46 -8.87
N TRP C 266 -35.38 37.05 -10.01
CA TRP C 266 -34.51 37.02 -11.18
C TRP C 266 -33.10 37.51 -10.85
N ASP C 267 -32.95 38.50 -9.99
CA ASP C 267 -31.64 39.06 -9.74
C ASP C 267 -30.72 38.09 -8.96
N LYS C 268 -31.26 36.97 -8.48
CA LYS C 268 -30.46 35.98 -7.78
C LYS C 268 -30.44 34.66 -8.54
N VAL C 269 -30.94 34.68 -9.77
CA VAL C 269 -30.87 33.52 -10.67
C VAL C 269 -29.65 33.68 -11.57
N PHE C 270 -28.74 32.69 -11.51
CA PHE C 270 -27.51 32.75 -12.28
C PHE C 270 -27.44 31.69 -13.39
N MET C 271 -28.48 30.88 -13.50
CA MET C 271 -28.63 29.93 -14.61
C MET C 271 -30.09 29.55 -14.65
N HIS C 272 -30.69 29.58 -15.84
CA HIS C 272 -32.10 29.31 -16.04
C HIS C 272 -32.32 28.61 -17.37
N GLY C 273 -32.13 27.29 -17.37
CA GLY C 273 -32.49 26.44 -18.49
C GLY C 273 -31.32 26.09 -19.43
N GLU C 274 -30.14 26.69 -19.23
CA GLU C 274 -29.00 26.48 -20.10
C GLU C 274 -28.26 25.24 -19.65
N TYR C 275 -28.92 24.11 -19.90
CA TYR C 275 -28.54 22.80 -19.40
C TYR C 275 -27.12 22.41 -19.81
N GLU C 276 -26.66 22.92 -20.96
CA GLU C 276 -25.37 22.52 -21.50
C GLU C 276 -24.21 23.10 -20.69
N PHE C 277 -24.49 24.09 -19.82
CA PHE C 277 -23.46 24.63 -18.95
C PHE C 277 -23.39 23.99 -17.57
N ALA C 278 -24.28 23.03 -17.26
CA ALA C 278 -24.24 22.36 -15.97
C ALA C 278 -22.90 21.68 -15.77
N SER C 279 -22.44 20.96 -16.80
CA SER C 279 -21.20 20.22 -16.71
CA SER C 279 -21.20 20.20 -16.66
C SER C 279 -20.03 21.17 -16.44
N MET C 280 -20.03 22.34 -17.11
CA MET C 280 -18.97 23.32 -16.92
C MET C 280 -18.90 23.77 -15.44
N LEU C 281 -20.06 24.07 -14.87
CA LEU C 281 -20.12 24.54 -13.51
C LEU C 281 -19.64 23.46 -12.54
N VAL C 282 -20.12 22.22 -12.73
CA VAL C 282 -19.68 21.14 -11.87
C VAL C 282 -18.17 20.92 -11.98
N GLU C 283 -17.66 20.91 -13.22
CA GLU C 283 -16.23 20.72 -13.44
C GLU C 283 -15.42 21.79 -12.72
N ARG C 284 -15.80 23.06 -12.88
CA ARG C 284 -14.99 24.13 -12.31
C ARG C 284 -15.13 24.21 -10.79
N PHE C 285 -16.34 23.96 -10.27
CA PHE C 285 -16.53 23.92 -8.83
C PHE C 285 -15.65 22.81 -8.22
N THR C 286 -15.72 21.61 -8.78
CA THR C 286 -14.94 20.50 -8.29
C THR C 286 -13.43 20.69 -8.50
N CYS C 287 -13.02 21.40 -9.57
CA CYS C 287 -11.63 21.72 -9.83
C CYS C 287 -11.08 22.50 -8.61
N TYR C 288 -11.75 23.58 -8.23
CA TYR C 288 -11.33 24.34 -7.04
C TYR C 288 -11.40 23.48 -5.79
N HIS C 289 -12.54 22.83 -5.60
CA HIS C 289 -12.80 22.22 -4.29
C HIS C 289 -11.90 21.03 -4.03
N ARG C 290 -11.61 20.27 -5.09
CA ARG C 290 -10.70 19.15 -4.94
C ARG C 290 -9.32 19.51 -4.39
N ARG C 291 -8.84 20.74 -4.57
CA ARG C 291 -7.62 21.13 -3.90
C ARG C 291 -7.81 22.05 -2.71
N SER C 292 -9.05 22.37 -2.34
CA SER C 292 -9.31 22.99 -1.06
C SER C 292 -9.08 21.97 0.09
N TYR C 293 -8.91 20.69 -0.26
CA TYR C 293 -8.62 19.62 0.70
C TYR C 293 -7.22 19.74 1.30
N VAL C 294 -6.45 20.74 0.90
CA VAL C 294 -5.31 21.19 1.72
C VAL C 294 -5.75 21.41 3.17
N CYS C 295 -7.02 21.81 3.39
CA CYS C 295 -7.49 22.03 4.74
C CYS C 295 -7.24 20.79 5.61
N LYS C 296 -7.30 19.62 4.99
CA LYS C 296 -7.15 18.38 5.75
C LYS C 296 -5.71 18.18 6.19
N THR C 297 -4.75 18.91 5.60
CA THR C 297 -3.37 18.83 6.04
C THR C 297 -3.14 19.57 7.36
N GLY C 298 -3.97 20.58 7.66
CA GLY C 298 -3.95 21.20 8.95
C GLY C 298 -4.48 20.25 10.03
N LEU C 299 -5.56 19.56 9.72
CA LEU C 299 -6.03 18.48 10.60
C LEU C 299 -4.97 17.43 10.80
N GLY C 300 -4.29 17.05 9.71
CA GLY C 300 -3.20 16.11 9.83
C GLY C 300 -2.15 16.59 10.82
N ASP C 301 -1.78 17.87 10.74
CA ASP C 301 -0.80 18.46 11.64
C ASP C 301 -1.24 18.27 13.11
N VAL C 302 -2.53 18.51 13.40
CA VAL C 302 -3.06 18.34 14.75
C VAL C 302 -2.98 16.88 15.20
N LEU C 303 -3.35 15.97 14.29
CA LEU C 303 -3.38 14.55 14.65
C LEU C 303 -1.96 13.99 14.88
N ILE C 304 -1.02 14.44 14.08
CA ILE C 304 0.39 14.15 14.28
C ILE C 304 0.84 14.65 15.65
N GLY C 305 0.53 15.90 15.96
CA GLY C 305 0.80 16.48 17.27
C GLY C 305 0.23 15.67 18.41
N ALA C 306 -0.99 15.18 18.24
CA ALA C 306 -1.64 14.40 19.27
C ALA C 306 -0.94 13.06 19.48
N ALA C 307 -0.57 12.40 18.38
CA ALA C 307 0.18 11.16 18.43
C ALA C 307 1.52 11.36 19.17
N ALA C 308 2.25 12.43 18.83
CA ALA C 308 3.52 12.68 19.44
C ALA C 308 3.35 13.00 20.93
N THR C 309 2.25 13.71 21.27
CA THR C 309 1.98 14.01 22.67
C THR C 309 1.71 12.73 23.47
N ILE C 310 0.87 11.83 23.00
CA ILE C 310 0.57 10.62 23.77
C ILE C 310 1.82 9.74 23.88
N ALA C 311 2.67 9.67 22.82
CA ALA C 311 3.93 8.94 22.93
C ALA C 311 4.77 9.51 24.08
N ASP C 312 4.89 10.86 24.13
CA ASP C 312 5.60 11.56 25.20
C ASP C 312 5.05 11.15 26.57
N TYR C 313 3.72 11.25 26.71
CA TYR C 313 3.07 10.96 27.98
C TYR C 313 3.22 9.50 28.40
N ASN C 314 3.33 8.62 27.41
CA ASN C 314 3.49 7.20 27.64
C ASN C 314 4.94 6.84 28.00
N GLY C 315 5.88 7.75 27.79
CA GLY C 315 7.28 7.51 28.14
C GLY C 315 8.12 6.89 27.02
N VAL C 316 7.60 6.93 25.77
CA VAL C 316 8.29 6.34 24.63
C VAL C 316 8.32 7.29 23.43
N PRO C 317 8.66 8.58 23.60
CA PRO C 317 8.66 9.50 22.46
C PRO C 317 9.71 9.25 21.40
N LYS C 318 10.84 8.68 21.80
CA LYS C 318 11.98 8.63 20.91
C LYS C 318 12.30 7.21 20.44
N VAL C 319 11.40 6.26 20.72
CA VAL C 319 11.62 4.93 20.21
C VAL C 319 11.53 4.94 18.69
N SER C 320 12.32 4.09 18.05
N SER C 320 12.37 4.12 18.05
CA SER C 320 12.54 4.20 16.61
CA SER C 320 12.52 4.20 16.61
C SER C 320 11.27 3.93 15.78
C SER C 320 11.19 4.02 15.87
N HIS C 321 10.40 3.00 16.21
CA HIS C 321 9.22 2.72 15.40
C HIS C 321 8.19 3.85 15.48
N ILE C 322 8.09 4.49 16.64
CA ILE C 322 7.16 5.62 16.79
C ILE C 322 7.69 6.80 15.97
N LYS C 323 8.98 7.09 16.08
CA LYS C 323 9.53 8.17 15.25
C LYS C 323 9.25 7.91 13.77
N ASP C 324 9.44 6.67 13.33
CA ASP C 324 9.24 6.31 11.95
C ASP C 324 7.79 6.52 11.51
N LYS C 325 6.84 6.14 12.37
CA LYS C 325 5.41 6.33 12.08
C LYS C 325 5.07 7.81 11.98
N ILE C 326 5.66 8.63 12.85
N ILE C 326 5.61 8.63 12.91
CA ILE C 326 5.39 10.06 12.81
CA ILE C 326 5.41 10.08 12.84
C ILE C 326 5.97 10.69 11.54
C ILE C 326 5.92 10.62 11.49
N ILE C 327 7.12 10.18 11.08
CA ILE C 327 7.66 10.59 9.78
C ILE C 327 6.69 10.19 8.64
N GLU C 328 6.17 8.96 8.69
CA GLU C 328 5.26 8.49 7.65
C GLU C 328 4.02 9.37 7.58
N MET C 329 3.45 9.68 8.74
CA MET C 329 2.26 10.54 8.83
C MET C 329 2.58 11.88 8.15
N THR C 330 3.76 12.42 8.48
CA THR C 330 4.19 13.74 7.96
C THR C 330 4.33 13.69 6.45
N HIS C 331 4.97 12.64 5.92
CA HIS C 331 5.20 12.46 4.51
C HIS C 331 3.87 12.40 3.76
N LEU C 332 2.95 11.55 4.23
CA LEU C 332 1.65 11.45 3.56
C LEU C 332 0.88 12.77 3.57
N ASN C 333 0.92 13.44 4.72
CA ASN C 333 0.23 14.71 4.87
C ASN C 333 0.81 15.76 3.91
N GLU C 334 2.15 15.82 3.82
CA GLU C 334 2.79 16.80 2.93
C GLU C 334 2.59 16.47 1.44
N THR C 335 2.38 15.20 1.12
CA THR C 335 2.12 14.79 -0.25
C THR C 335 0.80 15.45 -0.69
N ILE C 336 -0.21 15.42 0.18
CA ILE C 336 -1.48 16.09 -0.09
C ILE C 336 -1.26 17.60 -0.25
N PHE C 337 -0.54 18.20 0.70
CA PHE C 337 -0.29 19.63 0.64
C PHE C 337 0.34 20.01 -0.70
N ALA C 338 1.38 19.26 -1.10
CA ALA C 338 2.14 19.57 -2.30
C ALA C 338 1.24 19.55 -3.55
N ALA C 339 0.38 18.56 -3.65
CA ALA C 339 -0.50 18.40 -4.81
C ALA C 339 -1.45 19.60 -4.89
N GLY C 340 -1.96 20.04 -3.74
CA GLY C 340 -2.88 21.16 -3.68
C GLY C 340 -2.24 22.46 -4.11
N ILE C 341 -1.11 22.76 -3.46
CA ILE C 341 -0.46 24.01 -3.80
C ILE C 341 0.09 23.98 -5.20
N ALA C 342 0.53 22.81 -5.73
CA ALA C 342 0.99 22.76 -7.10
C ALA C 342 -0.15 23.10 -8.05
N SER C 343 -1.34 22.54 -7.78
CA SER C 343 -2.53 22.89 -8.56
C SER C 343 -2.77 24.39 -8.62
N SER C 344 -2.74 25.01 -7.44
CA SER C 344 -2.94 26.43 -7.31
C SER C 344 -1.86 27.24 -8.02
N HIS C 345 -0.58 26.87 -7.82
CA HIS C 345 0.53 27.57 -8.45
C HIS C 345 0.45 27.56 -9.98
N GLN C 346 -0.13 26.49 -10.52
CA GLN C 346 -0.25 26.25 -11.94
C GLN C 346 -1.55 26.84 -12.50
N GLY C 347 -2.23 27.72 -11.78
CA GLY C 347 -3.50 28.22 -12.26
C GLY C 347 -3.36 29.15 -13.46
N GLN C 348 -4.49 29.31 -14.17
CA GLN C 348 -4.53 30.07 -15.39
C GLN C 348 -5.77 30.96 -15.41
N LYS C 349 -5.67 32.07 -16.16
CA LYS C 349 -6.74 33.05 -16.25
C LYS C 349 -7.87 32.55 -17.18
N MET C 350 -9.10 32.72 -16.70
CA MET C 350 -10.28 32.43 -17.48
C MET C 350 -10.77 33.68 -18.21
N LYS C 351 -11.70 33.52 -19.15
CA LYS C 351 -12.19 34.65 -19.93
C LYS C 351 -12.76 35.77 -19.06
N SER C 352 -13.36 35.43 -17.91
CA SER C 352 -13.99 36.41 -17.04
C SER C 352 -12.95 37.19 -16.24
N GLY C 353 -11.72 36.67 -16.18
CA GLY C 353 -10.63 37.28 -15.43
C GLY C 353 -10.24 36.52 -14.16
N VAL C 354 -11.12 35.65 -13.66
CA VAL C 354 -10.80 34.81 -12.51
C VAL C 354 -9.74 33.77 -12.91
N TYR C 355 -8.90 33.39 -11.93
CA TYR C 355 -7.97 32.31 -12.16
C TYR C 355 -8.57 30.98 -11.67
N LEU C 356 -8.29 29.92 -12.45
CA LEU C 356 -8.68 28.57 -12.16
C LEU C 356 -7.41 27.73 -11.98
N ASN C 357 -7.38 26.94 -10.89
CA ASN C 357 -6.27 26.07 -10.59
C ASN C 357 -6.23 24.95 -11.63
N ASP C 358 -5.10 24.27 -11.67
CA ASP C 358 -4.87 23.16 -12.57
C ASP C 358 -5.75 21.96 -12.22
N ASP C 359 -6.67 21.61 -13.12
CA ASP C 359 -7.67 20.59 -12.83
C ASP C 359 -7.01 19.23 -12.62
N MET C 360 -6.00 18.86 -13.41
CA MET C 360 -5.41 17.54 -13.25
C MET C 360 -4.77 17.39 -11.87
N LEU C 361 -4.04 18.41 -11.45
CA LEU C 361 -3.36 18.36 -10.16
C LEU C 361 -4.36 18.40 -8.99
N ALA C 362 -5.51 19.07 -9.19
CA ALA C 362 -6.56 19.05 -8.20
C ALA C 362 -7.07 17.62 -8.01
N GLN C 363 -7.25 16.88 -9.12
CA GLN C 363 -7.68 15.49 -9.02
C GLN C 363 -6.71 14.68 -8.19
N VAL C 364 -5.42 14.91 -8.39
CA VAL C 364 -4.40 14.15 -7.69
C VAL C 364 -4.40 14.47 -6.19
N CYS C 365 -4.58 15.75 -5.84
CA CYS C 365 -4.73 16.15 -4.45
C CYS C 365 -5.88 15.36 -3.82
N LYS C 366 -7.08 15.55 -4.35
CA LYS C 366 -8.28 14.89 -3.84
C LYS C 366 -8.13 13.39 -3.77
N HIS C 367 -7.59 12.79 -4.83
CA HIS C 367 -7.52 11.33 -4.82
C HIS C 367 -6.62 10.84 -3.69
N ASN C 368 -5.50 11.53 -3.44
CA ASN C 368 -4.66 11.18 -2.30
C ASN C 368 -5.38 11.43 -0.97
N VAL C 369 -6.25 12.47 -0.88
CA VAL C 369 -7.04 12.73 0.31
C VAL C 369 -8.04 11.60 0.61
N THR C 370 -8.50 10.85 -0.41
CA THR C 370 -9.41 9.75 -0.21
C THR C 370 -8.71 8.57 0.50
N ARG C 371 -7.35 8.57 0.47
CA ARG C 371 -6.54 7.47 0.95
C ARG C 371 -5.83 7.83 2.25
N PHE C 372 -5.00 8.86 2.25
CA PHE C 372 -4.01 9.01 3.30
C PHE C 372 -4.58 9.34 4.69
N PRO C 373 -5.66 10.14 4.86
CA PRO C 373 -6.19 10.38 6.21
C PRO C 373 -6.52 9.08 6.95
N TYR C 374 -6.95 8.06 6.20
CA TYR C 374 -7.24 6.79 6.81
C TYR C 374 -5.97 6.14 7.37
N GLU C 375 -4.86 6.26 6.65
CA GLU C 375 -3.59 5.76 7.15
C GLU C 375 -3.05 6.57 8.31
N ILE C 376 -3.15 7.90 8.21
CA ILE C 376 -2.69 8.75 9.30
C ILE C 376 -3.45 8.39 10.60
N SER C 377 -4.77 8.18 10.48
N SER C 377 -4.77 8.19 10.47
CA SER C 377 -5.60 7.80 11.62
CA SER C 377 -5.64 7.77 11.56
C SER C 377 -5.19 6.45 12.19
C SER C 377 -5.17 6.46 12.18
N ARG C 378 -4.92 5.48 11.30
CA ARG C 378 -4.51 4.16 11.75
C ARG C 378 -3.21 4.25 12.58
N LEU C 379 -2.23 4.99 12.09
CA LEU C 379 -0.96 5.14 12.77
C LEU C 379 -1.12 5.89 14.08
N ALA C 380 -1.99 6.92 14.13
CA ALA C 380 -2.25 7.58 15.39
C ALA C 380 -2.80 6.60 16.46
N GLN C 381 -3.72 5.73 16.02
CA GLN C 381 -4.29 4.75 16.93
C GLN C 381 -3.21 3.79 17.46
N ASP C 382 -2.32 3.33 16.57
CA ASP C 382 -1.18 2.52 16.97
C ASP C 382 -0.40 3.20 18.09
N ILE C 383 0.04 4.43 17.83
CA ILE C 383 0.86 5.14 18.80
C ILE C 383 0.14 5.36 20.13
N ALA C 384 -1.16 5.65 20.09
CA ALA C 384 -1.91 5.97 21.30
C ALA C 384 -2.06 4.77 22.26
N GLY C 385 -2.25 3.55 21.76
CA GLY C 385 -2.54 2.38 22.60
C GLY C 385 -4.04 2.19 22.81
N GLY C 386 -4.36 1.14 23.58
CA GLY C 386 -5.73 0.68 23.69
C GLY C 386 -6.65 1.65 24.41
N LEU C 387 -6.08 2.49 25.27
CA LEU C 387 -6.89 3.39 26.07
C LEU C 387 -7.64 4.39 25.17
N VAL C 388 -7.22 4.53 23.93
CA VAL C 388 -7.88 5.45 23.04
C VAL C 388 -9.33 5.03 22.83
N VAL C 389 -9.67 3.73 23.08
CA VAL C 389 -11.04 3.27 22.94
C VAL C 389 -11.60 2.64 24.23
N THR C 390 -10.83 2.51 25.32
CA THR C 390 -11.36 1.88 26.52
C THR C 390 -11.40 2.87 27.70
N LEU C 391 -11.04 4.12 27.45
CA LEU C 391 -10.97 5.10 28.51
C LEU C 391 -12.32 5.29 29.19
N PRO C 392 -12.40 5.24 30.54
CA PRO C 392 -13.62 5.64 31.22
C PRO C 392 -14.02 7.10 31.01
N SER C 393 -15.32 7.35 31.22
CA SER C 393 -15.91 8.68 31.05
C SER C 393 -15.35 9.68 32.05
N GLU C 394 -15.45 10.97 31.68
CA GLU C 394 -15.15 12.04 32.60
C GLU C 394 -15.96 11.96 33.90
N LYS C 395 -17.21 11.52 33.82
CA LYS C 395 -18.03 11.38 35.02
C LYS C 395 -17.42 10.37 36.01
N ASP C 396 -16.76 9.34 35.48
CA ASP C 396 -16.03 8.42 36.33
C ASP C 396 -14.76 9.05 36.89
N PHE C 397 -14.05 9.83 36.06
CA PHE C 397 -12.86 10.53 36.52
C PHE C 397 -13.17 11.53 37.64
N ARG C 398 -14.38 12.12 37.63
CA ARG C 398 -14.75 13.10 38.64
C ARG C 398 -15.45 12.48 39.85
N HIS C 399 -15.74 11.19 39.78
CA HIS C 399 -16.40 10.51 40.88
C HIS C 399 -15.49 10.47 42.11
N PRO C 400 -16.02 10.61 43.34
CA PRO C 400 -15.19 10.62 44.56
C PRO C 400 -14.41 9.35 44.89
N GLU C 401 -14.85 8.21 44.35
CA GLU C 401 -14.21 6.93 44.56
C GLU C 401 -13.52 6.42 43.30
N ALA C 402 -14.23 6.42 42.16
CA ALA C 402 -13.62 5.98 40.90
C ALA C 402 -12.51 6.93 40.43
N GLY C 403 -12.69 8.22 40.71
CA GLY C 403 -11.76 9.23 40.21
C GLY C 403 -10.36 9.02 40.75
N PRO C 404 -10.17 8.92 42.09
CA PRO C 404 -8.84 8.64 42.61
C PRO C 404 -8.17 7.41 42.03
N LEU C 405 -8.97 6.36 41.79
CA LEU C 405 -8.46 5.13 41.22
C LEU C 405 -7.94 5.39 39.80
N LEU C 406 -8.66 6.21 39.02
CA LEU C 406 -8.24 6.54 37.66
C LEU C 406 -6.97 7.39 37.67
N LYS C 407 -6.90 8.36 38.59
N LYS C 407 -6.90 8.35 38.60
CA LYS C 407 -5.72 9.21 38.71
CA LYS C 407 -5.74 9.22 38.72
C LYS C 407 -4.49 8.36 39.02
C LYS C 407 -4.50 8.43 39.11
N LYS C 408 -4.68 7.35 39.87
CA LYS C 408 -3.57 6.48 40.21
C LYS C 408 -3.18 5.59 39.03
N TYR C 409 -4.17 4.87 38.48
CA TYR C 409 -3.88 3.75 37.61
C TYR C 409 -3.65 4.15 36.15
N LEU C 410 -4.11 5.35 35.73
CA LEU C 410 -3.93 5.78 34.34
C LEU C 410 -2.73 6.71 34.21
N ALA C 411 -1.82 6.64 35.19
CA ALA C 411 -0.57 7.35 35.10
C ALA C 411 0.20 6.97 33.84
N GLY C 412 0.88 7.98 33.25
CA GLY C 412 1.92 7.69 32.27
C GLY C 412 3.28 7.84 32.91
N ARG C 413 4.22 8.48 32.22
CA ARG C 413 5.52 8.73 32.85
C ARG C 413 5.34 9.71 34.01
N LYS C 414 6.30 9.69 34.91
CA LYS C 414 6.24 10.56 36.08
C LYS C 414 6.15 12.02 35.65
N GLY C 415 5.23 12.75 36.29
CA GLY C 415 5.12 14.19 36.09
C GLY C 415 3.98 14.54 35.13
N VAL C 416 3.48 13.56 34.42
CA VAL C 416 2.39 13.79 33.51
C VAL C 416 1.09 13.81 34.30
N ASP C 417 0.31 14.88 34.10
CA ASP C 417 -1.03 14.99 34.65
C ASP C 417 -1.98 14.01 33.97
N VAL C 418 -2.62 13.11 34.74
CA VAL C 418 -3.49 12.13 34.15
C VAL C 418 -4.62 12.78 33.34
N GLU C 419 -5.12 13.94 33.79
CA GLU C 419 -6.18 14.56 33.01
C GLU C 419 -5.67 14.96 31.61
N ASN C 420 -4.40 15.43 31.50
CA ASN C 420 -3.85 15.73 30.18
C ASN C 420 -3.73 14.49 29.30
N ARG C 421 -3.37 13.35 29.88
CA ARG C 421 -3.28 12.12 29.11
C ARG C 421 -4.68 11.70 28.63
N MET C 422 -5.68 11.84 29.51
CA MET C 422 -7.08 11.58 29.12
C MET C 422 -7.52 12.48 27.97
N ARG C 423 -7.20 13.76 28.11
CA ARG C 423 -7.59 14.75 27.12
C ARG C 423 -7.03 14.46 25.73
N ILE C 424 -5.74 14.13 25.66
CA ILE C 424 -5.11 13.88 24.37
C ILE C 424 -5.65 12.59 23.74
N LEU C 425 -5.95 11.58 24.57
CA LEU C 425 -6.55 10.38 24.06
C LEU C 425 -7.93 10.63 23.46
N ARG C 426 -8.72 11.45 24.15
CA ARG C 426 -10.03 11.82 23.65
C ARG C 426 -9.92 12.60 22.33
N LEU C 427 -8.92 13.49 22.17
CA LEU C 427 -8.74 14.16 20.91
C LEU C 427 -8.49 13.18 19.78
N ILE C 428 -7.60 12.21 20.01
CA ILE C 428 -7.33 11.18 19.02
C ILE C 428 -8.61 10.40 18.68
N GLU C 429 -9.36 9.97 19.70
CA GLU C 429 -10.63 9.31 19.48
C GLU C 429 -11.57 10.17 18.62
N ASN C 430 -11.68 11.45 18.96
CA ASN C 430 -12.55 12.39 18.25
C ASN C 430 -12.23 12.50 16.75
N MET C 431 -10.94 12.44 16.39
CA MET C 431 -10.48 12.66 15.03
C MET C 431 -10.43 11.38 14.21
N THR C 432 -10.49 10.20 14.87
CA THR C 432 -10.36 8.93 14.15
C THR C 432 -11.62 8.08 14.18
N LEU C 433 -12.47 8.27 15.20
CA LEU C 433 -13.73 7.54 15.31
C LEU C 433 -14.92 8.47 15.54
N GLY C 434 -14.73 9.60 16.19
CA GLY C 434 -15.83 10.42 16.68
C GLY C 434 -16.18 11.59 15.75
N ARG C 435 -16.66 12.69 16.33
CA ARG C 435 -17.35 13.69 15.52
C ARG C 435 -16.45 14.28 14.43
N ASN C 436 -15.16 14.51 14.74
CA ASN C 436 -14.29 15.14 13.76
C ASN C 436 -13.76 14.16 12.72
N ALA C 437 -13.96 12.85 12.93
CA ALA C 437 -13.65 11.83 11.95
C ALA C 437 -14.61 11.91 10.76
N VAL C 438 -15.84 12.40 11.01
CA VAL C 438 -16.79 12.58 9.94
C VAL C 438 -16.13 13.41 8.86
N GLY C 439 -15.48 14.48 9.29
CA GLY C 439 -14.84 15.38 8.33
C GLY C 439 -13.50 14.79 7.85
N TYR C 440 -12.69 14.31 8.79
CA TYR C 440 -11.32 13.98 8.47
C TYR C 440 -11.26 12.77 7.55
N LEU C 441 -12.15 11.78 7.81
CA LEU C 441 -12.17 10.57 7.05
C LEU C 441 -13.24 10.67 5.97
N THR C 442 -14.51 10.65 6.38
CA THR C 442 -15.56 10.40 5.40
C THR C 442 -15.73 11.55 4.41
N GLU C 443 -15.58 12.79 4.87
CA GLU C 443 -15.61 13.93 3.96
C GLU C 443 -14.38 13.94 3.05
N SER C 444 -13.22 13.53 3.54
CA SER C 444 -12.07 13.33 2.65
C SER C 444 -12.42 12.35 1.53
N MET C 445 -13.15 11.28 1.88
CA MET C 445 -13.61 10.31 0.90
C MET C 445 -14.55 10.87 -0.16
N HIS C 446 -15.60 11.58 0.25
CA HIS C 446 -16.72 11.90 -0.63
C HIS C 446 -16.83 13.38 -1.03
N GLY C 447 -16.19 14.26 -0.30
CA GLY C 447 -16.34 15.68 -0.59
C GLY C 447 -15.82 16.04 -2.00
N ALA C 448 -16.62 16.81 -2.73
CA ALA C 448 -16.44 17.12 -4.15
C ALA C 448 -16.38 15.87 -5.01
N GLY C 449 -17.01 14.80 -4.54
CA GLY C 449 -17.12 13.61 -5.34
C GLY C 449 -16.33 12.44 -4.75
N SER C 450 -16.94 11.26 -4.90
CA SER C 450 -16.35 10.01 -4.49
C SER C 450 -15.13 9.68 -5.35
N PRO C 451 -14.24 8.78 -4.92
CA PRO C 451 -13.01 8.47 -5.63
C PRO C 451 -13.15 8.25 -7.13
N GLN C 452 -14.19 7.51 -7.53
CA GLN C 452 -14.37 7.21 -8.94
C GLN C 452 -14.50 8.48 -9.78
N ALA C 453 -15.12 9.53 -9.23
CA ALA C 453 -15.27 10.75 -10.00
C ALA C 453 -13.91 11.34 -10.38
N GLN C 454 -12.95 11.29 -9.46
CA GLN C 454 -11.64 11.84 -9.78
C GLN C 454 -10.96 10.97 -10.82
N ARG C 455 -11.16 9.66 -10.73
CA ARG C 455 -10.56 8.77 -11.71
C ARG C 455 -11.07 9.08 -13.13
N ILE C 456 -12.38 9.33 -13.27
CA ILE C 456 -12.93 9.65 -14.57
C ILE C 456 -12.33 10.96 -15.08
N GLN C 457 -12.12 11.93 -14.19
N GLN C 457 -12.12 11.93 -14.19
CA GLN C 457 -11.59 13.20 -14.67
CA GLN C 457 -11.61 13.23 -14.60
C GLN C 457 -10.11 13.08 -15.06
C GLN C 457 -10.12 13.16 -14.96
N ILE C 458 -9.35 12.30 -14.31
CA ILE C 458 -7.95 12.05 -14.67
C ILE C 458 -7.92 11.39 -16.04
N GLN C 459 -8.81 10.41 -16.26
CA GLN C 459 -8.89 9.73 -17.55
C GLN C 459 -9.12 10.73 -18.70
N ARG C 460 -9.99 11.72 -18.47
CA ARG C 460 -10.31 12.67 -19.52
C ARG C 460 -9.10 13.54 -19.86
N GLN C 461 -8.17 13.75 -18.91
CA GLN C 461 -7.09 14.71 -19.13
C GLN C 461 -5.69 14.10 -19.27
N MET C 462 -5.57 12.77 -19.23
CA MET C 462 -4.31 12.07 -19.11
C MET C 462 -3.56 11.84 -20.42
N GLN C 463 -4.12 12.32 -21.57
CA GLN C 463 -3.40 12.41 -22.84
C GLN C 463 -2.73 11.07 -23.21
N VAL C 464 -3.53 10.00 -23.20
CA VAL C 464 -3.00 8.68 -23.50
C VAL C 464 -2.45 8.61 -24.93
N GLY C 465 -3.13 9.22 -25.92
CA GLY C 465 -2.64 9.21 -27.29
C GLY C 465 -1.28 9.89 -27.48
N TYR C 466 -1.10 11.01 -26.78
CA TYR C 466 0.17 11.72 -26.76
C TYR C 466 1.27 10.81 -26.18
N LYS C 467 0.92 10.09 -25.08
CA LYS C 467 1.91 9.25 -24.46
C LYS C 467 2.25 8.03 -25.32
N LYS C 468 1.21 7.45 -25.96
CA LYS C 468 1.43 6.35 -26.89
C LYS C 468 2.49 6.73 -27.93
N ASN C 469 2.38 7.98 -28.44
CA ASN C 469 3.31 8.44 -29.45
C ASN C 469 4.72 8.63 -28.90
N LEU C 470 4.86 9.08 -27.65
CA LEU C 470 6.16 9.14 -27.00
C LEU C 470 6.82 7.77 -27.03
N ALA C 471 6.03 6.74 -26.63
CA ALA C 471 6.58 5.41 -26.53
C ALA C 471 6.92 4.84 -27.90
N LYS C 472 6.02 5.02 -28.86
CA LYS C 472 6.25 4.55 -30.23
C LYS C 472 7.54 5.15 -30.80
N ASN C 473 7.74 6.46 -30.56
CA ASN C 473 8.97 7.11 -30.98
C ASN C 473 10.21 6.37 -30.47
N LEU C 474 10.25 6.11 -29.14
CA LEU C 474 11.44 5.50 -28.55
C LEU C 474 11.58 4.02 -28.93
N ALA C 475 10.47 3.32 -29.20
CA ALA C 475 10.53 1.94 -29.63
C ALA C 475 10.86 1.77 -31.11
N GLY C 476 10.98 2.88 -31.86
CA GLY C 476 11.22 2.80 -33.29
C GLY C 476 10.02 2.37 -34.12
N ILE C 477 8.82 2.66 -33.61
CA ILE C 477 7.56 2.38 -34.31
C ILE C 477 7.18 3.64 -35.07
N THR C 478 7.04 3.52 -36.39
CA THR C 478 6.81 4.70 -37.22
C THR C 478 5.57 4.57 -38.09
N ASN C 479 5.02 3.37 -38.30
CA ASN C 479 4.09 3.19 -39.41
C ASN C 479 2.63 3.14 -38.96
N ASP C 480 2.32 3.37 -37.67
CA ASP C 480 0.94 3.33 -37.22
C ASP C 480 0.68 4.47 -36.23
N VAL C 481 1.39 5.58 -36.40
CA VAL C 481 1.28 6.66 -35.44
C VAL C 481 0.03 7.46 -35.78
N GLU C 482 -0.85 7.64 -34.78
CA GLU C 482 -2.14 8.30 -34.93
C GLU C 482 -2.09 9.66 -34.23
N GLU C 483 -2.71 10.66 -34.84
CA GLU C 483 -2.90 11.96 -34.20
C GLU C 483 -3.82 11.78 -32.98
N PRO C 484 -3.45 12.25 -31.79
CA PRO C 484 -4.33 12.14 -30.63
C PRO C 484 -5.64 12.91 -30.79
N LYS C 485 -6.73 12.29 -30.31
CA LYS C 485 -8.06 12.92 -30.30
C LYS C 485 -8.59 12.94 -28.87
N GLU C 486 -8.20 13.98 -28.13
CA GLU C 486 -8.33 13.99 -26.68
C GLU C 486 -8.03 15.41 -26.22
N SER C 487 -8.47 15.74 -25.00
CA SER C 487 -8.09 17.00 -24.40
C SER C 487 -6.56 17.01 -24.27
N SER C 488 -5.94 18.11 -24.71
CA SER C 488 -4.49 18.28 -24.66
C SER C 488 -4.06 19.43 -23.74
N GLU C 489 -4.96 19.90 -22.88
CA GLU C 489 -4.69 21.10 -22.09
C GLU C 489 -3.62 20.90 -21.03
N TYR C 490 -3.55 19.71 -20.41
CA TYR C 490 -2.67 19.55 -19.26
C TYR C 490 -1.22 19.79 -19.66
N PHE C 491 -0.73 19.12 -20.71
CA PHE C 491 0.67 19.32 -21.07
C PHE C 491 0.94 20.72 -21.62
N LYS C 492 -0.09 21.43 -22.10
CA LYS C 492 0.11 22.83 -22.44
C LYS C 492 0.41 23.67 -21.20
N ARG C 493 -0.15 23.29 -20.05
CA ARG C 493 0.11 23.99 -18.81
C ARG C 493 1.45 23.53 -18.25
N VAL C 494 1.70 22.21 -18.29
CA VAL C 494 2.94 21.69 -17.76
C VAL C 494 4.16 22.33 -18.43
N PHE C 495 4.12 22.50 -19.76
CA PHE C 495 5.26 23.00 -20.50
C PHE C 495 5.16 24.48 -20.86
N LYS C 496 4.24 25.21 -20.23
CA LYS C 496 4.04 26.59 -20.59
C LYS C 496 5.33 27.38 -20.34
N THR C 497 5.67 28.23 -21.32
CA THR C 497 6.77 29.18 -21.19
C THR C 497 6.29 30.50 -21.74
N LYS C 498 7.16 31.51 -21.70
CA LYS C 498 6.86 32.80 -22.29
C LYS C 498 6.59 32.70 -23.80
N ASP C 499 7.03 31.60 -24.45
CA ASP C 499 6.86 31.49 -25.91
C ASP C 499 5.60 30.70 -26.28
N SER C 500 4.90 30.17 -25.26
CA SER C 500 3.50 29.74 -25.25
C SER C 500 3.38 28.30 -24.71
N THR D 1 14.37 -46.52 -15.82
CA THR D 1 13.97 -45.43 -14.90
C THR D 1 15.12 -44.44 -14.69
N ILE D 2 14.78 -43.16 -14.72
CA ILE D 2 15.71 -42.13 -14.30
C ILE D 2 15.74 -42.10 -12.78
N ARG D 3 16.92 -42.12 -12.16
CA ARG D 3 17.02 -42.02 -10.71
C ARG D 3 17.63 -40.69 -10.25
N SER D 4 18.78 -40.29 -10.75
CA SER D 4 19.51 -39.15 -10.20
C SER D 4 19.38 -37.97 -11.15
N GLY D 5 19.78 -36.80 -10.69
CA GLY D 5 19.95 -35.65 -11.56
C GLY D 5 20.87 -35.93 -12.74
N ASP D 6 21.98 -36.64 -12.50
CA ASP D 6 22.91 -36.99 -13.56
C ASP D 6 22.25 -37.88 -14.60
N ASP D 7 21.44 -38.86 -14.16
CA ASP D 7 20.68 -39.70 -15.08
C ASP D 7 19.74 -38.85 -15.94
N TYR D 8 19.12 -37.85 -15.31
CA TYR D 8 18.20 -36.99 -16.02
C TYR D 8 18.92 -36.16 -17.10
N ILE D 9 20.08 -35.63 -16.74
CA ILE D 9 20.84 -34.83 -17.70
C ILE D 9 21.22 -35.69 -18.92
N GLU D 10 21.64 -36.93 -18.68
N GLU D 10 21.67 -36.92 -18.66
CA GLU D 10 22.04 -37.80 -19.76
CA GLU D 10 22.02 -37.86 -19.72
C GLU D 10 20.85 -38.17 -20.65
C GLU D 10 20.83 -38.07 -20.66
N SER D 11 19.63 -38.19 -20.08
CA SER D 11 18.41 -38.49 -20.82
C SER D 11 18.07 -37.39 -21.82
N LEU D 12 18.64 -36.19 -21.61
CA LEU D 12 18.37 -35.04 -22.47
C LEU D 12 19.33 -34.95 -23.64
N ARG D 13 20.36 -35.81 -23.66
CA ARG D 13 21.39 -35.73 -24.67
C ARG D 13 20.99 -36.52 -25.92
N GLY D 14 21.34 -35.97 -27.07
CA GLY D 14 21.22 -36.65 -28.33
C GLY D 14 19.78 -36.76 -28.85
N ARG D 15 18.88 -35.84 -28.44
CA ARG D 15 17.47 -35.95 -28.82
C ARG D 15 17.11 -35.25 -30.14
N ASP D 16 17.96 -34.31 -30.56
CA ASP D 16 17.76 -33.57 -31.81
C ASP D 16 16.39 -32.90 -31.92
N LEU D 17 15.91 -32.26 -30.84
CA LEU D 17 14.76 -31.36 -30.89
C LEU D 17 15.12 -30.24 -31.84
N LYS D 18 14.15 -29.66 -32.56
CA LYS D 18 14.41 -28.47 -33.35
C LYS D 18 14.17 -27.23 -32.48
N VAL D 19 15.27 -26.56 -32.13
CA VAL D 19 15.29 -25.45 -31.19
C VAL D 19 16.02 -24.27 -31.84
N TYR D 20 15.31 -23.16 -31.98
CA TYR D 20 15.92 -21.92 -32.46
C TYR D 20 16.21 -21.00 -31.28
N LEU D 21 17.48 -20.55 -31.21
CA LEU D 21 17.92 -19.57 -30.24
C LEU D 21 18.91 -18.65 -30.92
N PHE D 22 18.57 -17.35 -30.96
CA PHE D 22 19.41 -16.33 -31.60
C PHE D 22 19.66 -16.65 -33.09
N GLY D 23 18.63 -17.21 -33.74
CA GLY D 23 18.66 -17.46 -35.17
C GLY D 23 19.54 -18.65 -35.55
N GLU D 24 19.83 -19.53 -34.59
CA GLU D 24 20.63 -20.72 -34.85
C GLU D 24 19.89 -21.93 -34.28
N LEU D 25 20.02 -23.06 -34.94
CA LEU D 25 19.59 -24.31 -34.36
C LEU D 25 20.55 -24.68 -33.23
N VAL D 26 19.99 -25.08 -32.10
CA VAL D 26 20.78 -25.53 -30.99
C VAL D 26 20.88 -27.04 -31.14
N LYS D 27 22.09 -27.56 -31.33
CA LYS D 27 22.27 -28.97 -31.60
C LYS D 27 22.21 -29.80 -30.32
N GLU D 28 22.74 -29.27 -29.23
CA GLU D 28 22.75 -29.99 -27.98
C GLU D 28 22.44 -29.03 -26.84
N PRO D 29 21.15 -28.88 -26.45
CA PRO D 29 20.81 -27.93 -25.37
C PRO D 29 21.58 -28.15 -24.06
N VAL D 30 21.89 -29.42 -23.73
CA VAL D 30 22.56 -29.72 -22.48
C VAL D 30 23.90 -28.99 -22.40
N ASP D 31 24.52 -28.73 -23.56
CA ASP D 31 25.84 -28.12 -23.66
C ASP D 31 25.77 -26.63 -23.95
N HIS D 32 24.57 -26.08 -24.06
CA HIS D 32 24.50 -24.66 -24.36
C HIS D 32 24.50 -23.88 -23.05
N PRO D 33 25.44 -22.93 -22.82
CA PRO D 33 25.54 -22.25 -21.54
C PRO D 33 24.30 -21.45 -21.12
N MET D 34 23.47 -21.04 -22.08
CA MET D 34 22.27 -20.31 -21.72
C MET D 34 21.19 -21.24 -21.18
N ILE D 35 21.22 -22.49 -21.62
CA ILE D 35 20.18 -23.47 -21.34
C ILE D 35 20.54 -24.34 -20.13
N ARG D 36 21.83 -24.65 -19.95
CA ARG D 36 22.24 -25.60 -18.94
C ARG D 36 21.77 -25.19 -17.52
N PRO D 37 21.74 -23.92 -17.11
CA PRO D 37 21.24 -23.57 -15.76
C PRO D 37 19.81 -24.07 -15.50
N SER D 38 18.94 -23.97 -16.52
CA SER D 38 17.58 -24.47 -16.40
C SER D 38 17.53 -25.99 -16.19
N ILE D 39 18.41 -26.72 -16.91
CA ILE D 39 18.53 -28.15 -16.80
C ILE D 39 19.02 -28.51 -15.41
N ASN D 40 19.97 -27.77 -14.87
CA ASN D 40 20.49 -28.02 -13.53
C ASN D 40 19.38 -27.91 -12.48
N ALA D 41 18.47 -26.96 -12.67
CA ALA D 41 17.35 -26.75 -11.76
C ALA D 41 16.45 -27.97 -11.76
N VAL D 42 16.12 -28.47 -12.95
CA VAL D 42 15.32 -29.67 -13.03
C VAL D 42 16.06 -30.85 -12.39
N ALA D 43 17.37 -30.94 -12.64
CA ALA D 43 18.15 -32.04 -12.07
C ALA D 43 18.03 -32.07 -10.55
N GLU D 44 17.94 -30.90 -9.91
CA GLU D 44 17.82 -30.81 -8.45
C GLU D 44 16.52 -31.43 -7.93
N THR D 45 15.46 -31.45 -8.76
CA THR D 45 14.22 -32.09 -8.38
C THR D 45 14.41 -33.59 -8.20
N TYR D 46 15.30 -34.19 -9.01
CA TYR D 46 15.66 -35.58 -8.84
C TYR D 46 16.59 -35.77 -7.64
N ASP D 47 17.60 -34.89 -7.51
CA ASP D 47 18.54 -35.02 -6.42
C ASP D 47 17.90 -34.84 -5.04
N LEU D 48 16.91 -33.96 -4.91
CA LEU D 48 16.23 -33.79 -3.64
C LEU D 48 15.49 -35.06 -3.22
N ALA D 49 14.89 -35.78 -4.18
CA ALA D 49 14.17 -37.00 -3.85
C ALA D 49 15.13 -38.07 -3.35
N LEU D 50 16.43 -37.99 -3.70
CA LEU D 50 17.45 -38.89 -3.20
C LEU D 50 17.93 -38.52 -1.80
N ARG D 51 18.08 -37.22 -1.52
CA ARG D 51 18.58 -36.77 -0.24
C ARG D 51 17.49 -36.73 0.83
N GLU D 52 16.25 -36.36 0.43
CA GLU D 52 15.13 -36.13 1.33
C GLU D 52 13.90 -36.89 0.80
N GLU D 53 13.94 -38.22 0.95
CA GLU D 53 12.93 -39.07 0.32
C GLU D 53 11.51 -38.77 0.84
N ALA D 54 11.35 -38.50 2.14
CA ALA D 54 10.01 -38.28 2.69
C ALA D 54 9.40 -36.99 2.14
N LEU D 55 10.23 -35.98 1.88
CA LEU D 55 9.75 -34.72 1.36
C LEU D 55 9.39 -34.81 -0.11
N ALA D 56 10.24 -35.46 -0.89
CA ALA D 56 10.16 -35.30 -2.34
C ALA D 56 9.73 -36.58 -3.06
N SER D 57 9.35 -37.62 -2.30
N SER D 57 9.31 -37.61 -2.31
CA SER D 57 8.78 -38.83 -2.89
CA SER D 57 8.75 -38.78 -2.96
C SER D 57 7.44 -39.14 -2.23
C SER D 57 7.55 -39.29 -2.18
N ALA D 58 6.67 -40.03 -2.87
CA ALA D 58 5.37 -40.43 -2.37
C ALA D 58 5.10 -41.89 -2.75
N ASP D 59 4.27 -42.57 -1.94
CA ASP D 59 3.80 -43.90 -2.29
C ASP D 59 2.57 -43.80 -3.19
N SER D 60 2.67 -44.29 -4.41
CA SER D 60 1.61 -44.20 -5.40
C SER D 60 0.67 -45.39 -5.25
N SER D 61 -0.62 -45.13 -5.03
CA SER D 61 -1.62 -46.19 -5.05
C SER D 61 -1.94 -46.63 -6.47
N ILE D 62 -1.50 -45.85 -7.47
CA ILE D 62 -1.76 -46.18 -8.86
C ILE D 62 -0.80 -47.26 -9.36
N THR D 63 0.49 -47.17 -8.99
CA THR D 63 1.51 -48.11 -9.46
C THR D 63 1.99 -49.02 -8.32
N GLY D 64 1.72 -48.64 -7.06
CA GLY D 64 2.22 -49.41 -5.93
C GLY D 64 3.71 -49.18 -5.71
N LEU D 65 4.25 -48.13 -6.32
CA LEU D 65 5.67 -47.75 -6.26
C LEU D 65 5.86 -46.46 -5.48
N LYS D 66 7.09 -46.26 -5.00
CA LYS D 66 7.55 -44.95 -4.57
C LYS D 66 7.86 -44.10 -5.80
N VAL D 67 7.28 -42.90 -5.89
CA VAL D 67 7.46 -42.08 -7.08
C VAL D 67 7.91 -40.69 -6.68
N ASN D 68 8.52 -39.98 -7.63
CA ASN D 68 8.81 -38.58 -7.39
C ASN D 68 7.49 -37.84 -7.13
N ARG D 69 7.48 -36.95 -6.12
CA ARG D 69 6.26 -36.25 -5.76
C ARG D 69 5.70 -35.41 -6.91
N PHE D 70 6.51 -34.93 -7.84
CA PHE D 70 6.00 -34.24 -9.00
C PHE D 70 5.14 -35.11 -9.92
N LEU D 71 5.15 -36.44 -9.75
CA LEU D 71 4.36 -37.32 -10.59
C LEU D 71 3.25 -38.00 -9.81
N HIS D 72 3.07 -37.59 -8.54
CA HIS D 72 2.12 -38.17 -7.63
C HIS D 72 0.75 -37.49 -7.75
N ILE D 73 -0.26 -38.36 -7.86
CA ILE D 73 -1.65 -37.92 -7.82
C ILE D 73 -2.07 -37.84 -6.35
N ALA D 74 -2.37 -36.62 -5.87
CA ALA D 74 -2.62 -36.38 -4.44
C ALA D 74 -3.80 -37.19 -3.93
N GLU D 75 -3.56 -37.94 -2.84
CA GLU D 75 -4.53 -38.88 -2.28
C GLU D 75 -5.14 -38.36 -0.98
N SER D 76 -4.73 -37.15 -0.57
CA SER D 76 -5.14 -36.56 0.71
C SER D 76 -4.80 -35.07 0.72
N ALA D 77 -5.31 -34.35 1.72
CA ALA D 77 -4.92 -32.95 1.85
C ALA D 77 -3.45 -32.88 2.26
N GLU D 78 -2.99 -33.86 3.02
CA GLU D 78 -1.60 -33.93 3.43
C GLU D 78 -0.68 -34.01 2.23
N ASP D 79 -1.09 -34.74 1.19
CA ASP D 79 -0.29 -34.82 -0.02
C ASP D 79 -0.18 -33.45 -0.70
N LEU D 80 -1.25 -32.66 -0.67
CA LEU D 80 -1.23 -31.31 -1.19
C LEU D 80 -0.26 -30.42 -0.41
N VAL D 81 -0.30 -30.53 0.90
CA VAL D 81 0.60 -29.74 1.72
C VAL D 81 2.07 -30.11 1.45
N LEU D 82 2.33 -31.41 1.30
CA LEU D 82 3.67 -31.87 0.98
C LEU D 82 4.18 -31.30 -0.34
N GLN D 83 3.30 -31.12 -1.33
CA GLN D 83 3.73 -30.46 -2.56
C GLN D 83 4.30 -29.08 -2.23
N ASN D 84 3.56 -28.32 -1.42
CA ASN D 84 3.99 -26.99 -1.01
C ASN D 84 5.31 -26.98 -0.25
N LYS D 85 5.47 -27.94 0.65
CA LYS D 85 6.70 -28.01 1.45
C LYS D 85 7.90 -28.27 0.55
N MET D 86 7.71 -29.20 -0.42
CA MET D 86 8.73 -29.54 -1.39
C MET D 86 9.05 -28.31 -2.27
N GLN D 87 8.02 -27.61 -2.71
CA GLN D 87 8.19 -26.43 -3.56
C GLN D 87 9.00 -25.34 -2.86
N ARG D 88 8.69 -25.08 -1.58
CA ARG D 88 9.48 -24.06 -0.89
C ARG D 88 10.95 -24.49 -0.74
N LYS D 89 11.15 -25.75 -0.42
CA LYS D 89 12.50 -26.28 -0.28
C LYS D 89 13.28 -26.11 -1.59
N LEU D 90 12.68 -26.49 -2.72
CA LEU D 90 13.34 -26.38 -4.02
C LEU D 90 13.63 -24.93 -4.37
N GLY D 91 12.72 -24.00 -4.00
CA GLY D 91 13.00 -22.61 -4.26
C GLY D 91 14.21 -22.11 -3.44
N GLN D 92 14.32 -22.56 -2.19
CA GLN D 92 15.47 -22.25 -1.35
C GLN D 92 16.75 -22.79 -1.97
N ASN D 93 16.67 -23.99 -2.54
CA ASN D 93 17.86 -24.69 -3.01
C ASN D 93 18.37 -24.16 -4.36
N THR D 94 17.47 -23.64 -5.20
CA THR D 94 17.79 -23.23 -6.57
C THR D 94 17.67 -21.74 -6.81
N GLY D 95 16.79 -21.06 -6.08
CA GLY D 95 16.57 -19.65 -6.31
C GLY D 95 15.96 -19.35 -7.66
N THR D 96 15.30 -20.32 -8.27
CA THR D 96 14.78 -20.06 -9.58
C THR D 96 13.56 -20.92 -9.82
N CYS D 97 13.05 -20.87 -11.06
N CYS D 97 13.03 -20.80 -11.04
CA CYS D 97 11.97 -21.75 -11.44
CA CYS D 97 12.08 -21.76 -11.57
C CYS D 97 12.51 -23.11 -11.88
C CYS D 97 12.76 -23.12 -11.72
N PHE D 98 12.17 -24.16 -11.11
CA PHE D 98 12.65 -25.53 -11.28
C PHE D 98 11.66 -26.34 -12.14
N GLN D 99 10.60 -25.69 -12.65
CA GLN D 99 9.91 -26.07 -13.88
C GLN D 99 8.89 -27.20 -13.76
N ARG D 100 9.04 -28.13 -12.81
CA ARG D 100 8.28 -29.39 -12.86
C ARG D 100 6.88 -29.30 -12.23
N CYS D 101 6.54 -28.21 -11.55
CA CYS D 101 5.23 -28.03 -10.93
C CYS D 101 4.10 -28.03 -11.95
N VAL D 102 4.31 -27.41 -13.13
CA VAL D 102 3.25 -27.28 -14.12
C VAL D 102 2.66 -28.66 -14.45
N GLY D 103 3.54 -29.62 -14.74
CA GLY D 103 3.07 -30.92 -15.13
C GLY D 103 2.39 -31.67 -13.98
N MET D 104 2.88 -31.47 -12.76
CA MET D 104 2.24 -32.03 -11.58
C MET D 104 0.78 -31.54 -11.48
N ASP D 105 0.60 -30.24 -11.59
CA ASP D 105 -0.69 -29.60 -11.46
C ASP D 105 -1.59 -30.02 -12.64
N ALA D 106 -1.02 -30.14 -13.84
CA ALA D 106 -1.76 -30.61 -15.02
C ALA D 106 -2.26 -32.02 -14.79
N MET D 107 -1.40 -32.90 -14.32
CA MET D 107 -1.80 -34.28 -14.12
C MET D 107 -2.85 -34.43 -13.05
N ASN D 108 -2.72 -33.67 -11.96
CA ASN D 108 -3.70 -33.76 -10.89
C ASN D 108 -5.07 -33.27 -11.39
N SER D 109 -5.07 -32.20 -12.19
CA SER D 109 -6.31 -31.65 -12.68
C SER D 109 -6.94 -32.57 -13.73
N LEU D 110 -6.11 -33.22 -14.56
CA LEU D 110 -6.60 -34.18 -15.54
C LEU D 110 -7.20 -35.41 -14.91
N HIS D 111 -6.65 -35.84 -13.76
CA HIS D 111 -7.15 -37.04 -13.12
C HIS D 111 -8.66 -36.93 -12.86
N SER D 112 -9.07 -35.83 -12.20
CA SER D 112 -10.47 -35.60 -11.88
C SER D 112 -11.30 -35.27 -13.13
N THR D 113 -10.75 -34.45 -14.04
CA THR D 113 -11.52 -33.96 -15.15
C THR D 113 -11.86 -35.11 -16.13
N THR D 114 -10.89 -35.97 -16.44
CA THR D 114 -11.12 -37.08 -17.35
C THR D 114 -12.22 -38.00 -16.83
N PHE D 115 -12.21 -38.19 -15.51
CA PHE D 115 -13.21 -39.02 -14.84
C PHE D 115 -14.62 -38.46 -15.13
N GLU D 116 -14.75 -37.13 -14.98
CA GLU D 116 -16.05 -36.51 -15.18
C GLU D 116 -16.48 -36.50 -16.64
N ILE D 117 -15.56 -36.28 -17.60
CA ILE D 117 -15.92 -36.39 -19.00
C ILE D 117 -16.54 -37.77 -19.26
N ASP D 118 -15.84 -38.82 -18.82
CA ASP D 118 -16.26 -40.19 -19.06
C ASP D 118 -17.61 -40.52 -18.42
N GLU D 119 -17.86 -39.98 -17.23
CA GLU D 119 -19.12 -40.18 -16.54
C GLU D 119 -20.26 -39.65 -17.42
N LYS D 120 -20.05 -38.53 -18.13
CA LYS D 120 -21.10 -37.93 -18.93
C LYS D 120 -21.21 -38.63 -20.30
N HIS D 121 -20.04 -38.89 -20.91
CA HIS D 121 -19.98 -39.21 -22.32
C HIS D 121 -19.78 -40.71 -22.59
N GLY D 122 -19.40 -41.50 -21.58
CA GLY D 122 -19.17 -42.92 -21.78
C GLY D 122 -17.86 -43.20 -22.53
N THR D 123 -16.94 -42.22 -22.53
CA THR D 123 -15.63 -42.30 -23.15
C THR D 123 -14.65 -42.98 -22.19
N ASP D 124 -13.39 -43.14 -22.61
CA ASP D 124 -12.40 -43.76 -21.74
C ASP D 124 -11.15 -42.92 -21.61
N TYR D 125 -11.33 -41.61 -21.54
CA TYR D 125 -10.21 -40.71 -21.33
C TYR D 125 -9.54 -40.99 -20.01
N HIS D 126 -10.31 -41.38 -18.98
CA HIS D 126 -9.72 -41.58 -17.65
C HIS D 126 -8.82 -42.81 -17.65
N LYS D 127 -9.30 -43.90 -18.27
CA LYS D 127 -8.50 -45.10 -18.45
C LYS D 127 -7.21 -44.81 -19.23
N ARG D 128 -7.30 -44.04 -20.31
CA ARG D 128 -6.13 -43.65 -21.07
C ARG D 128 -5.16 -42.87 -20.19
N PHE D 129 -5.71 -41.89 -19.47
CA PHE D 129 -4.89 -41.07 -18.62
C PHE D 129 -4.18 -41.88 -17.53
N LEU D 130 -4.87 -42.84 -16.92
CA LEU D 130 -4.23 -43.64 -15.88
C LEU D 130 -3.10 -44.48 -16.46
N GLU D 131 -3.25 -45.03 -17.66
CA GLU D 131 -2.13 -45.76 -18.26
C GLU D 131 -0.93 -44.82 -18.49
N PHE D 132 -1.18 -43.56 -18.87
CA PHE D 132 -0.12 -42.58 -19.04
C PHE D 132 0.59 -42.33 -17.72
N VAL D 133 -0.19 -42.07 -16.66
CA VAL D 133 0.36 -41.85 -15.34
C VAL D 133 1.24 -43.03 -14.92
N LYS D 134 0.76 -44.25 -15.13
CA LYS D 134 1.59 -45.39 -14.75
C LYS D 134 2.95 -45.36 -15.46
N MET D 135 2.93 -45.06 -16.76
CA MET D 135 4.15 -45.02 -17.54
CA MET D 135 4.15 -45.01 -17.55
C MET D 135 5.10 -43.95 -17.00
N VAL D 136 4.62 -42.72 -16.79
CA VAL D 136 5.53 -41.64 -16.43
C VAL D 136 6.01 -41.79 -14.99
N GLN D 137 5.21 -42.43 -14.13
CA GLN D 137 5.63 -42.73 -12.77
C GLN D 137 6.72 -43.81 -12.75
N GLN D 138 6.53 -44.88 -13.53
CA GLN D 138 7.54 -45.94 -13.62
C GLN D 138 8.88 -45.44 -14.15
N GLU D 139 8.85 -44.58 -15.17
CA GLU D 139 10.05 -44.11 -15.83
C GLU D 139 10.67 -42.87 -15.18
N ASN D 140 9.89 -42.18 -14.35
CA ASN D 140 10.31 -41.04 -13.57
C ASN D 140 10.66 -39.86 -14.48
N LEU D 141 9.69 -39.41 -15.29
CA LEU D 141 9.90 -38.42 -16.34
C LEU D 141 9.45 -37.03 -15.93
N VAL D 142 9.89 -36.02 -16.72
CA VAL D 142 9.51 -34.64 -16.59
C VAL D 142 8.40 -34.33 -17.60
N ILE D 143 7.34 -33.69 -17.09
CA ILE D 143 6.13 -33.48 -17.86
C ILE D 143 5.87 -31.99 -17.91
N GLY D 144 5.79 -31.46 -19.14
CA GLY D 144 5.37 -30.07 -19.30
C GLY D 144 3.85 -29.95 -19.35
N GLY D 145 3.36 -28.79 -18.91
CA GLY D 145 1.94 -28.49 -18.98
C GLY D 145 1.73 -27.32 -19.92
N ALA D 146 1.21 -27.63 -21.11
CA ALA D 146 1.14 -26.67 -22.20
C ALA D 146 -0.28 -26.22 -22.46
N MET D 147 -0.69 -25.20 -21.71
CA MET D 147 -2.03 -24.67 -21.80
C MET D 147 -2.10 -23.41 -22.67
N THR D 148 -1.27 -22.43 -22.40
CA THR D 148 -1.49 -21.09 -22.93
C THR D 148 -1.08 -21.01 -24.40
N ASP D 149 -2.06 -20.73 -25.24
CA ASP D 149 -1.85 -20.44 -26.64
C ASP D 149 -1.39 -18.99 -26.81
N PRO D 150 -0.93 -18.57 -28.02
CA PRO D 150 -0.58 -17.16 -28.25
C PRO D 150 -1.78 -16.22 -28.15
N LYS D 151 -2.96 -16.68 -28.63
CA LYS D 151 -4.27 -16.08 -28.40
C LYS D 151 -4.69 -14.96 -29.36
N GLY D 152 -3.76 -14.35 -30.10
CA GLY D 152 -4.18 -13.35 -31.08
C GLY D 152 -4.87 -12.13 -30.46
N ASP D 153 -6.07 -11.79 -30.98
CA ASP D 153 -6.87 -10.71 -30.43
C ASP D 153 -7.50 -11.20 -29.12
N ARG D 154 -7.09 -10.60 -27.99
CA ARG D 154 -7.53 -11.03 -26.68
C ARG D 154 -9.05 -10.87 -26.46
N SER D 155 -9.72 -10.05 -27.28
CA SER D 155 -11.14 -9.82 -27.15
C SER D 155 -12.01 -10.87 -27.87
N LYS D 156 -11.37 -11.84 -28.55
CA LYS D 156 -12.10 -12.81 -29.36
C LYS D 156 -11.72 -14.22 -28.92
N GLY D 157 -12.68 -15.11 -28.99
CA GLY D 157 -12.43 -16.50 -28.71
C GLY D 157 -11.83 -17.22 -29.92
N PRO D 158 -11.55 -18.52 -29.79
CA PRO D 158 -10.84 -19.26 -30.84
C PRO D 158 -11.49 -19.21 -32.21
N SER D 159 -12.78 -19.51 -32.26
CA SER D 159 -13.50 -19.56 -33.52
C SER D 159 -13.68 -18.17 -34.15
N GLU D 160 -13.35 -17.10 -33.43
CA GLU D 160 -13.52 -15.74 -33.95
C GLU D 160 -12.19 -15.13 -34.39
N GLN D 161 -11.07 -15.81 -34.14
CA GLN D 161 -9.80 -15.29 -34.60
C GLN D 161 -9.72 -15.34 -36.13
N ASP D 162 -8.99 -14.38 -36.68
CA ASP D 162 -8.78 -14.29 -38.11
C ASP D 162 -7.93 -15.45 -38.63
N ASP D 163 -7.02 -15.95 -37.78
CA ASP D 163 -6.21 -17.11 -38.06
C ASP D 163 -6.59 -18.18 -37.03
N PRO D 164 -7.21 -19.29 -37.48
CA PRO D 164 -7.70 -20.29 -36.55
C PRO D 164 -6.61 -20.98 -35.73
N ASP D 165 -5.36 -20.89 -36.17
CA ASP D 165 -4.24 -21.55 -35.52
C ASP D 165 -3.79 -20.81 -34.26
N LEU D 166 -4.34 -19.62 -33.95
CA LEU D 166 -3.86 -18.83 -32.82
C LEU D 166 -4.23 -19.45 -31.46
N PHE D 167 -5.17 -20.39 -31.49
CA PHE D 167 -5.37 -21.37 -30.44
C PHE D 167 -5.20 -22.75 -31.09
N THR D 168 -4.70 -23.70 -30.31
CA THR D 168 -4.32 -25.02 -30.80
C THR D 168 -5.59 -25.82 -31.09
N ARG D 169 -5.64 -26.47 -32.26
CA ARG D 169 -6.84 -27.16 -32.71
C ARG D 169 -6.49 -28.44 -33.45
N ILE D 170 -7.52 -29.31 -33.48
CA ILE D 170 -7.52 -30.49 -34.33
C ILE D 170 -7.73 -30.04 -35.77
N VAL D 171 -6.82 -30.45 -36.66
CA VAL D 171 -6.92 -30.15 -38.09
C VAL D 171 -7.29 -31.39 -38.91
N ASP D 172 -7.02 -32.59 -38.40
CA ASP D 172 -7.45 -33.77 -39.11
C ASP D 172 -7.46 -34.95 -38.16
N THR D 173 -8.13 -36.02 -38.59
CA THR D 173 -8.24 -37.22 -37.78
C THR D 173 -8.10 -38.42 -38.71
N ASP D 174 -7.64 -39.55 -38.16
CA ASP D 174 -7.64 -40.81 -38.90
C ASP D 174 -7.98 -41.94 -37.93
N GLU D 175 -7.84 -43.19 -38.41
CA GLU D 175 -8.14 -44.36 -37.60
C GLU D 175 -7.18 -44.47 -36.40
N LYS D 176 -6.02 -43.80 -36.43
CA LYS D 176 -5.03 -44.04 -35.40
C LYS D 176 -4.89 -42.84 -34.43
N GLY D 177 -5.40 -41.65 -34.79
CA GLY D 177 -5.36 -40.53 -33.88
C GLY D 177 -5.74 -39.22 -34.56
N VAL D 178 -5.26 -38.13 -33.93
CA VAL D 178 -5.62 -36.79 -34.36
C VAL D 178 -4.33 -36.09 -34.76
N TYR D 179 -4.50 -35.03 -35.53
CA TYR D 179 -3.40 -34.17 -35.89
C TYR D 179 -3.76 -32.76 -35.42
N VAL D 180 -2.79 -32.10 -34.78
CA VAL D 180 -3.04 -30.80 -34.17
C VAL D 180 -2.07 -29.79 -34.76
N SER D 181 -2.56 -28.56 -34.90
CA SER D 181 -1.76 -27.43 -35.33
C SER D 181 -2.07 -26.27 -34.39
N GLY D 182 -1.09 -25.39 -34.24
CA GLY D 182 -1.21 -24.27 -33.33
C GLY D 182 0.13 -23.98 -32.69
N ALA D 183 0.06 -23.32 -31.54
CA ALA D 183 1.24 -23.05 -30.76
C ALA D 183 0.85 -22.95 -29.29
N LYS D 184 1.87 -23.10 -28.45
CA LYS D 184 1.78 -22.85 -27.02
C LYS D 184 2.92 -21.94 -26.61
N ALA D 185 2.59 -20.83 -25.95
CA ALA D 185 3.57 -19.79 -25.65
C ALA D 185 4.02 -19.88 -24.20
N HIS D 186 5.21 -19.32 -23.92
CA HIS D 186 5.69 -19.15 -22.56
C HIS D 186 5.90 -20.48 -21.82
N GLN D 187 6.32 -21.53 -22.52
CA GLN D 187 6.23 -22.87 -21.97
C GLN D 187 7.44 -23.22 -21.13
N THR D 188 7.21 -23.32 -19.82
CA THR D 188 8.24 -23.53 -18.83
C THR D 188 8.84 -24.91 -19.01
N GLY D 189 10.17 -24.95 -19.17
CA GLY D 189 10.93 -26.19 -19.12
C GLY D 189 10.60 -27.15 -20.26
N CYS D 190 9.93 -26.70 -21.33
CA CYS D 190 9.46 -27.65 -22.34
C CYS D 190 10.60 -28.43 -23.01
N ILE D 191 11.68 -27.75 -23.34
CA ILE D 191 12.82 -28.39 -23.99
C ILE D 191 13.53 -29.35 -23.04
N ASN D 192 13.34 -29.15 -21.72
CA ASN D 192 13.92 -29.96 -20.66
C ASN D 192 12.96 -31.08 -20.26
N SER D 193 11.83 -31.24 -20.95
N SER D 193 11.82 -31.24 -20.96
CA SER D 193 10.86 -32.25 -20.57
CA SER D 193 10.80 -32.21 -20.60
C SER D 193 11.10 -33.52 -21.38
C SER D 193 10.92 -33.44 -21.50
N HIS D 194 10.33 -34.55 -21.05
CA HIS D 194 10.20 -35.77 -21.84
C HIS D 194 8.84 -35.84 -22.55
N TRP D 195 7.78 -35.38 -21.88
CA TRP D 195 6.43 -35.33 -22.44
C TRP D 195 5.85 -33.96 -22.16
N ILE D 196 4.98 -33.51 -23.05
CA ILE D 196 4.27 -32.26 -22.91
C ILE D 196 2.77 -32.58 -23.08
N ILE D 197 1.94 -32.08 -22.15
CA ILE D 197 0.50 -32.23 -22.23
C ILE D 197 -0.12 -30.92 -22.71
N LEU D 198 -0.69 -30.98 -23.92
CA LEU D 198 -1.41 -29.88 -24.51
C LEU D 198 -2.81 -29.84 -23.90
N MET D 199 -3.26 -28.65 -23.49
CA MET D 199 -4.57 -28.47 -22.88
C MET D 199 -5.20 -27.19 -23.36
N PRO D 200 -6.53 -27.11 -23.53
CA PRO D 200 -7.15 -25.82 -23.85
C PRO D 200 -7.00 -24.78 -22.76
N THR D 201 -6.97 -23.49 -23.15
CA THR D 201 -6.63 -22.43 -22.20
C THR D 201 -7.82 -21.59 -21.74
N ILE D 202 -9.02 -21.82 -22.30
CA ILE D 202 -10.17 -20.94 -22.15
C ILE D 202 -11.42 -21.81 -22.16
N ARG D 203 -12.48 -21.31 -21.53
CA ARG D 203 -13.83 -21.83 -21.74
C ARG D 203 -14.09 -21.90 -23.25
N LEU D 204 -14.70 -23.00 -23.68
CA LEU D 204 -15.02 -23.19 -25.08
C LEU D 204 -16.51 -23.31 -25.29
N THR D 205 -17.01 -22.72 -26.37
CA THR D 205 -18.39 -22.86 -26.79
C THR D 205 -18.51 -23.95 -27.84
N GLU D 206 -19.73 -24.26 -28.26
CA GLU D 206 -19.92 -25.30 -29.25
C GLU D 206 -19.21 -24.95 -30.56
N SER D 207 -19.10 -23.66 -30.88
N SER D 207 -19.13 -23.65 -30.88
CA SER D 207 -18.43 -23.23 -32.10
CA SER D 207 -18.42 -23.21 -32.07
C SER D 207 -16.91 -23.46 -32.02
C SER D 207 -16.94 -23.58 -32.02
N ASP D 208 -16.39 -23.74 -30.81
CA ASP D 208 -14.97 -23.94 -30.58
C ASP D 208 -14.63 -25.42 -30.37
N LYS D 209 -15.48 -26.35 -30.84
CA LYS D 209 -15.30 -27.77 -30.59
C LYS D 209 -13.98 -28.32 -31.12
N ASP D 210 -13.47 -27.78 -32.24
CA ASP D 210 -12.22 -28.27 -32.79
C ASP D 210 -11.02 -27.94 -31.88
N TRP D 211 -11.19 -27.00 -30.95
CA TRP D 211 -10.12 -26.60 -30.04
C TRP D 211 -10.22 -27.36 -28.71
N ALA D 212 -11.20 -28.25 -28.57
CA ALA D 212 -11.36 -29.05 -27.35
C ALA D 212 -10.50 -30.30 -27.44
N ILE D 213 -9.20 -30.12 -27.30
CA ILE D 213 -8.22 -31.18 -27.44
C ILE D 213 -7.23 -31.13 -26.29
N VAL D 214 -7.09 -32.29 -25.66
CA VAL D 214 -6.04 -32.55 -24.70
C VAL D 214 -5.29 -33.77 -25.20
N GLY D 215 -3.98 -33.68 -25.18
CA GLY D 215 -3.17 -34.81 -25.57
C GLY D 215 -1.71 -34.64 -25.19
N ALA D 216 -1.09 -35.79 -24.92
CA ALA D 216 0.32 -35.85 -24.53
C ALA D 216 1.18 -36.18 -25.75
N ILE D 217 2.24 -35.38 -25.93
CA ILE D 217 3.18 -35.59 -27.02
C ILE D 217 4.58 -35.71 -26.42
N PRO D 218 5.45 -36.56 -27.00
CA PRO D 218 6.82 -36.60 -26.56
C PRO D 218 7.54 -35.34 -27.01
N ALA D 219 8.55 -34.92 -26.26
CA ALA D 219 9.22 -33.67 -26.58
C ALA D 219 9.82 -33.70 -27.98
N ASP D 220 10.18 -34.88 -28.48
CA ASP D 220 10.79 -35.05 -29.81
C ASP D 220 9.79 -35.43 -30.90
N ALA D 221 8.49 -35.16 -30.70
CA ALA D 221 7.48 -35.39 -31.73
C ALA D 221 7.82 -34.64 -33.03
N LYS D 222 7.50 -35.28 -34.17
CA LYS D 222 7.61 -34.65 -35.47
C LYS D 222 6.58 -33.55 -35.62
N GLY D 223 7.01 -32.45 -36.26
CA GLY D 223 6.14 -31.32 -36.52
C GLY D 223 6.21 -30.24 -35.44
N VAL D 224 7.09 -30.40 -34.45
CA VAL D 224 7.24 -29.42 -33.38
C VAL D 224 8.48 -28.58 -33.66
N THR D 225 8.34 -27.26 -33.52
CA THR D 225 9.48 -26.36 -33.51
C THR D 225 9.44 -25.58 -32.20
N TYR D 226 10.61 -25.45 -31.54
CA TYR D 226 10.73 -24.64 -30.32
C TYR D 226 11.50 -23.36 -30.66
N ILE D 227 10.98 -22.23 -30.22
CA ILE D 227 11.66 -20.96 -30.41
C ILE D 227 11.88 -20.35 -29.02
N TYR D 228 13.12 -20.34 -28.61
CA TYR D 228 13.50 -20.00 -27.25
C TYR D 228 13.18 -18.55 -26.92
N GLY D 229 12.77 -18.33 -25.68
CA GLY D 229 12.53 -16.97 -25.21
C GLY D 229 13.81 -16.32 -24.67
N ARG D 230 13.99 -15.04 -24.96
CA ARG D 230 15.05 -14.31 -24.30
C ARG D 230 14.68 -14.02 -22.85
N GLN D 231 15.68 -13.71 -22.05
CA GLN D 231 15.50 -13.26 -20.68
C GLN D 231 16.40 -12.06 -20.45
N SER D 232 15.99 -11.19 -19.52
CA SER D 232 16.85 -10.13 -19.05
C SER D 232 18.19 -10.70 -18.62
N CYS D 233 19.28 -10.15 -19.15
CA CYS D 233 20.63 -10.61 -18.80
C CYS D 233 20.95 -12.02 -19.28
N ASP D 234 20.19 -12.55 -20.24
CA ASP D 234 20.34 -13.94 -20.70
C ASP D 234 21.79 -14.25 -21.10
N THR D 235 22.41 -13.35 -21.88
CA THR D 235 23.68 -13.69 -22.48
C THR D 235 24.84 -13.61 -21.50
N ARG D 236 24.63 -13.12 -20.27
CA ARG D 236 25.72 -13.20 -19.32
C ARG D 236 26.16 -14.66 -19.13
N SER D 237 25.21 -15.59 -19.25
N SER D 237 25.20 -15.58 -19.27
CA SER D 237 25.51 -17.00 -19.07
CA SER D 237 25.45 -17.00 -19.09
C SER D 237 26.51 -17.49 -20.12
C SER D 237 26.44 -17.51 -20.14
N MET D 238 26.55 -16.81 -21.27
CA MET D 238 27.39 -17.20 -22.39
C MET D 238 28.79 -16.56 -22.31
N GLU D 239 28.95 -15.57 -21.43
CA GLU D 239 30.22 -14.93 -21.16
C GLU D 239 31.04 -15.77 -20.21
N GLU D 240 32.35 -15.74 -20.40
CA GLU D 240 33.28 -16.37 -19.47
C GLU D 240 33.15 -15.64 -18.14
N GLY D 241 33.28 -16.40 -17.07
CA GLY D 241 33.13 -15.90 -15.71
C GLY D 241 31.72 -16.16 -15.19
N ASP D 242 31.60 -16.42 -13.89
CA ASP D 242 30.32 -16.74 -13.31
C ASP D 242 29.77 -15.67 -12.38
N ILE D 243 30.59 -14.67 -12.00
CA ILE D 243 30.12 -13.72 -10.98
C ILE D 243 28.94 -12.91 -11.51
N ASP D 244 29.05 -12.40 -12.75
CA ASP D 244 28.07 -11.43 -13.24
C ASP D 244 26.71 -12.09 -13.46
N ASP D 245 26.68 -13.42 -13.52
CA ASP D 245 25.44 -14.16 -13.64
C ASP D 245 24.55 -14.07 -12.37
N GLY D 246 25.18 -13.89 -11.20
CA GLY D 246 24.52 -13.80 -9.91
C GLY D 246 24.20 -15.15 -9.33
N ASN D 247 23.35 -15.88 -10.05
CA ASN D 247 23.10 -17.27 -9.77
C ASN D 247 23.55 -18.03 -11.01
N ALA D 248 24.80 -18.51 -10.97
CA ALA D 248 25.39 -19.13 -12.15
C ALA D 248 24.85 -20.53 -12.42
N LYS D 249 24.47 -21.26 -11.35
CA LYS D 249 24.17 -22.66 -11.57
C LYS D 249 22.73 -22.91 -12.04
N PHE D 250 21.80 -22.03 -11.68
CA PHE D 250 20.39 -22.29 -11.88
C PHE D 250 19.68 -21.14 -12.58
N GLY D 251 18.69 -21.49 -13.39
CA GLY D 251 17.82 -20.55 -14.04
C GLY D 251 16.59 -21.24 -14.60
N GLY D 252 15.72 -20.46 -15.27
CA GLY D 252 14.51 -20.99 -15.83
C GLY D 252 14.57 -21.00 -17.35
N GLN D 253 13.52 -21.50 -17.98
CA GLN D 253 13.47 -21.68 -19.41
C GLN D 253 12.04 -21.49 -19.86
N GLU D 254 11.86 -20.66 -20.90
CA GLU D 254 10.58 -20.60 -21.61
C GLU D 254 10.83 -20.64 -23.11
N ALA D 255 9.89 -21.27 -23.83
CA ALA D 255 9.94 -21.29 -25.28
C ALA D 255 8.53 -21.28 -25.86
N LEU D 256 8.44 -20.86 -27.12
CA LEU D 256 7.24 -20.98 -27.92
C LEU D 256 7.30 -22.33 -28.64
N ILE D 257 6.25 -23.13 -28.46
CA ILE D 257 6.13 -24.41 -29.11
C ILE D 257 5.18 -24.27 -30.29
N ILE D 258 5.71 -24.49 -31.49
N ILE D 258 5.71 -24.53 -31.47
CA ILE D 258 4.92 -24.46 -32.71
CA ILE D 258 4.92 -24.48 -32.70
C ILE D 258 4.57 -25.88 -33.11
C ILE D 258 4.56 -25.90 -33.07
N LEU D 259 3.28 -26.10 -33.42
CA LEU D 259 2.78 -27.42 -33.78
C LEU D 259 2.25 -27.39 -35.20
N ASP D 260 2.84 -28.22 -36.07
CA ASP D 260 2.42 -28.32 -37.46
C ASP D 260 1.97 -29.75 -37.72
N ARG D 261 0.65 -29.96 -37.67
CA ARG D 261 0.04 -31.25 -37.96
C ARG D 261 0.74 -32.34 -37.16
N VAL D 262 0.90 -32.09 -35.85
CA VAL D 262 1.52 -33.05 -34.96
C VAL D 262 0.53 -34.16 -34.65
N PHE D 263 1.00 -35.41 -34.72
CA PHE D 263 0.15 -36.57 -34.55
C PHE D 263 0.08 -36.96 -33.08
N ILE D 264 -1.14 -37.25 -32.61
CA ILE D 264 -1.35 -37.77 -31.28
C ILE D 264 -2.18 -39.04 -31.40
N PRO D 265 -1.64 -40.20 -30.99
CA PRO D 265 -2.43 -41.42 -31.06
C PRO D 265 -3.55 -41.43 -30.03
N TRP D 266 -4.64 -42.16 -30.31
CA TRP D 266 -5.80 -42.21 -29.42
C TRP D 266 -5.41 -42.45 -27.96
N ASP D 267 -4.43 -43.31 -27.70
CA ASP D 267 -4.09 -43.65 -26.33
C ASP D 267 -3.51 -42.45 -25.57
N LYS D 268 -3.20 -41.36 -26.27
CA LYS D 268 -2.64 -40.20 -25.60
C LYS D 268 -3.57 -39.00 -25.72
N VAL D 269 -4.81 -39.25 -26.16
CA VAL D 269 -5.82 -38.21 -26.27
C VAL D 269 -6.73 -38.28 -25.04
N PHE D 270 -6.81 -37.19 -24.29
CA PHE D 270 -7.56 -37.20 -23.04
C PHE D 270 -8.81 -36.34 -23.10
N MET D 271 -9.05 -35.66 -24.22
CA MET D 271 -10.26 -34.90 -24.48
C MET D 271 -10.31 -34.73 -25.99
N HIS D 272 -11.49 -34.95 -26.56
CA HIS D 272 -11.68 -34.86 -28.00
C HIS D 272 -13.08 -34.37 -28.34
N GLY D 273 -13.28 -33.05 -28.26
CA GLY D 273 -14.50 -32.41 -28.72
C GLY D 273 -15.49 -32.09 -27.60
N GLU D 274 -15.22 -32.54 -26.35
CA GLU D 274 -16.09 -32.29 -25.21
C GLU D 274 -15.83 -30.88 -24.67
N TYR D 275 -16.27 -29.89 -25.46
CA TYR D 275 -15.93 -28.49 -25.25
C TYR D 275 -16.38 -27.97 -23.88
N GLU D 276 -17.46 -28.54 -23.35
CA GLU D 276 -18.08 -28.06 -22.13
C GLU D 276 -17.25 -28.41 -20.90
N PHE D 277 -16.21 -29.24 -21.08
CA PHE D 277 -15.32 -29.55 -19.98
C PHE D 277 -14.00 -28.77 -20.01
N ALA D 278 -13.79 -27.96 -21.03
CA ALA D 278 -12.60 -27.12 -21.08
C ALA D 278 -12.52 -26.24 -19.83
N SER D 279 -13.64 -25.60 -19.47
CA SER D 279 -13.61 -24.68 -18.34
C SER D 279 -13.28 -25.43 -17.05
N MET D 280 -13.75 -26.68 -16.91
CA MET D 280 -13.47 -27.46 -15.70
C MET D 280 -11.97 -27.71 -15.58
N LEU D 281 -11.36 -28.07 -16.71
CA LEU D 281 -9.94 -28.36 -16.74
C LEU D 281 -9.15 -27.11 -16.43
N VAL D 282 -9.51 -25.98 -17.04
CA VAL D 282 -8.75 -24.78 -16.73
C VAL D 282 -8.90 -24.38 -15.25
N GLU D 283 -10.14 -24.45 -14.76
CA GLU D 283 -10.46 -24.12 -13.38
C GLU D 283 -9.63 -24.98 -12.41
N ARG D 284 -9.57 -26.28 -12.67
CA ARG D 284 -8.88 -27.16 -11.72
C ARG D 284 -7.36 -27.05 -11.83
N PHE D 285 -6.87 -26.90 -13.07
CA PHE D 285 -5.44 -26.70 -13.29
C PHE D 285 -5.00 -25.43 -12.54
N THR D 286 -5.72 -24.32 -12.77
CA THR D 286 -5.38 -23.05 -12.14
C THR D 286 -5.58 -23.09 -10.62
N CYS D 287 -6.52 -23.90 -10.12
CA CYS D 287 -6.75 -24.08 -8.71
C CYS D 287 -5.48 -24.63 -8.04
N TYR D 288 -4.91 -25.70 -8.60
CA TYR D 288 -3.66 -26.21 -8.07
C TYR D 288 -2.53 -25.21 -8.24
N HIS D 289 -2.40 -24.72 -9.48
CA HIS D 289 -1.19 -23.99 -9.84
C HIS D 289 -1.12 -22.65 -9.10
N ARG D 290 -2.27 -22.05 -8.82
CA ARG D 290 -2.26 -20.76 -8.14
C ARG D 290 -1.71 -20.87 -6.72
N ARG D 291 -1.69 -22.05 -6.10
CA ARG D 291 -1.01 -22.20 -4.81
C ARG D 291 0.30 -22.97 -4.88
N SER D 292 0.69 -23.43 -6.07
CA SER D 292 2.06 -23.86 -6.29
C SER D 292 3.04 -22.68 -6.18
N TYR D 293 2.53 -21.42 -6.20
CA TYR D 293 3.38 -20.23 -6.04
C TYR D 293 3.97 -20.11 -4.63
N VAL D 294 3.69 -21.05 -3.72
CA VAL D 294 4.53 -21.25 -2.56
C VAL D 294 6.01 -21.35 -2.94
N CYS D 295 6.30 -21.85 -4.15
CA CYS D 295 7.68 -21.90 -4.64
C CYS D 295 8.37 -20.54 -4.52
N LYS D 296 7.62 -19.46 -4.74
CA LYS D 296 8.21 -18.12 -4.73
C LYS D 296 8.60 -17.68 -3.32
N THR D 297 8.11 -18.37 -2.28
CA THR D 297 8.49 -18.09 -0.91
C THR D 297 9.87 -18.64 -0.61
N GLY D 298 10.29 -19.70 -1.32
CA GLY D 298 11.68 -20.10 -1.20
C GLY D 298 12.65 -19.12 -1.86
N LEU D 299 12.25 -18.62 -3.02
CA LEU D 299 12.98 -17.52 -3.65
C LEU D 299 13.06 -16.33 -2.70
N GLY D 300 11.93 -15.99 -2.09
CA GLY D 300 11.89 -14.91 -1.12
C GLY D 300 12.89 -15.10 0.00
N ASP D 301 12.99 -16.34 0.52
CA ASP D 301 13.96 -16.66 1.54
C ASP D 301 15.39 -16.35 1.09
N VAL D 302 15.73 -16.75 -0.14
CA VAL D 302 17.04 -16.44 -0.71
C VAL D 302 17.26 -14.92 -0.83
N LEU D 303 16.27 -14.19 -1.32
CA LEU D 303 16.45 -12.75 -1.53
C LEU D 303 16.59 -12.01 -0.19
N ILE D 304 15.85 -12.46 0.83
CA ILE D 304 15.98 -11.93 2.17
C ILE D 304 17.41 -12.20 2.68
N GLY D 305 17.85 -13.42 2.52
CA GLY D 305 19.20 -13.80 2.85
C GLY D 305 20.24 -12.92 2.19
N ALA D 306 20.04 -12.63 0.90
CA ALA D 306 20.98 -11.78 0.17
C ALA D 306 21.01 -10.36 0.71
N ALA D 307 19.82 -9.79 0.98
CA ALA D 307 19.71 -8.49 1.57
C ALA D 307 20.42 -8.43 2.93
N ALA D 308 20.23 -9.45 3.77
CA ALA D 308 20.85 -9.45 5.08
C ALA D 308 22.38 -9.56 4.94
N THR D 309 22.84 -10.35 3.98
CA THR D 309 24.26 -10.48 3.73
C THR D 309 24.90 -9.16 3.30
N ILE D 310 24.30 -8.48 2.31
CA ILE D 310 24.93 -7.22 1.87
C ILE D 310 24.91 -6.19 3.02
N ALA D 311 23.86 -6.16 3.83
CA ALA D 311 23.81 -5.26 4.99
C ALA D 311 25.01 -5.55 5.92
N ASP D 312 25.27 -6.85 6.16
CA ASP D 312 26.41 -7.30 6.96
C ASP D 312 27.72 -6.79 6.36
N TYR D 313 27.91 -7.07 5.07
CA TYR D 313 29.14 -6.70 4.38
C TYR D 313 29.36 -5.18 4.36
N ASN D 314 28.25 -4.42 4.34
CA ASN D 314 28.31 -2.98 4.32
C ASN D 314 28.53 -2.39 5.69
N GLY D 315 28.47 -3.21 6.73
CA GLY D 315 28.74 -2.79 8.10
C GLY D 315 27.54 -2.20 8.84
N VAL D 316 26.32 -2.45 8.34
CA VAL D 316 25.13 -1.90 8.99
C VAL D 316 24.07 -2.98 9.13
N PRO D 317 24.41 -4.21 9.61
CA PRO D 317 23.42 -5.26 9.75
C PRO D 317 22.33 -5.01 10.80
N LYS D 318 22.62 -4.22 11.82
CA LYS D 318 21.70 -4.14 12.93
C LYS D 318 21.07 -2.75 13.06
N VAL D 319 21.18 -1.94 12.03
CA VAL D 319 20.52 -0.65 12.08
C VAL D 319 19.00 -0.86 11.99
N SER D 320 18.26 -0.03 12.73
N SER D 320 18.25 -0.01 12.71
CA SER D 320 16.83 -0.22 12.89
CA SER D 320 16.82 -0.23 12.91
C SER D 320 16.06 -0.33 11.56
C SER D 320 16.05 -0.32 11.58
N HIS D 321 16.27 0.58 10.62
CA HIS D 321 15.47 0.60 9.41
C HIS D 321 15.71 -0.66 8.57
N ILE D 322 16.96 -1.16 8.55
CA ILE D 322 17.26 -2.34 7.78
C ILE D 322 16.60 -3.55 8.44
N LYS D 323 16.72 -3.66 9.78
CA LYS D 323 16.06 -4.77 10.46
C LYS D 323 14.57 -4.74 10.16
N ASP D 324 13.97 -3.53 10.15
CA ASP D 324 12.54 -3.41 9.93
C ASP D 324 12.15 -3.87 8.54
N LYS D 325 12.98 -3.52 7.52
CA LYS D 325 12.72 -3.90 6.15
C LYS D 325 12.82 -5.41 5.97
N ILE D 326 13.80 -6.04 6.65
N ILE D 326 13.81 -6.03 6.64
CA ILE D 326 13.94 -7.47 6.58
CA ILE D 326 13.97 -7.48 6.59
C ILE D 326 12.73 -8.17 7.21
C ILE D 326 12.74 -8.16 7.22
N ILE D 327 12.24 -7.61 8.31
CA ILE D 327 10.98 -8.11 8.91
C ILE D 327 9.82 -7.98 7.90
N GLU D 328 9.74 -6.82 7.24
CA GLU D 328 8.64 -6.61 6.29
C GLU D 328 8.69 -7.64 5.15
N MET D 329 9.87 -7.87 4.61
CA MET D 329 10.08 -8.86 3.55
C MET D 329 9.57 -10.22 4.07
N THR D 330 10.03 -10.58 5.28
CA THR D 330 9.65 -11.88 5.86
C THR D 330 8.13 -11.99 5.99
N HIS D 331 7.47 -10.95 6.53
CA HIS D 331 6.03 -10.92 6.74
C HIS D 331 5.28 -11.14 5.42
N LEU D 332 5.66 -10.38 4.39
CA LEU D 332 5.02 -10.51 3.09
C LEU D 332 5.19 -11.93 2.53
N ASN D 333 6.41 -12.44 2.64
CA ASN D 333 6.75 -13.75 2.12
C ASN D 333 5.93 -14.83 2.82
N GLU D 334 5.80 -14.73 4.14
CA GLU D 334 5.06 -15.72 4.89
C GLU D 334 3.56 -15.61 4.66
N THR D 335 3.06 -14.43 4.30
CA THR D 335 1.65 -14.25 4.02
C THR D 335 1.29 -15.12 2.79
N ILE D 336 2.16 -15.10 1.77
CA ILE D 336 1.99 -15.95 0.59
C ILE D 336 2.00 -17.42 1.02
N PHE D 337 3.05 -17.80 1.77
CA PHE D 337 3.17 -19.17 2.22
C PHE D 337 1.90 -19.65 2.91
N ALA D 338 1.40 -18.86 3.87
CA ALA D 338 0.23 -19.21 4.66
C ALA D 338 -0.98 -19.44 3.75
N ALA D 339 -1.21 -18.55 2.79
CA ALA D 339 -2.35 -18.70 1.90
C ALA D 339 -2.27 -20.03 1.14
N GLY D 340 -1.09 -20.39 0.64
CA GLY D 340 -0.91 -21.57 -0.17
C GLY D 340 -1.12 -22.81 0.66
N ILE D 341 -0.45 -22.86 1.84
CA ILE D 341 -0.63 -24.07 2.64
C ILE D 341 -2.05 -24.19 3.21
N ALA D 342 -2.71 -23.06 3.52
CA ALA D 342 -4.10 -23.08 3.94
C ALA D 342 -4.98 -23.71 2.85
N SER D 343 -4.79 -23.28 1.61
CA SER D 343 -5.49 -23.88 0.47
C SER D 343 -5.33 -25.39 0.39
N SER D 344 -4.10 -25.84 0.56
CA SER D 344 -3.76 -27.25 0.51
C SER D 344 -4.39 -28.01 1.69
N HIS D 345 -4.29 -27.44 2.89
CA HIS D 345 -4.83 -28.05 4.11
C HIS D 345 -6.34 -28.22 4.05
N GLN D 346 -6.99 -27.31 3.33
CA GLN D 346 -8.43 -27.28 3.18
C GLN D 346 -8.92 -28.13 2.00
N GLY D 347 -8.06 -28.96 1.40
CA GLY D 347 -8.45 -29.69 0.20
C GLY D 347 -9.52 -30.75 0.45
N GLN D 348 -10.18 -31.15 -0.64
CA GLN D 348 -11.30 -32.08 -0.55
C GLN D 348 -11.17 -33.12 -1.65
N LYS D 349 -11.78 -34.28 -1.40
CA LYS D 349 -11.74 -35.39 -2.35
C LYS D 349 -12.68 -35.18 -3.54
N MET D 350 -12.16 -35.45 -4.75
N MET D 350 -12.16 -35.45 -4.74
CA MET D 350 -12.94 -35.38 -5.97
CA MET D 350 -12.97 -35.38 -5.96
C MET D 350 -13.59 -36.75 -6.20
C MET D 350 -13.44 -36.78 -6.33
N LYS D 351 -14.42 -36.85 -7.25
CA LYS D 351 -15.09 -38.09 -7.56
C LYS D 351 -14.11 -39.18 -7.99
N SER D 352 -13.01 -38.77 -8.63
CA SER D 352 -12.01 -39.70 -9.14
C SER D 352 -11.12 -40.23 -8.02
N GLY D 353 -11.14 -39.54 -6.87
CA GLY D 353 -10.33 -39.94 -5.73
C GLY D 353 -9.18 -38.96 -5.42
N VAL D 354 -8.78 -38.15 -6.41
CA VAL D 354 -7.75 -37.15 -6.17
C VAL D 354 -8.28 -36.05 -5.26
N TYR D 355 -7.41 -35.46 -4.42
CA TYR D 355 -7.76 -34.26 -3.68
C TYR D 355 -7.44 -32.99 -4.48
N LEU D 356 -8.34 -32.01 -4.35
CA LEU D 356 -8.23 -30.68 -4.93
C LEU D 356 -8.16 -29.69 -3.77
N ASN D 357 -7.18 -28.78 -3.84
CA ASN D 357 -7.06 -27.75 -2.83
C ASN D 357 -8.23 -26.77 -2.93
N ASP D 358 -8.36 -25.96 -1.89
CA ASP D 358 -9.39 -24.96 -1.82
C ASP D 358 -9.19 -23.86 -2.85
N ASP D 359 -10.15 -23.74 -3.78
CA ASP D 359 -9.99 -22.80 -4.90
C ASP D 359 -9.91 -21.34 -4.43
N MET D 360 -10.77 -20.96 -3.50
CA MET D 360 -10.78 -19.57 -3.08
C MET D 360 -9.41 -19.19 -2.50
N LEU D 361 -8.90 -20.01 -1.61
CA LEU D 361 -7.65 -19.70 -0.96
C LEU D 361 -6.48 -19.73 -1.95
N ALA D 362 -6.57 -20.54 -3.01
CA ALA D 362 -5.57 -20.52 -4.07
C ALA D 362 -5.56 -19.17 -4.77
N GLN D 363 -6.74 -18.57 -4.99
CA GLN D 363 -6.80 -17.28 -5.66
C GLN D 363 -6.11 -16.24 -4.79
N VAL D 364 -6.28 -16.35 -3.48
CA VAL D 364 -5.70 -15.44 -2.52
C VAL D 364 -4.17 -15.55 -2.48
N CYS D 365 -3.67 -16.78 -2.52
CA CYS D 365 -2.24 -17.04 -2.60
C CYS D 365 -1.66 -16.33 -3.85
N LYS D 366 -2.18 -16.71 -5.01
CA LYS D 366 -1.72 -16.14 -6.28
C LYS D 366 -1.88 -14.62 -6.32
N HIS D 367 -3.04 -14.10 -5.88
CA HIS D 367 -3.22 -12.66 -5.99
C HIS D 367 -2.16 -11.92 -5.18
N ASN D 368 -1.82 -12.42 -4.00
CA ASN D 368 -0.75 -11.83 -3.22
C ASN D 368 0.62 -12.00 -3.87
N VAL D 369 0.85 -13.12 -4.56
CA VAL D 369 2.09 -13.31 -5.33
C VAL D 369 2.23 -12.29 -6.47
N THR D 370 1.12 -11.76 -7.00
CA THR D 370 1.22 -10.75 -8.06
C THR D 370 1.73 -9.41 -7.53
N ARG D 371 1.73 -9.22 -6.20
CA ARG D 371 2.02 -7.99 -5.54
C ARG D 371 3.36 -8.07 -4.80
N PHE D 372 3.49 -9.01 -3.87
CA PHE D 372 4.51 -8.90 -2.85
C PHE D 372 5.93 -9.11 -3.38
N PRO D 373 6.22 -10.02 -4.35
CA PRO D 373 7.60 -10.13 -4.83
C PRO D 373 8.17 -8.79 -5.31
N TYR D 374 7.30 -7.96 -5.90
CA TYR D 374 7.76 -6.65 -6.34
C TYR D 374 8.21 -5.79 -5.18
N GLU D 375 7.52 -5.88 -4.04
CA GLU D 375 7.90 -5.11 -2.88
C GLU D 375 9.16 -5.68 -2.22
N ILE D 376 9.23 -7.01 -2.13
CA ILE D 376 10.41 -7.65 -1.56
C ILE D 376 11.66 -7.25 -2.37
N SER D 377 11.53 -7.22 -3.70
N SER D 377 11.51 -7.26 -3.70
CA SER D 377 12.60 -6.81 -4.58
CA SER D 377 12.50 -6.80 -4.65
C SER D 377 13.00 -5.36 -4.37
C SER D 377 12.97 -5.38 -4.36
N ARG D 378 12.00 -4.49 -4.22
CA ARG D 378 12.31 -3.09 -4.00
C ARG D 378 13.08 -2.89 -2.69
N LEU D 379 12.70 -3.60 -1.63
CA LEU D 379 13.34 -3.44 -0.34
C LEU D 379 14.75 -4.03 -0.38
N ALA D 380 14.95 -5.13 -1.13
CA ALA D 380 16.28 -5.67 -1.31
C ALA D 380 17.21 -4.64 -1.96
N GLN D 381 16.70 -3.94 -2.98
CA GLN D 381 17.50 -2.95 -3.67
C GLN D 381 17.82 -1.81 -2.74
N ASP D 382 16.90 -1.37 -1.93
CA ASP D 382 17.19 -0.35 -0.90
C ASP D 382 18.38 -0.78 -0.04
N ILE D 383 18.28 -1.97 0.56
CA ILE D 383 19.31 -2.44 1.46
C ILE D 383 20.67 -2.58 0.76
N ALA D 384 20.69 -2.98 -0.51
CA ALA D 384 21.94 -3.26 -1.22
C ALA D 384 22.77 -1.98 -1.49
N GLY D 385 22.10 -0.90 -1.81
CA GLY D 385 22.76 0.32 -2.27
C GLY D 385 22.98 0.38 -3.78
N GLY D 386 23.57 1.48 -4.25
CA GLY D 386 23.66 1.73 -5.68
C GLY D 386 24.52 0.75 -6.46
N LEU D 387 25.50 0.13 -5.79
CA LEU D 387 26.42 -0.78 -6.48
C LEU D 387 25.69 -1.98 -7.08
N VAL D 388 24.47 -2.25 -6.63
CA VAL D 388 23.65 -3.32 -7.18
C VAL D 388 23.41 -3.11 -8.67
N VAL D 389 23.48 -1.86 -9.16
CA VAL D 389 23.31 -1.60 -10.58
C VAL D 389 24.51 -0.89 -11.22
N THR D 390 25.57 -0.51 -10.50
CA THR D 390 26.69 0.20 -11.10
C THR D 390 27.98 -0.61 -11.02
N LEU D 391 27.90 -1.83 -10.50
CA LEU D 391 29.11 -2.64 -10.31
C LEU D 391 29.81 -2.93 -11.64
N PRO D 392 31.15 -2.72 -11.74
CA PRO D 392 31.91 -3.18 -12.89
C PRO D 392 31.89 -4.68 -13.09
N SER D 393 32.17 -5.06 -14.33
CA SER D 393 32.20 -6.45 -14.74
C SER D 393 33.29 -7.26 -14.04
N GLU D 394 33.09 -8.57 -14.01
CA GLU D 394 34.12 -9.47 -13.52
C GLU D 394 35.41 -9.39 -14.33
N LYS D 395 35.30 -9.11 -15.64
CA LYS D 395 36.47 -8.97 -16.49
C LYS D 395 37.30 -7.79 -15.99
N ASP D 396 36.63 -6.76 -15.47
CA ASP D 396 37.35 -5.63 -14.89
C ASP D 396 37.95 -6.00 -13.53
N PHE D 397 37.23 -6.78 -12.73
CA PHE D 397 37.74 -7.21 -11.42
C PHE D 397 38.99 -8.08 -11.54
N ARG D 398 39.08 -8.84 -12.64
CA ARG D 398 40.19 -9.76 -12.90
C ARG D 398 41.34 -9.09 -13.66
N HIS D 399 41.12 -7.87 -14.13
CA HIS D 399 42.08 -7.14 -14.92
C HIS D 399 43.30 -6.74 -14.06
N PRO D 400 44.54 -6.78 -14.60
CA PRO D 400 45.72 -6.41 -13.78
C PRO D 400 45.77 -4.95 -13.31
N GLU D 401 45.16 -4.01 -14.06
CA GLU D 401 45.14 -2.60 -13.69
C GLU D 401 43.85 -2.27 -12.93
N ALA D 402 42.70 -2.62 -13.50
CA ALA D 402 41.41 -2.27 -12.90
C ALA D 402 41.12 -3.12 -11.65
N GLY D 403 41.61 -4.35 -11.63
CA GLY D 403 41.26 -5.29 -10.59
C GLY D 403 41.74 -4.85 -9.21
N PRO D 404 43.03 -4.49 -9.03
CA PRO D 404 43.49 -4.00 -7.74
C PRO D 404 42.78 -2.74 -7.26
N LEU D 405 42.34 -1.91 -8.22
CA LEU D 405 41.61 -0.68 -7.90
C LEU D 405 40.23 -1.04 -7.34
N LEU D 406 39.59 -2.04 -7.92
CA LEU D 406 38.29 -2.52 -7.46
C LEU D 406 38.41 -3.21 -6.09
N LYS D 407 39.47 -3.99 -5.92
CA LYS D 407 39.70 -4.67 -4.66
C LYS D 407 39.91 -3.66 -3.54
N LYS D 408 40.56 -2.54 -3.83
CA LYS D 408 40.77 -1.52 -2.83
C LYS D 408 39.47 -0.73 -2.58
N TYR D 409 38.85 -0.23 -3.65
CA TYR D 409 37.82 0.77 -3.50
C TYR D 409 36.43 0.20 -3.21
N LEU D 410 36.19 -1.07 -3.50
CA LEU D 410 34.87 -1.66 -3.27
C LEU D 410 34.82 -2.45 -1.96
N ALA D 411 35.76 -2.16 -1.08
CA ALA D 411 35.73 -2.68 0.28
C ALA D 411 34.41 -2.33 0.97
N GLY D 412 33.93 -3.26 1.79
CA GLY D 412 32.91 -2.97 2.77
C GLY D 412 33.59 -2.86 4.13
N ARG D 413 32.95 -3.45 5.11
CA ARG D 413 33.56 -3.49 6.44
C ARG D 413 34.86 -4.30 6.38
N LYS D 414 35.77 -3.99 7.30
CA LYS D 414 37.07 -4.63 7.33
C LYS D 414 36.92 -6.15 7.44
N GLY D 415 37.69 -6.86 6.63
CA GLY D 415 37.75 -8.31 6.70
C GLY D 415 36.79 -8.96 5.71
N VAL D 416 35.90 -8.19 5.09
CA VAL D 416 35.03 -8.77 4.08
C VAL D 416 35.77 -8.85 2.75
N ASP D 417 35.74 -10.03 2.14
CA ASP D 417 36.31 -10.24 0.82
C ASP D 417 35.48 -9.51 -0.23
N VAL D 418 36.13 -8.61 -0.97
CA VAL D 418 35.43 -7.83 -1.98
C VAL D 418 34.74 -8.74 -3.00
N GLU D 419 35.38 -9.87 -3.34
CA GLU D 419 34.74 -10.74 -4.29
C GLU D 419 33.39 -11.22 -3.74
N ASN D 420 33.32 -11.53 -2.43
CA ASN D 420 32.04 -11.95 -1.85
C ASN D 420 30.99 -10.84 -1.92
N ARG D 421 31.41 -9.61 -1.68
CA ARG D 421 30.49 -8.48 -1.75
C ARG D 421 29.97 -8.30 -3.19
N MET D 422 30.85 -8.42 -4.17
CA MET D 422 30.46 -8.45 -5.58
C MET D 422 29.45 -9.55 -5.88
N ARG D 423 29.76 -10.76 -5.43
CA ARG D 423 28.90 -11.91 -5.72
C ARG D 423 27.48 -11.72 -5.17
N ILE D 424 27.36 -11.22 -3.95
CA ILE D 424 26.03 -11.06 -3.35
C ILE D 424 25.24 -9.96 -4.06
N LEU D 425 25.92 -8.88 -4.46
CA LEU D 425 25.27 -7.81 -5.22
C LEU D 425 24.75 -8.33 -6.55
N ARG D 426 25.54 -9.16 -7.24
CA ARG D 426 25.10 -9.77 -8.50
C ARG D 426 23.91 -10.70 -8.28
N LEU D 427 23.86 -11.44 -7.16
CA LEU D 427 22.68 -12.26 -6.90
C LEU D 427 21.43 -11.39 -6.79
N ILE D 428 21.52 -10.30 -6.02
CA ILE D 428 20.40 -9.38 -5.90
C ILE D 428 19.99 -8.86 -7.28
N GLU D 429 20.94 -8.35 -8.07
CA GLU D 429 20.64 -7.89 -9.43
C GLU D 429 19.92 -8.97 -10.24
N ASN D 430 20.43 -10.21 -10.14
CA ASN D 430 19.89 -11.34 -10.89
C ASN D 430 18.41 -11.59 -10.56
N MET D 431 18.03 -11.43 -9.29
CA MET D 431 16.69 -11.79 -8.83
C MET D 431 15.71 -10.62 -8.97
N THR D 432 16.22 -9.41 -9.16
CA THR D 432 15.34 -8.23 -9.15
C THR D 432 15.28 -7.55 -10.51
N LEU D 433 16.33 -7.71 -11.34
CA LEU D 433 16.42 -7.14 -12.70
C LEU D 433 16.76 -8.16 -13.77
N GLY D 434 17.52 -9.18 -13.42
CA GLY D 434 18.13 -10.07 -14.37
C GLY D 434 17.35 -11.35 -14.58
N ARG D 435 18.10 -12.43 -14.88
CA ARG D 435 17.46 -13.59 -15.47
C ARG D 435 16.41 -14.21 -14.53
N ASN D 436 16.70 -14.22 -13.22
CA ASN D 436 15.82 -14.87 -12.27
C ASN D 436 14.67 -13.94 -11.84
N ALA D 437 14.69 -12.67 -12.24
CA ALA D 437 13.57 -11.78 -12.04
C ALA D 437 12.42 -12.10 -12.99
N VAL D 438 12.74 -12.72 -14.13
CA VAL D 438 11.73 -13.15 -15.07
C VAL D 438 10.73 -14.03 -14.33
N GLY D 439 11.29 -14.95 -13.55
CA GLY D 439 10.43 -15.85 -12.78
C GLY D 439 9.89 -15.18 -11.52
N TYR D 440 10.76 -14.52 -10.76
CA TYR D 440 10.38 -14.04 -9.45
C TYR D 440 9.32 -12.95 -9.55
N LEU D 441 9.47 -12.05 -10.55
CA LEU D 441 8.55 -10.97 -10.74
C LEU D 441 7.50 -11.29 -11.80
N THR D 442 7.90 -11.41 -13.06
CA THR D 442 6.90 -11.43 -14.12
C THR D 442 6.08 -12.72 -14.14
N GLU D 443 6.70 -13.85 -13.84
CA GLU D 443 5.94 -15.09 -13.74
C GLU D 443 5.01 -15.09 -12.50
N SER D 444 5.46 -14.47 -11.40
CA SER D 444 4.56 -14.23 -10.27
C SER D 444 3.32 -13.46 -10.74
N MET D 445 3.52 -12.48 -11.64
CA MET D 445 2.43 -11.68 -12.18
C MET D 445 1.47 -12.52 -13.05
N HIS D 446 2.02 -13.31 -13.99
CA HIS D 446 1.20 -13.90 -15.06
C HIS D 446 0.97 -15.40 -14.98
N GLY D 447 1.80 -16.11 -14.22
CA GLY D 447 1.72 -17.56 -14.15
C GLY D 447 0.35 -18.02 -13.61
N ALA D 448 -0.24 -18.98 -14.32
CA ALA D 448 -1.62 -19.46 -14.09
C ALA D 448 -2.65 -18.33 -14.19
N GLY D 449 -2.35 -17.30 -14.97
CA GLY D 449 -3.29 -16.23 -15.25
C GLY D 449 -2.90 -14.90 -14.60
N SER D 450 -3.18 -13.84 -15.35
CA SER D 450 -2.94 -12.48 -14.93
C SER D 450 -3.84 -12.11 -13.75
N PRO D 451 -3.52 -11.05 -12.99
CA PRO D 451 -4.29 -10.65 -11.82
C PRO D 451 -5.80 -10.66 -12.00
N GLN D 452 -6.29 -10.16 -13.13
CA GLN D 452 -7.73 -10.03 -13.30
C GLN D 452 -8.40 -11.39 -13.25
N ALA D 453 -7.70 -12.44 -13.72
CA ALA D 453 -8.29 -13.77 -13.74
C ALA D 453 -8.60 -14.24 -12.33
N GLN D 454 -7.73 -13.92 -11.38
CA GLN D 454 -7.97 -14.28 -10.00
C GLN D 454 -9.13 -13.50 -9.43
N ARG D 455 -9.26 -12.24 -9.81
CA ARG D 455 -10.35 -11.42 -9.31
C ARG D 455 -11.70 -11.98 -9.77
N ILE D 456 -11.77 -12.40 -11.04
CA ILE D 456 -13.00 -12.93 -11.58
C ILE D 456 -13.34 -14.23 -10.84
N GLN D 457 -12.34 -15.04 -10.49
CA GLN D 457 -12.65 -16.30 -9.82
C GLN D 457 -13.01 -16.08 -8.34
N ILE D 458 -12.42 -15.09 -7.67
CA ILE D 458 -12.86 -14.70 -6.33
C ILE D 458 -14.32 -14.25 -6.39
N GLN D 459 -14.66 -13.42 -7.39
CA GLN D 459 -16.01 -12.92 -7.55
C GLN D 459 -17.01 -14.06 -7.63
N ARG D 460 -16.63 -15.12 -8.36
CA ARG D 460 -17.53 -16.24 -8.55
C ARG D 460 -17.81 -16.98 -7.25
N GLN D 461 -16.87 -16.96 -6.30
CA GLN D 461 -16.98 -17.80 -5.12
C GLN D 461 -17.24 -17.05 -3.81
N MET D 462 -17.33 -15.70 -3.86
CA MET D 462 -17.26 -14.89 -2.65
C MET D 462 -18.62 -14.70 -1.95
N GLN D 463 -19.67 -15.38 -2.43
CA GLN D 463 -20.95 -15.51 -1.72
C GLN D 463 -21.55 -14.19 -1.24
N VAL D 464 -21.58 -13.23 -2.16
N VAL D 464 -21.66 -13.24 -2.16
CA VAL D 464 -22.15 -11.92 -1.86
CA VAL D 464 -22.10 -11.92 -1.75
C VAL D 464 -23.53 -12.02 -1.23
C VAL D 464 -23.58 -11.89 -1.32
N GLY D 465 -24.44 -12.77 -1.88
CA GLY D 465 -25.80 -12.87 -1.40
C GLY D 465 -25.91 -13.40 0.06
N TYR D 466 -25.11 -14.41 0.39
CA TYR D 466 -25.02 -14.88 1.77
C TYR D 466 -24.57 -13.77 2.71
N LYS D 467 -23.55 -12.99 2.29
CA LYS D 467 -23.05 -11.92 3.12
C LYS D 467 -24.06 -10.79 3.29
N LYS D 468 -24.77 -10.45 2.20
CA LYS D 468 -25.84 -9.47 2.30
C LYS D 468 -26.84 -9.89 3.39
N ASN D 469 -27.17 -11.19 3.44
CA ASN D 469 -28.14 -11.63 4.42
C ASN D 469 -27.59 -11.57 5.83
N LEU D 470 -26.27 -11.81 6.03
CA LEU D 470 -25.65 -11.60 7.34
C LEU D 470 -25.85 -10.18 7.82
N ALA D 471 -25.57 -9.23 6.91
CA ALA D 471 -25.65 -7.83 7.26
C ALA D 471 -27.10 -7.41 7.50
N LYS D 472 -28.03 -7.85 6.65
CA LYS D 472 -29.44 -7.51 6.84
C LYS D 472 -29.95 -8.00 8.19
N ASN D 473 -29.56 -9.22 8.59
CA ASN D 473 -29.90 -9.76 9.91
C ASN D 473 -29.49 -8.82 11.03
N LEU D 474 -28.24 -8.37 10.99
CA LEU D 474 -27.71 -7.54 12.05
C LEU D 474 -28.32 -6.13 12.04
N ALA D 475 -28.67 -5.62 10.86
CA ALA D 475 -29.26 -4.30 10.74
C ALA D 475 -30.76 -4.27 11.03
N GLY D 476 -31.36 -5.45 11.28
CA GLY D 476 -32.79 -5.55 11.51
C GLY D 476 -33.65 -5.38 10.26
N ILE D 477 -33.08 -5.76 9.11
CA ILE D 477 -33.78 -5.72 7.84
C ILE D 477 -34.36 -7.11 7.60
N THR D 478 -35.69 -7.17 7.45
CA THR D 478 -36.36 -8.47 7.40
C THR D 478 -37.23 -8.63 6.16
N ASN D 479 -37.60 -7.55 5.48
CA ASN D 479 -38.72 -7.63 4.54
C ASN D 479 -38.27 -7.76 3.08
N ASP D 480 -36.96 -7.80 2.76
CA ASP D 480 -36.52 -7.87 1.37
C ASP D 480 -35.38 -8.87 1.22
N VAL D 481 -35.35 -9.84 2.11
CA VAL D 481 -34.29 -10.82 2.14
C VAL D 481 -34.54 -11.81 1.01
N GLU D 482 -33.50 -12.06 0.22
CA GLU D 482 -33.56 -12.92 -0.96
C GLU D 482 -32.66 -14.13 -0.76
N GLU D 483 -33.13 -15.29 -1.21
CA GLU D 483 -32.31 -16.50 -1.21
C GLU D 483 -31.11 -16.32 -2.14
N PRO D 484 -29.84 -16.55 -1.69
CA PRO D 484 -28.70 -16.38 -2.60
C PRO D 484 -28.77 -17.37 -3.78
N LYS D 485 -28.43 -16.85 -4.97
CA LYS D 485 -28.29 -17.63 -6.19
C LYS D 485 -26.86 -17.49 -6.71
N GLU D 486 -25.98 -18.36 -6.23
CA GLU D 486 -24.55 -18.21 -6.40
C GLU D 486 -23.92 -19.50 -5.91
N SER D 487 -22.66 -19.72 -6.31
CA SER D 487 -21.91 -20.84 -5.78
C SER D 487 -21.73 -20.65 -4.28
N SER D 488 -22.04 -21.71 -3.54
N SER D 488 -22.08 -21.69 -3.51
CA SER D 488 -22.05 -21.66 -2.10
CA SER D 488 -22.01 -21.63 -2.05
C SER D 488 -21.04 -22.65 -1.52
C SER D 488 -20.95 -22.57 -1.48
N GLU D 489 -20.05 -23.07 -2.33
CA GLU D 489 -19.13 -24.12 -1.91
C GLU D 489 -18.10 -23.65 -0.88
N TYR D 490 -17.66 -22.39 -0.94
CA TYR D 490 -16.57 -21.98 -0.09
C TYR D 490 -16.92 -22.08 1.40
N PHE D 491 -18.07 -21.52 1.82
CA PHE D 491 -18.40 -21.56 3.24
C PHE D 491 -18.75 -22.98 3.68
N LYS D 492 -19.09 -23.86 2.73
CA LYS D 492 -19.28 -25.26 3.09
C LYS D 492 -17.95 -25.90 3.50
N ARG D 493 -16.87 -25.47 2.87
CA ARG D 493 -15.54 -25.94 3.23
C ARG D 493 -15.07 -25.23 4.49
N VAL D 494 -15.27 -23.91 4.57
CA VAL D 494 -14.82 -23.18 5.75
C VAL D 494 -15.41 -23.75 7.04
N PHE D 495 -16.70 -24.09 7.02
CA PHE D 495 -17.38 -24.53 8.24
C PHE D 495 -17.60 -26.04 8.30
N LYS D 496 -16.89 -26.80 7.48
CA LYS D 496 -17.05 -28.25 7.49
C LYS D 496 -16.71 -28.81 8.87
N THR D 497 -17.59 -29.71 9.34
CA THR D 497 -17.34 -30.50 10.53
C THR D 497 -17.78 -31.92 10.20
N LYS D 498 -17.49 -32.80 11.14
CA LYS D 498 -17.95 -34.18 11.03
C LYS D 498 -19.47 -34.30 10.80
N ASP D 499 -20.28 -33.33 11.21
CA ASP D 499 -21.73 -33.40 10.96
C ASP D 499 -22.15 -32.81 9.61
N SER D 500 -21.16 -32.43 8.78
CA SER D 500 -21.28 -31.79 7.47
C SER D 500 -21.21 -30.27 7.66
FE1 SF4 E . -10.75 -11.15 20.51
FE2 SF4 E . -12.43 -11.25 18.34
FE3 SF4 E . -13.40 -10.67 20.68
FE4 SF4 E . -12.72 -13.21 20.13
S1 SF4 E . -14.42 -12.06 19.24
S2 SF4 E . -12.19 -12.01 22.09
S3 SF4 E . -10.80 -12.82 18.86
S4 SF4 E . -11.82 -9.43 19.60
PA FAD F . 0.89 0.86 24.72
O1A FAD F . 1.78 -0.21 25.18
O2A FAD F . 0.83 2.10 25.51
O5B FAD F . 1.22 1.07 23.17
C5B FAD F . 1.20 2.38 22.54
C4B FAD F . 2.31 2.45 21.54
O4B FAD F . 3.58 2.52 22.25
C3B FAD F . 2.43 1.28 20.55
O3B FAD F . 2.85 1.76 19.27
C2B FAD F . 3.52 0.41 21.17
O2B FAD F . 4.23 -0.45 20.29
C1B FAD F . 4.44 1.49 21.77
N9A FAD F . 5.21 1.02 22.91
C8A FAD F . 4.80 0.66 24.17
N7A FAD F . 5.75 0.31 25.00
C5A FAD F . 6.89 0.42 24.22
C6A FAD F . 8.25 0.19 24.51
N6A FAD F . 8.67 -0.16 25.73
N1A FAD F . 9.14 0.33 23.51
C2A FAD F . 8.69 0.73 22.30
N3A FAD F . 7.44 1.01 21.91
C4A FAD F . 6.57 0.83 22.92
N1 FAD F . -5.84 -7.20 27.27
C2 FAD F . -6.16 -8.19 28.17
O2 FAD F . -5.35 -8.62 29.01
N3 FAD F . -7.42 -8.77 28.10
C4 FAD F . -8.41 -8.44 27.23
O4 FAD F . -9.53 -8.93 27.30
C4X FAD F . -8.08 -7.33 26.35
N5 FAD F . -9.00 -6.91 25.48
C5X FAD F . -8.77 -5.73 24.81
C6 FAD F . -9.78 -5.11 24.06
C7 FAD F . -9.58 -3.89 23.43
C7M FAD F . -10.74 -3.22 22.72
C8 FAD F . -8.29 -3.33 23.40
C8M FAD F . -8.03 -2.07 22.62
C9 FAD F . -7.25 -3.96 24.05
C9A FAD F . -7.48 -5.14 24.80
N10 FAD F . -6.49 -5.73 25.56
C10 FAD F . -6.76 -6.78 26.44
C1' FAD F . -5.24 -4.94 25.74
C2' FAD F . -4.20 -5.01 24.65
O2' FAD F . -3.47 -6.23 24.84
C3' FAD F . -3.26 -3.80 24.76
O3' FAD F . -4.01 -2.68 24.35
C4' FAD F . -1.93 -3.94 24.00
O4' FAD F . -1.08 -4.91 24.64
C5' FAD F . -1.18 -2.63 23.90
O5' FAD F . -0.93 -2.11 25.20
P FAD F . -1.37 -0.67 25.59
O1P FAD F . -2.80 -0.44 25.36
O2P FAD F . -0.83 -0.42 26.94
O3P FAD F . -0.63 0.34 24.59
S SO4 G . -5.17 -33.02 26.88
O1 SO4 G . -4.62 -31.89 26.12
O2 SO4 G . -4.11 -33.80 27.50
O3 SO4 G . -6.08 -32.54 27.89
O4 SO4 G . -5.89 -33.87 25.96
S SO4 H . -31.91 12.01 22.07
O1 SO4 H . -31.05 11.75 20.96
O2 SO4 H . -31.11 12.26 23.25
O3 SO4 H . -32.75 10.87 22.30
O4 SO4 H . -32.75 13.17 21.79
FE FE I . -8.15 -9.75 21.22
O2 UNL J . -5.06 -8.52 24.32
C1 UNL J . -6.32 -9.44 24.17
O1 UNL J . -7.09 -9.20 22.88
NA NA K . -30.89 3.33 20.50
NA NA L . -31.22 0.07 23.55
FE1 SF4 M . 19.01 12.23 -12.24
FE2 SF4 M . 16.90 11.82 -13.98
FE3 SF4 M . 19.40 11.51 -14.78
FE4 SF4 M . 18.47 13.97 -14.41
S1 SF4 M . 17.77 12.56 -15.99
S2 SF4 M . 20.55 13.16 -13.74
S3 SF4 M . 17.18 13.59 -12.53
S4 SF4 M . 18.39 10.30 -13.14
PA FAD N . 24.61 2.55 0.91
O1A FAD N . 24.91 3.80 1.62
O2A FAD N . 25.54 1.41 0.99
O5B FAD N . 23.07 2.21 1.25
C5B FAD N . 22.66 0.85 1.43
C4B FAD N . 21.64 0.78 2.53
O4B FAD N . 22.36 0.97 3.77
C3B FAD N . 20.51 1.82 2.51
O3B FAD N . 19.31 1.19 2.99
C2B FAD N . 21.01 2.86 3.51
O2B FAD N . 20.02 3.69 4.08
C1B FAD N . 21.74 2.00 4.54
N9A FAD N . 22.82 2.72 5.23
C8A FAD N . 24.02 3.19 4.73
N7A FAD N . 24.77 3.76 5.65
C5A FAD N . 24.00 3.71 6.81
C6A FAD N . 24.24 4.15 8.12
N6A FAD N . 25.39 4.73 8.50
N1A FAD N . 23.26 3.98 9.04
C2A FAD N . 22.13 3.40 8.63
N3A FAD N . 21.79 2.91 7.44
C4A FAD N . 22.79 3.08 6.56
N1 FAD N . 26.24 9.93 -6.78
C2 FAD N . 26.99 10.99 -7.23
O2 FAD N . 27.75 11.62 -6.49
N3 FAD N . 26.87 11.38 -8.56
C4 FAD N . 26.06 10.81 -9.53
O4 FAD N . 26.09 11.19 -10.70
C4X FAD N . 25.33 9.67 -9.06
N5 FAD N . 24.56 8.99 -9.92
C5X FAD N . 24.04 7.78 -9.51
C6 FAD N . 23.40 6.92 -10.42
C7 FAD N . 22.93 5.68 -10.07
C7M FAD N . 22.35 4.78 -11.10
C8 FAD N . 22.91 5.34 -8.73
C8M FAD N . 22.34 4.02 -8.26
C9 FAD N . 23.49 6.16 -7.78
C9A FAD N . 24.08 7.38 -8.17
N10 FAD N . 24.75 8.20 -7.25
C10 FAD N . 25.49 9.30 -7.67
C1' FAD N . 25.00 7.59 -5.94
C2' FAD N . 23.93 7.67 -4.88
O2' FAD N . 23.91 8.96 -4.31
C3' FAD N . 24.11 6.61 -3.80
O3' FAD N . 23.86 5.37 -4.45
C4' FAD N . 23.33 6.86 -2.50
O4' FAD N . 23.82 8.01 -1.79
C5' FAD N . 23.36 5.63 -1.61
O5' FAD N . 24.73 5.31 -1.25
P FAD N . 25.34 3.89 -1.52
O1P FAD N . 25.13 3.46 -2.91
O2P FAD N . 26.71 3.89 -0.98
O3P FAD N . 24.44 2.88 -0.66
S SO4 O . 22.48 35.32 -9.53
O1 SO4 O . 21.87 34.11 -8.93
O2 SO4 O . 22.94 36.24 -8.50
O3 SO4 O . 23.58 34.92 -10.39
O4 SO4 O . 21.50 35.99 -10.36
FE FE P . 19.92 11.38 -9.43
O2 UNL Q . 23.07 10.86 -6.31
C1 UNL Q . 22.87 11.63 -7.62
O1 UNL Q . 21.62 11.18 -8.34
NA NA R . 21.24 -4.50 -30.29
NA NA S . 23.87 -0.92 -31.10
S SO4 T . -24.51 10.37 30.53
O1 SO4 T . -25.65 10.82 29.78
O2 SO4 T . -23.54 9.79 29.63
O3 SO4 T . -23.91 11.49 31.20
O4 SO4 T . -24.91 9.38 31.50
FE1 SF4 U . -14.27 21.21 2.82
FE2 SF4 U . -12.17 21.27 4.49
FE3 SF4 U . -14.56 21.95 5.40
FE4 SF4 U . -13.11 23.61 3.95
S1 SF4 U . -12.64 22.99 6.03
S2 SF4 U . -15.33 23.13 3.65
S3 SF4 U . -12.17 22.12 2.36
S4 SF4 U . -13.96 19.87 4.59
PA FAD V . -23.11 8.14 -4.01
O1A FAD V . -23.14 8.90 -5.27
O2A FAD V . -24.30 7.34 -3.62
O5B FAD V . -21.78 7.26 -4.07
C5B FAD V . -21.75 5.96 -3.43
C4B FAD V . -20.87 5.04 -4.25
O4B FAD V . -21.58 4.75 -5.48
C3B FAD V . -19.50 5.60 -4.67
O3B FAD V . -18.52 4.55 -4.73
C2B FAD V . -19.77 6.17 -6.09
O2B FAD V . -18.65 6.26 -6.95
C1B FAD V . -20.78 5.16 -6.60
N9A FAD V . -21.65 5.64 -7.66
C8A FAD V . -22.66 6.55 -7.56
N7A FAD V . -23.28 6.78 -8.71
C5A FAD V . -22.63 5.98 -9.62
C6A FAD V . -22.84 5.76 -10.99
N6A FAD V . -23.80 6.34 -11.69
N1A FAD V . -22.00 4.90 -11.63
C2A FAD V . -21.05 4.30 -10.88
N3A FAD V . -20.76 4.44 -9.59
C4A FAD V . -21.62 5.25 -8.99
N1 FAD V . -22.14 18.48 -1.22
C2 FAD V . -22.53 19.79 -1.39
O2 FAD V . -23.14 20.19 -2.38
N3 FAD V . -22.24 20.72 -0.42
C4 FAD V . -21.53 20.53 0.75
O4 FAD V . -21.39 21.43 1.57
C4X FAD V . -21.21 19.15 0.95
N5 FAD V . -20.58 18.83 2.10
C5X FAD V . -20.43 17.49 2.40
C6 FAD V . -19.98 17.09 3.67
C7 FAD V . -19.89 15.75 4.02
C7M FAD V . -19.49 15.34 5.41
C8 FAD V . -20.01 14.77 3.03
C8M FAD V . -19.91 13.31 3.35
C9 FAD V . -20.47 15.15 1.77
C9A FAD V . -20.68 16.50 1.44
N10 FAD V . -21.17 16.90 0.20
C10 FAD V . -21.55 18.20 -0.06
C1' FAD V . -21.67 15.85 -0.70
C2' FAD V . -20.66 15.07 -1.52
O2' FAD V . -20.33 15.86 -2.66
C3' FAD V . -21.27 13.74 -1.94
O3' FAD V . -21.28 12.95 -0.76
C4' FAD V . -20.54 13.06 -3.11
O4' FAD V . -20.74 13.72 -4.34
C5' FAD V . -20.93 11.61 -3.24
O5' FAD V . -22.36 11.57 -3.51
P FAD V . -23.29 10.63 -2.61
O1P FAD V . -23.09 10.94 -1.21
O2P FAD V . -24.64 10.72 -3.18
O3P FAD V . -22.75 9.15 -2.80
S SO4 W . -11.48 39.76 -11.22
O1 SO4 W . -11.31 38.30 -11.10
O2 SO4 W . -11.80 40.14 -12.61
O3 SO4 W . -12.53 40.18 -10.33
O4 SO4 W . -10.26 40.41 -10.82
FE FE X . -15.53 19.36 0.86
O2 UNL Y . -18.94 18.41 -1.85
C1 UNL Y . -18.34 19.58 -1.10
O1 UNL Y . -17.26 19.17 -0.08
NA NA Z . -19.60 16.99 26.73
NA NA AA . -21.14 20.94 25.40
FE1 SF4 BA . 5.73 -22.31 -11.35
FE2 SF4 BA . 7.57 -21.65 -9.44
FE3 SF4 BA . 8.40 -22.62 -11.64
FE4 SF4 BA . 7.18 -24.29 -9.93
S1 SF4 BA . 9.18 -23.30 -9.65
S2 SF4 BA . 6.79 -24.15 -12.21
S3 SF4 BA . 5.58 -22.81 -9.12
S4 SF4 BA . 7.24 -20.66 -11.42
PA FAD CA . -2.57 -11.40 -21.89
O1A FAD CA . -3.75 -12.30 -21.82
O2A FAD CA . -2.25 -10.72 -23.16
O5B FAD CA . -2.72 -10.40 -20.67
C5B FAD CA . -2.29 -9.02 -20.80
C4B FAD CA . -3.28 -8.13 -20.07
O4B FAD CA . -4.52 -8.09 -20.80
C3B FAD CA . -3.62 -8.54 -18.63
O3B FAD CA . -3.78 -7.41 -17.77
C2B FAD CA . -4.93 -9.33 -18.82
O2B FAD CA . -5.79 -9.36 -17.69
C1B FAD CA . -5.58 -8.52 -19.95
N9A FAD CA . -6.56 -9.24 -20.74
C8A FAD CA . -6.33 -10.28 -21.61
N7A FAD CA . -7.41 -10.71 -22.21
C5A FAD CA . -8.41 -9.93 -21.68
C6A FAD CA . -9.81 -9.94 -21.89
N6A FAD CA . -10.38 -10.69 -22.82
N1A FAD CA . -10.56 -9.07 -21.17
C2A FAD CA . -9.91 -8.26 -20.30
N3A FAD CA . -8.62 -8.17 -20.01
C4A FAD CA . -7.91 -9.05 -20.74
N1 FAD CA . 1.54 -21.08 -19.57
C2 FAD CA . 1.54 -22.43 -19.83
O2 FAD CA . 0.58 -23.02 -20.37
N3 FAD CA . 2.59 -23.20 -19.36
C4 FAD CA . 3.72 -22.76 -18.72
O4 FAD CA . 4.62 -23.54 -18.45
C4X FAD CA . 3.76 -21.32 -18.53
N5 FAD CA . 4.84 -20.80 -17.95
C5X FAD CA . 4.96 -19.42 -17.99
C6 FAD CA . 6.15 -18.81 -17.58
C7 FAD CA . 6.34 -17.45 -17.64
C7M FAD CA . 7.69 -16.85 -17.30
C8 FAD CA . 5.25 -16.63 -18.01
C8M FAD CA . 5.35 -15.12 -18.04
C9 FAD CA . 4.04 -17.21 -18.33
C9A FAD CA . 3.88 -18.59 -18.36
N10 FAD CA . 2.69 -19.20 -18.80
C10 FAD CA . 2.62 -20.56 -19.00
C1' FAD CA . 1.67 -18.34 -19.44
C2' FAD CA . 0.72 -17.58 -18.54
O2' FAD CA . -0.31 -18.48 -18.12
C3' FAD CA . 0.15 -16.41 -19.32
O3' FAD CA . 1.21 -15.49 -19.45
C4' FAD CA . -1.07 -15.74 -18.68
O4' FAD CA . -2.18 -16.64 -18.73
C5' FAD CA . -1.36 -14.39 -19.32
O5' FAD CA . -1.65 -14.61 -20.72
P FAD CA . -0.86 -13.66 -21.73
O1P FAD CA . 0.59 -13.81 -21.55
O2P FAD CA . -1.43 -14.00 -23.06
O3P FAD CA . -1.27 -12.17 -21.39
S SO4 DA . -5.85 -41.97 -6.18
O1 SO4 DA . -5.95 -40.50 -6.22
O2 SO4 DA . -7.18 -42.58 -6.36
O3 SO4 DA . -4.93 -42.43 -7.20
O4 SO4 DA . -5.33 -42.39 -4.90
FE FE EA . 3.58 -20.83 -12.90
O2 UNL FA . 0.77 -20.69 -16.42
C1 UNL FA . 1.74 -21.58 -15.67
O1 UNL FA . 2.61 -20.94 -14.65
NA NA GA . 29.02 -15.63 -17.29
NA NA HA . 28.18 -19.95 -18.23
#